data_1MVO
# 
_entry.id   1MVO 
# 
_audit_conform.dict_name       mmcif_pdbx.dic 
_audit_conform.dict_version    5.389 
_audit_conform.dict_location   http://mmcif.pdb.org/dictionaries/ascii/mmcif_pdbx.dic 
# 
loop_
_database_2.database_id 
_database_2.database_code 
_database_2.pdbx_database_accession 
_database_2.pdbx_DOI 
PDB   1MVO         pdb_00001mvo 10.2210/pdb1mvo/pdb 
RCSB  RCSB017223   ?            ?                   
WWPDB D_1000017223 ?            ?                   
# 
loop_
_pdbx_audit_revision_history.ordinal 
_pdbx_audit_revision_history.data_content_type 
_pdbx_audit_revision_history.major_revision 
_pdbx_audit_revision_history.minor_revision 
_pdbx_audit_revision_history.revision_date 
1 'Structure model' 1 0 2002-10-16 
2 'Structure model' 1 1 2008-04-28 
3 'Structure model' 1 2 2011-07-13 
4 'Structure model' 1 3 2024-03-13 
5 'Structure model' 1 4 2024-04-03 
# 
_pdbx_audit_revision_details.ordinal             1 
_pdbx_audit_revision_details.revision_ordinal    1 
_pdbx_audit_revision_details.data_content_type   'Structure model' 
_pdbx_audit_revision_details.provider            repository 
_pdbx_audit_revision_details.type                'Initial release' 
_pdbx_audit_revision_details.description         ? 
_pdbx_audit_revision_details.details             ? 
# 
loop_
_pdbx_audit_revision_group.ordinal 
_pdbx_audit_revision_group.revision_ordinal 
_pdbx_audit_revision_group.data_content_type 
_pdbx_audit_revision_group.group 
1 2 'Structure model' 'Version format compliance' 
2 3 'Structure model' 'Version format compliance' 
3 4 'Structure model' 'Data collection'           
4 4 'Structure model' 'Database references'       
5 4 'Structure model' 'Derived calculations'      
6 5 'Structure model' 'Refinement description'    
# 
loop_
_pdbx_audit_revision_category.ordinal 
_pdbx_audit_revision_category.revision_ordinal 
_pdbx_audit_revision_category.data_content_type 
_pdbx_audit_revision_category.category 
1 4 'Structure model' chem_comp_atom                
2 4 'Structure model' chem_comp_bond                
3 4 'Structure model' database_2                    
4 4 'Structure model' pdbx_struct_conn_angle        
5 4 'Structure model' struct_conn                   
6 4 'Structure model' struct_ref_seq_dif            
7 4 'Structure model' struct_site                   
8 5 'Structure model' pdbx_initial_refinement_model 
# 
loop_
_pdbx_audit_revision_item.ordinal 
_pdbx_audit_revision_item.revision_ordinal 
_pdbx_audit_revision_item.data_content_type 
_pdbx_audit_revision_item.item 
1  4 'Structure model' '_database_2.pdbx_DOI'                        
2  4 'Structure model' '_database_2.pdbx_database_accession'         
3  4 'Structure model' '_pdbx_struct_conn_angle.ptnr1_auth_comp_id'  
4  4 'Structure model' '_pdbx_struct_conn_angle.ptnr1_auth_seq_id'   
5  4 'Structure model' '_pdbx_struct_conn_angle.ptnr1_label_asym_id' 
6  4 'Structure model' '_pdbx_struct_conn_angle.ptnr1_label_atom_id' 
7  4 'Structure model' '_pdbx_struct_conn_angle.ptnr1_label_comp_id' 
8  4 'Structure model' '_pdbx_struct_conn_angle.ptnr1_label_seq_id'  
9  4 'Structure model' '_pdbx_struct_conn_angle.ptnr3_auth_comp_id'  
10 4 'Structure model' '_pdbx_struct_conn_angle.ptnr3_auth_seq_id'   
11 4 'Structure model' '_pdbx_struct_conn_angle.ptnr3_label_asym_id' 
12 4 'Structure model' '_pdbx_struct_conn_angle.ptnr3_label_atom_id' 
13 4 'Structure model' '_pdbx_struct_conn_angle.ptnr3_label_comp_id' 
14 4 'Structure model' '_pdbx_struct_conn_angle.ptnr3_label_seq_id'  
15 4 'Structure model' '_pdbx_struct_conn_angle.value'               
16 4 'Structure model' '_struct_conn.pdbx_dist_value'                
17 4 'Structure model' '_struct_conn.ptnr1_auth_comp_id'             
18 4 'Structure model' '_struct_conn.ptnr1_auth_seq_id'              
19 4 'Structure model' '_struct_conn.ptnr1_label_asym_id'            
20 4 'Structure model' '_struct_conn.ptnr1_label_atom_id'            
21 4 'Structure model' '_struct_conn.ptnr1_label_comp_id'            
22 4 'Structure model' '_struct_conn.ptnr1_label_seq_id'             
23 4 'Structure model' '_struct_conn.ptnr2_auth_comp_id'             
24 4 'Structure model' '_struct_conn.ptnr2_auth_seq_id'              
25 4 'Structure model' '_struct_conn.ptnr2_label_asym_id'            
26 4 'Structure model' '_struct_conn.ptnr2_label_atom_id'            
27 4 'Structure model' '_struct_conn.ptnr2_label_comp_id'            
28 4 'Structure model' '_struct_conn.ptnr2_label_seq_id'             
29 4 'Structure model' '_struct_ref_seq_dif.details'                 
30 4 'Structure model' '_struct_site.pdbx_auth_asym_id'              
31 4 'Structure model' '_struct_site.pdbx_auth_comp_id'              
32 4 'Structure model' '_struct_site.pdbx_auth_seq_id'               
# 
_pdbx_database_status.status_code                     REL 
_pdbx_database_status.entry_id                        1MVO 
_pdbx_database_status.recvd_initial_deposition_date   2002-09-26 
_pdbx_database_status.deposit_site                    RCSB 
_pdbx_database_status.process_site                    PDBJ 
_pdbx_database_status.status_code_sf                  REL 
_pdbx_database_status.SG_entry                        Y 
_pdbx_database_status.pdb_format_compatible           Y 
_pdbx_database_status.status_code_mr                  ? 
_pdbx_database_status.status_code_cs                  ? 
_pdbx_database_status.status_code_nmr_data            ? 
_pdbx_database_status.methods_development_category    ? 
# 
_pdbx_database_related.db_name        TargetDB 
_pdbx_database_related.db_id          IGBMC-1123-000 
_pdbx_database_related.details        . 
_pdbx_database_related.content_type   unspecified 
# 
loop_
_audit_author.name 
_audit_author.pdbx_ordinal 
'Birck, C.'                               1 
'Chen, Y.'                                2 
'Hulett, F.M.'                            3 
'Samama, J.P.'                            4 
'Structural Proteomics in Europe (SPINE)' 5 
# 
loop_
_citation.id 
_citation.title 
_citation.journal_abbrev 
_citation.journal_volume 
_citation.page_first 
_citation.page_last 
_citation.year 
_citation.journal_id_ASTM 
_citation.country 
_citation.journal_id_ISSN 
_citation.journal_id_CSD 
_citation.book_publisher 
_citation.pdbx_database_id_PubMed 
_citation.pdbx_database_id_DOI 
primary 
;The Crystal Structure of the Phosphorylation Domain in PhoP Reveals a Functional Tandem Association Mediated by an Asymmetric Interface
;
J.BACTERIOL. 185 254 261 2003 JOBAAY US 0021-9193 0767 ? 12486062 10.1128/JB.185.1.254-261.2003 
1       
;Residue R113 Is Essential for PhoP Dimerization and Function: a Residue Buried in the Asymmetric PhoP Dimer Interface Determined in the PhoPN Three-Dimensional Crystal Structure
;
J.BACTERIOL. 185 262 273 2003 JOBAAY US 0021-9193 0767 ? ?        10.1128/JB.185.1.262-273.2003 
# 
loop_
_citation_author.citation_id 
_citation_author.name 
_citation_author.ordinal 
_citation_author.identifier_ORCID 
primary 'Birck, C.'    1 ? 
primary 'Chen, Y.'     2 ? 
primary 'Hulett, F.M.' 3 ? 
primary 'Samama, J.P.' 4 ? 
1       'Chen, Y.'     5 ? 
1       'Birck, C.'    6 ? 
1       'Samama, J.P.' 7 ? 
1       'Hulett, F.M.' 8 ? 
# 
loop_
_entity.id 
_entity.type 
_entity.src_method 
_entity.pdbx_description 
_entity.formula_weight 
_entity.pdbx_number_of_molecules 
_entity.pdbx_ec 
_entity.pdbx_mutation 
_entity.pdbx_fragment 
_entity.details 
1 polymer     man 'PhoP response regulator' 15546.987 1   ? ? 'N-terminal domain' ? 
2 non-polymer syn 'MANGANESE (II) ION'      54.938    1   ? ? ?                   ? 
3 non-polymer syn 'SODIUM ION'              22.990    2   ? ? ?                   ? 
4 water       nat water                     18.015    174 ? ? ?                   ? 
# 
_entity_name_com.entity_id   1 
_entity_name_com.name        'Alkaline phosphatase synthesis transcriptional regulatory protein phoP' 
# 
_entity_poly.entity_id                      1 
_entity_poly.type                           'polypeptide(L)' 
_entity_poly.nstd_linkage                   no 
_entity_poly.nstd_monomer                   no 
_entity_poly.pdbx_seq_one_letter_code       
;HMNKKILVVDDEESIVTLLQYNLERSGYDVITASDGEEALKKAETEKPDLIVLDVMLPKLDGIEVCKQLRQQKLMFPILM
LTAKDEEFDKVLGLELGADDYMTKPFSPREVNARVKAILRRSEIRAPSSEMKNDEM
;
_entity_poly.pdbx_seq_one_letter_code_can   
;HMNKKILVVDDEESIVTLLQYNLERSGYDVITASDGEEALKKAETEKPDLIVLDVMLPKLDGIEVCKQLRQQKLMFPILM
LTAKDEEFDKVLGLELGADDYMTKPFSPREVNARVKAILRRSEIRAPSSEMKNDEM
;
_entity_poly.pdbx_strand_id                 A 
_entity_poly.pdbx_target_identifier         IGBMC-1123-000 
# 
loop_
_pdbx_entity_nonpoly.entity_id 
_pdbx_entity_nonpoly.name 
_pdbx_entity_nonpoly.comp_id 
2 'MANGANESE (II) ION' MN  
3 'SODIUM ION'         NA  
4 water                HOH 
# 
loop_
_entity_poly_seq.entity_id 
_entity_poly_seq.num 
_entity_poly_seq.mon_id 
_entity_poly_seq.hetero 
1 1   HIS n 
1 2   MET n 
1 3   ASN n 
1 4   LYS n 
1 5   LYS n 
1 6   ILE n 
1 7   LEU n 
1 8   VAL n 
1 9   VAL n 
1 10  ASP n 
1 11  ASP n 
1 12  GLU n 
1 13  GLU n 
1 14  SER n 
1 15  ILE n 
1 16  VAL n 
1 17  THR n 
1 18  LEU n 
1 19  LEU n 
1 20  GLN n 
1 21  TYR n 
1 22  ASN n 
1 23  LEU n 
1 24  GLU n 
1 25  ARG n 
1 26  SER n 
1 27  GLY n 
1 28  TYR n 
1 29  ASP n 
1 30  VAL n 
1 31  ILE n 
1 32  THR n 
1 33  ALA n 
1 34  SER n 
1 35  ASP n 
1 36  GLY n 
1 37  GLU n 
1 38  GLU n 
1 39  ALA n 
1 40  LEU n 
1 41  LYS n 
1 42  LYS n 
1 43  ALA n 
1 44  GLU n 
1 45  THR n 
1 46  GLU n 
1 47  LYS n 
1 48  PRO n 
1 49  ASP n 
1 50  LEU n 
1 51  ILE n 
1 52  VAL n 
1 53  LEU n 
1 54  ASP n 
1 55  VAL n 
1 56  MET n 
1 57  LEU n 
1 58  PRO n 
1 59  LYS n 
1 60  LEU n 
1 61  ASP n 
1 62  GLY n 
1 63  ILE n 
1 64  GLU n 
1 65  VAL n 
1 66  CYS n 
1 67  LYS n 
1 68  GLN n 
1 69  LEU n 
1 70  ARG n 
1 71  GLN n 
1 72  GLN n 
1 73  LYS n 
1 74  LEU n 
1 75  MET n 
1 76  PHE n 
1 77  PRO n 
1 78  ILE n 
1 79  LEU n 
1 80  MET n 
1 81  LEU n 
1 82  THR n 
1 83  ALA n 
1 84  LYS n 
1 85  ASP n 
1 86  GLU n 
1 87  GLU n 
1 88  PHE n 
1 89  ASP n 
1 90  LYS n 
1 91  VAL n 
1 92  LEU n 
1 93  GLY n 
1 94  LEU n 
1 95  GLU n 
1 96  LEU n 
1 97  GLY n 
1 98  ALA n 
1 99  ASP n 
1 100 ASP n 
1 101 TYR n 
1 102 MET n 
1 103 THR n 
1 104 LYS n 
1 105 PRO n 
1 106 PHE n 
1 107 SER n 
1 108 PRO n 
1 109 ARG n 
1 110 GLU n 
1 111 VAL n 
1 112 ASN n 
1 113 ALA n 
1 114 ARG n 
1 115 VAL n 
1 116 LYS n 
1 117 ALA n 
1 118 ILE n 
1 119 LEU n 
1 120 ARG n 
1 121 ARG n 
1 122 SER n 
1 123 GLU n 
1 124 ILE n 
1 125 ARG n 
1 126 ALA n 
1 127 PRO n 
1 128 SER n 
1 129 SER n 
1 130 GLU n 
1 131 MET n 
1 132 LYS n 
1 133 ASN n 
1 134 ASP n 
1 135 GLU n 
1 136 MET n 
# 
_entity_src_gen.entity_id                          1 
_entity_src_gen.pdbx_src_id                        1 
_entity_src_gen.pdbx_alt_source_flag               sample 
_entity_src_gen.pdbx_seq_type                      ? 
_entity_src_gen.pdbx_beg_seq_num                   ? 
_entity_src_gen.pdbx_end_seq_num                   ? 
_entity_src_gen.gene_src_common_name               ? 
_entity_src_gen.gene_src_genus                     Bacillus 
_entity_src_gen.pdbx_gene_src_gene                 PHOP 
_entity_src_gen.gene_src_species                   ? 
_entity_src_gen.gene_src_strain                    ? 
_entity_src_gen.gene_src_tissue                    ? 
_entity_src_gen.gene_src_tissue_fraction           ? 
_entity_src_gen.gene_src_details                   ? 
_entity_src_gen.pdbx_gene_src_fragment             ? 
_entity_src_gen.pdbx_gene_src_scientific_name      'Bacillus subtilis' 
_entity_src_gen.pdbx_gene_src_ncbi_taxonomy_id     1423 
_entity_src_gen.pdbx_gene_src_variant              ? 
_entity_src_gen.pdbx_gene_src_cell_line            ? 
_entity_src_gen.pdbx_gene_src_atcc                 ? 
_entity_src_gen.pdbx_gene_src_organ                ? 
_entity_src_gen.pdbx_gene_src_organelle            ? 
_entity_src_gen.pdbx_gene_src_cell                 ? 
_entity_src_gen.pdbx_gene_src_cellular_location    ? 
_entity_src_gen.host_org_common_name               ? 
_entity_src_gen.pdbx_host_org_scientific_name      'Escherichia coli BL21(DE3)' 
_entity_src_gen.pdbx_host_org_ncbi_taxonomy_id     469008 
_entity_src_gen.host_org_genus                     Escherichia 
_entity_src_gen.pdbx_host_org_gene                 ? 
_entity_src_gen.pdbx_host_org_organ                ? 
_entity_src_gen.host_org_species                   'Escherichia coli' 
_entity_src_gen.pdbx_host_org_tissue               ? 
_entity_src_gen.pdbx_host_org_tissue_fraction      ? 
_entity_src_gen.pdbx_host_org_strain               'BL21(DE3)' 
_entity_src_gen.pdbx_host_org_variant              ? 
_entity_src_gen.pdbx_host_org_cell_line            ? 
_entity_src_gen.pdbx_host_org_atcc                 ? 
_entity_src_gen.pdbx_host_org_culture_collection   ? 
_entity_src_gen.pdbx_host_org_cell                 ? 
_entity_src_gen.pdbx_host_org_organelle            ? 
_entity_src_gen.pdbx_host_org_cellular_location    ? 
_entity_src_gen.pdbx_host_org_vector_type          PLASMID 
_entity_src_gen.pdbx_host_org_vector               ? 
_entity_src_gen.host_org_details                   ? 
_entity_src_gen.expression_system_id               ? 
_entity_src_gen.plasmid_name                       pET16b 
_entity_src_gen.plasmid_details                    ? 
_entity_src_gen.pdbx_description                   ? 
# 
loop_
_chem_comp.id 
_chem_comp.type 
_chem_comp.mon_nstd_flag 
_chem_comp.name 
_chem_comp.pdbx_synonyms 
_chem_comp.formula 
_chem_comp.formula_weight 
ALA 'L-peptide linking' y ALANINE              ? 'C3 H7 N O2'     89.093  
ARG 'L-peptide linking' y ARGININE             ? 'C6 H15 N4 O2 1' 175.209 
ASN 'L-peptide linking' y ASPARAGINE           ? 'C4 H8 N2 O3'    132.118 
ASP 'L-peptide linking' y 'ASPARTIC ACID'      ? 'C4 H7 N O4'     133.103 
CYS 'L-peptide linking' y CYSTEINE             ? 'C3 H7 N O2 S'   121.158 
GLN 'L-peptide linking' y GLUTAMINE            ? 'C5 H10 N2 O3'   146.144 
GLU 'L-peptide linking' y 'GLUTAMIC ACID'      ? 'C5 H9 N O4'     147.129 
GLY 'peptide linking'   y GLYCINE              ? 'C2 H5 N O2'     75.067  
HIS 'L-peptide linking' y HISTIDINE            ? 'C6 H10 N3 O2 1' 156.162 
HOH non-polymer         . WATER                ? 'H2 O'           18.015  
ILE 'L-peptide linking' y ISOLEUCINE           ? 'C6 H13 N O2'    131.173 
LEU 'L-peptide linking' y LEUCINE              ? 'C6 H13 N O2'    131.173 
LYS 'L-peptide linking' y LYSINE               ? 'C6 H15 N2 O2 1' 147.195 
MET 'L-peptide linking' y METHIONINE           ? 'C5 H11 N O2 S'  149.211 
MN  non-polymer         . 'MANGANESE (II) ION' ? 'Mn 2'           54.938  
NA  non-polymer         . 'SODIUM ION'         ? 'Na 1'           22.990  
PHE 'L-peptide linking' y PHENYLALANINE        ? 'C9 H11 N O2'    165.189 
PRO 'L-peptide linking' y PROLINE              ? 'C5 H9 N O2'     115.130 
SER 'L-peptide linking' y SERINE               ? 'C3 H7 N O3'     105.093 
THR 'L-peptide linking' y THREONINE            ? 'C4 H9 N O3'     119.119 
TYR 'L-peptide linking' y TYROSINE             ? 'C9 H11 N O3'    181.189 
VAL 'L-peptide linking' y VALINE               ? 'C5 H11 N O2'    117.146 
# 
loop_
_pdbx_poly_seq_scheme.asym_id 
_pdbx_poly_seq_scheme.entity_id 
_pdbx_poly_seq_scheme.seq_id 
_pdbx_poly_seq_scheme.mon_id 
_pdbx_poly_seq_scheme.ndb_seq_num 
_pdbx_poly_seq_scheme.pdb_seq_num 
_pdbx_poly_seq_scheme.auth_seq_num 
_pdbx_poly_seq_scheme.pdb_mon_id 
_pdbx_poly_seq_scheme.auth_mon_id 
_pdbx_poly_seq_scheme.pdb_strand_id 
_pdbx_poly_seq_scheme.pdb_ins_code 
_pdbx_poly_seq_scheme.hetero 
A 1 1   HIS 1   0   ?   ?   ?   A . n 
A 1 2   MET 2   1   1   MET ALA A . n 
A 1 3   ASN 3   2   2   ASN ASN A . n 
A 1 4   LYS 4   3   3   LYS LYS A . n 
A 1 5   LYS 5   4   4   LYS LYS A . n 
A 1 6   ILE 6   5   5   ILE ILE A . n 
A 1 7   LEU 7   6   6   LEU LEU A . n 
A 1 8   VAL 8   7   7   VAL VAL A . n 
A 1 9   VAL 9   8   8   VAL VAL A . n 
A 1 10  ASP 10  9   9   ASP ASP A . n 
A 1 11  ASP 11  10  10  ASP ASP A . n 
A 1 12  GLU 12  11  11  GLU ALA A . n 
A 1 13  GLU 13  12  12  GLU ALA A . n 
A 1 14  SER 14  13  13  SER SER A . n 
A 1 15  ILE 15  14  14  ILE ILE A . n 
A 1 16  VAL 16  15  15  VAL VAL A . n 
A 1 17  THR 17  16  16  THR THR A . n 
A 1 18  LEU 18  17  17  LEU ALA A . n 
A 1 19  LEU 19  18  18  LEU LEU A . n 
A 1 20  GLN 20  19  19  GLN GLN A . n 
A 1 21  TYR 21  20  20  TYR TYR A . n 
A 1 22  ASN 22  21  21  ASN ASN A . n 
A 1 23  LEU 23  22  22  LEU LEU A . n 
A 1 24  GLU 24  23  23  GLU GLU A . n 
A 1 25  ARG 25  24  24  ARG ARG A . n 
A 1 26  SER 26  25  25  SER SER A . n 
A 1 27  GLY 27  26  26  GLY GLY A . n 
A 1 28  TYR 28  27  27  TYR TYR A . n 
A 1 29  ASP 29  28  28  ASP ASP A . n 
A 1 30  VAL 30  29  29  VAL VAL A . n 
A 1 31  ILE 31  30  30  ILE ILE A . n 
A 1 32  THR 32  31  31  THR THR A . n 
A 1 33  ALA 33  32  32  ALA ALA A . n 
A 1 34  SER 34  33  33  SER SER A . n 
A 1 35  ASP 35  34  34  ASP ASP A . n 
A 1 36  GLY 36  35  35  GLY GLY A . n 
A 1 37  GLU 37  36  36  GLU ALA A . n 
A 1 38  GLU 38  37  37  GLU GLU A . n 
A 1 39  ALA 39  38  38  ALA ALA A . n 
A 1 40  LEU 40  39  39  LEU LEU A . n 
A 1 41  LYS 41  40  40  LYS LYS A . n 
A 1 42  LYS 42  41  41  LYS LYS A . n 
A 1 43  ALA 43  42  42  ALA ALA A . n 
A 1 44  GLU 44  43  43  GLU GLU A . n 
A 1 45  THR 45  44  44  THR THR A . n 
A 1 46  GLU 46  45  45  GLU GLU A . n 
A 1 47  LYS 47  46  46  LYS LYS A . n 
A 1 48  PRO 48  47  47  PRO PRO A . n 
A 1 49  ASP 49  48  48  ASP ASP A . n 
A 1 50  LEU 50  49  49  LEU LEU A . n 
A 1 51  ILE 51  50  50  ILE ILE A . n 
A 1 52  VAL 52  51  51  VAL VAL A . n 
A 1 53  LEU 53  52  52  LEU LEU A . n 
A 1 54  ASP 54  53  53  ASP ASP A . n 
A 1 55  VAL 55  54  54  VAL VAL A . n 
A 1 56  MET 56  55  55  MET MET A . n 
A 1 57  LEU 57  56  56  LEU LEU A . n 
A 1 58  PRO 58  57  57  PRO PRO A . n 
A 1 59  LYS 59  58  58  LYS LYS A . n 
A 1 60  LEU 60  59  59  LEU LEU A . n 
A 1 61  ASP 61  60  60  ASP ASP A . n 
A 1 62  GLY 62  61  61  GLY GLY A . n 
A 1 63  ILE 63  62  62  ILE ILE A . n 
A 1 64  GLU 64  63  63  GLU GLU A . n 
A 1 65  VAL 65  64  64  VAL VAL A . n 
A 1 66  CYS 66  65  65  CYS CYS A . n 
A 1 67  LYS 67  66  66  LYS LYS A . n 
A 1 68  GLN 68  67  67  GLN GLN A . n 
A 1 69  LEU 69  68  68  LEU LEU A . n 
A 1 70  ARG 70  69  69  ARG ARG A . n 
A 1 71  GLN 71  70  70  GLN GLN A . n 
A 1 72  GLN 72  71  71  GLN GLN A . n 
A 1 73  LYS 73  72  72  LYS LYS A . n 
A 1 74  LEU 74  73  73  LEU LEU A . n 
A 1 75  MET 75  74  74  MET MET A . n 
A 1 76  PHE 76  75  75  PHE PHE A . n 
A 1 77  PRO 77  76  76  PRO PRO A . n 
A 1 78  ILE 78  77  77  ILE ILE A . n 
A 1 79  LEU 79  78  78  LEU LEU A . n 
A 1 80  MET 80  79  79  MET MET A . n 
A 1 81  LEU 81  80  80  LEU LEU A . n 
A 1 82  THR 82  81  81  THR THR A . n 
A 1 83  ALA 83  82  82  ALA ALA A . n 
A 1 84  LYS 84  83  83  LYS ALA A . n 
A 1 85  ASP 85  84  84  ASP ALA A . n 
A 1 86  GLU 86  85  85  GLU ALA A . n 
A 1 87  GLU 87  86  86  GLU ALA A . n 
A 1 88  PHE 88  87  87  PHE PHE A . n 
A 1 89  ASP 89  88  88  ASP ASP A . n 
A 1 90  LYS 90  89  89  LYS LYS A . n 
A 1 91  VAL 91  90  90  VAL VAL A . n 
A 1 92  LEU 92  91  91  LEU LEU A . n 
A 1 93  GLY 93  92  92  GLY GLY A . n 
A 1 94  LEU 94  93  93  LEU LEU A . n 
A 1 95  GLU 95  94  94  GLU GLU A . n 
A 1 96  LEU 96  95  95  LEU LEU A . n 
A 1 97  GLY 97  96  96  GLY GLY A . n 
A 1 98  ALA 98  97  97  ALA ALA A . n 
A 1 99  ASP 99  98  98  ASP ASP A . n 
A 1 100 ASP 100 99  99  ASP ASP A . n 
A 1 101 TYR 101 100 100 TYR TYR A . n 
A 1 102 MET 102 101 101 MET MET A . n 
A 1 103 THR 103 102 102 THR THR A . n 
A 1 104 LYS 104 103 103 LYS LYS A . n 
A 1 105 PRO 105 104 104 PRO PRO A . n 
A 1 106 PHE 106 105 105 PHE PHE A . n 
A 1 107 SER 107 106 106 SER SER A . n 
A 1 108 PRO 108 107 107 PRO PRO A . n 
A 1 109 ARG 109 108 108 ARG ARG A . n 
A 1 110 GLU 110 109 109 GLU GLU A . n 
A 1 111 VAL 111 110 110 VAL VAL A . n 
A 1 112 ASN 112 111 111 ASN ASN A . n 
A 1 113 ALA 113 112 112 ALA ALA A . n 
A 1 114 ARG 114 113 113 ARG ARG A . n 
A 1 115 VAL 115 114 114 VAL VAL A . n 
A 1 116 LYS 116 115 115 LYS LYS A . n 
A 1 117 ALA 117 116 116 ALA ALA A . n 
A 1 118 ILE 118 117 117 ILE ILE A . n 
A 1 119 LEU 119 118 118 LEU LEU A . n 
A 1 120 ARG 120 119 119 ARG ARG A . n 
A 1 121 ARG 121 120 120 ARG ARG A . n 
A 1 122 SER 122 121 121 SER SER A . n 
A 1 123 GLU 123 122 ?   ?   ?   A . n 
A 1 124 ILE 124 123 ?   ?   ?   A . n 
A 1 125 ARG 125 124 ?   ?   ?   A . n 
A 1 126 ALA 126 125 ?   ?   ?   A . n 
A 1 127 PRO 127 126 ?   ?   ?   A . n 
A 1 128 SER 128 127 ?   ?   ?   A . n 
A 1 129 SER 129 128 ?   ?   ?   A . n 
A 1 130 GLU 130 129 ?   ?   ?   A . n 
A 1 131 MET 131 130 ?   ?   ?   A . n 
A 1 132 LYS 132 131 ?   ?   ?   A . n 
A 1 133 ASN 133 132 ?   ?   ?   A . n 
A 1 134 ASP 134 133 ?   ?   ?   A . n 
A 1 135 GLU 135 134 ?   ?   ?   A . n 
A 1 136 MET 136 135 ?   ?   ?   A . n 
# 
loop_
_pdbx_nonpoly_scheme.asym_id 
_pdbx_nonpoly_scheme.entity_id 
_pdbx_nonpoly_scheme.mon_id 
_pdbx_nonpoly_scheme.ndb_seq_num 
_pdbx_nonpoly_scheme.pdb_seq_num 
_pdbx_nonpoly_scheme.auth_seq_num 
_pdbx_nonpoly_scheme.pdb_mon_id 
_pdbx_nonpoly_scheme.auth_mon_id 
_pdbx_nonpoly_scheme.pdb_strand_id 
_pdbx_nonpoly_scheme.pdb_ins_code 
B 2 MN  1   200 200 MN  MN  A . 
C 3 NA  1   201 201 NA  NA  A . 
D 3 NA  1   202 202 NA  NA  A . 
E 4 HOH 1   203 203 HOH HOH A . 
E 4 HOH 2   204 204 HOH HOH A . 
E 4 HOH 3   205 205 HOH HOH A . 
E 4 HOH 4   206 206 HOH HOH A . 
E 4 HOH 5   207 207 HOH HOH A . 
E 4 HOH 6   208 208 HOH HOH A . 
E 4 HOH 7   209 209 HOH HOH A . 
E 4 HOH 8   210 210 HOH HOH A . 
E 4 HOH 9   211 211 HOH HOH A . 
E 4 HOH 10  212 212 HOH HOH A . 
E 4 HOH 11  213 213 HOH HOH A . 
E 4 HOH 12  214 214 HOH HOH A . 
E 4 HOH 13  215 215 HOH HOH A . 
E 4 HOH 14  216 216 HOH HOH A . 
E 4 HOH 15  217 217 HOH HOH A . 
E 4 HOH 16  218 218 HOH HOH A . 
E 4 HOH 17  219 219 HOH HOH A . 
E 4 HOH 18  220 220 HOH HOH A . 
E 4 HOH 19  221 221 HOH HOH A . 
E 4 HOH 20  222 222 HOH HOH A . 
E 4 HOH 21  223 223 HOH HOH A . 
E 4 HOH 22  224 224 HOH HOH A . 
E 4 HOH 23  225 225 HOH HOH A . 
E 4 HOH 24  226 226 HOH HOH A . 
E 4 HOH 25  227 227 HOH HOH A . 
E 4 HOH 26  228 228 HOH HOH A . 
E 4 HOH 27  229 229 HOH HOH A . 
E 4 HOH 28  230 230 HOH HOH A . 
E 4 HOH 29  231 231 HOH HOH A . 
E 4 HOH 30  232 232 HOH HOH A . 
E 4 HOH 31  233 233 HOH HOH A . 
E 4 HOH 32  234 234 HOH HOH A . 
E 4 HOH 33  235 235 HOH HOH A . 
E 4 HOH 34  236 236 HOH HOH A . 
E 4 HOH 35  237 237 HOH HOH A . 
E 4 HOH 36  238 238 HOH HOH A . 
E 4 HOH 37  239 239 HOH HOH A . 
E 4 HOH 38  240 240 HOH HOH A . 
E 4 HOH 39  241 241 HOH HOH A . 
E 4 HOH 40  242 242 HOH HOH A . 
E 4 HOH 41  243 243 HOH HOH A . 
E 4 HOH 42  244 244 HOH HOH A . 
E 4 HOH 43  245 245 HOH HOH A . 
E 4 HOH 44  246 246 HOH HOH A . 
E 4 HOH 45  247 247 HOH HOH A . 
E 4 HOH 46  248 248 HOH HOH A . 
E 4 HOH 47  249 249 HOH HOH A . 
E 4 HOH 48  250 250 HOH HOH A . 
E 4 HOH 49  251 251 HOH HOH A . 
E 4 HOH 50  252 252 HOH HOH A . 
E 4 HOH 51  253 253 HOH HOH A . 
E 4 HOH 52  254 254 HOH HOH A . 
E 4 HOH 53  255 255 HOH HOH A . 
E 4 HOH 54  256 256 HOH HOH A . 
E 4 HOH 55  257 257 HOH HOH A . 
E 4 HOH 56  258 258 HOH HOH A . 
E 4 HOH 57  259 259 HOH HOH A . 
E 4 HOH 58  260 260 HOH HOH A . 
E 4 HOH 59  261 261 HOH HOH A . 
E 4 HOH 60  262 262 HOH HOH A . 
E 4 HOH 61  263 263 HOH HOH A . 
E 4 HOH 62  264 264 HOH HOH A . 
E 4 HOH 63  265 265 HOH HOH A . 
E 4 HOH 64  266 266 HOH HOH A . 
E 4 HOH 65  267 267 HOH HOH A . 
E 4 HOH 66  268 268 HOH HOH A . 
E 4 HOH 67  269 269 HOH HOH A . 
E 4 HOH 68  270 270 HOH HOH A . 
E 4 HOH 69  271 271 HOH HOH A . 
E 4 HOH 70  272 272 HOH HOH A . 
E 4 HOH 71  273 273 HOH HOH A . 
E 4 HOH 72  274 274 HOH HOH A . 
E 4 HOH 73  275 275 HOH HOH A . 
E 4 HOH 74  276 276 HOH HOH A . 
E 4 HOH 75  277 277 HOH HOH A . 
E 4 HOH 76  278 278 HOH HOH A . 
E 4 HOH 77  279 279 HOH HOH A . 
E 4 HOH 78  280 280 HOH HOH A . 
E 4 HOH 79  281 281 HOH HOH A . 
E 4 HOH 80  282 282 HOH HOH A . 
E 4 HOH 81  283 283 HOH HOH A . 
E 4 HOH 82  284 284 HOH HOH A . 
E 4 HOH 83  285 285 HOH HOH A . 
E 4 HOH 84  286 286 HOH HOH A . 
E 4 HOH 85  287 287 HOH HOH A . 
E 4 HOH 86  288 288 HOH HOH A . 
E 4 HOH 87  289 289 HOH HOH A . 
E 4 HOH 88  290 290 HOH HOH A . 
E 4 HOH 89  291 291 HOH HOH A . 
E 4 HOH 90  292 292 HOH HOH A . 
E 4 HOH 91  293 293 HOH HOH A . 
E 4 HOH 92  294 294 HOH HOH A . 
E 4 HOH 93  295 295 HOH HOH A . 
E 4 HOH 94  296 296 HOH HOH A . 
E 4 HOH 95  297 297 HOH HOH A . 
E 4 HOH 96  298 298 HOH HOH A . 
E 4 HOH 97  299 299 HOH HOH A . 
E 4 HOH 98  300 300 HOH HOH A . 
E 4 HOH 99  301 301 HOH HOH A . 
E 4 HOH 100 302 302 HOH HOH A . 
E 4 HOH 101 303 303 HOH HOH A . 
E 4 HOH 102 304 304 HOH HOH A . 
E 4 HOH 103 305 305 HOH HOH A . 
E 4 HOH 104 306 306 HOH HOH A . 
E 4 HOH 105 307 307 HOH HOH A . 
E 4 HOH 106 308 308 HOH HOH A . 
E 4 HOH 107 309 309 HOH HOH A . 
E 4 HOH 108 310 310 HOH HOH A . 
E 4 HOH 109 311 311 HOH HOH A . 
E 4 HOH 110 312 312 HOH HOH A . 
E 4 HOH 111 313 313 HOH HOH A . 
E 4 HOH 112 314 314 HOH HOH A . 
E 4 HOH 113 315 315 HOH HOH A . 
E 4 HOH 114 316 316 HOH HOH A . 
E 4 HOH 115 317 317 HOH HOH A . 
E 4 HOH 116 318 318 HOH HOH A . 
E 4 HOH 117 319 319 HOH HOH A . 
E 4 HOH 118 320 320 HOH HOH A . 
E 4 HOH 119 321 321 HOH HOH A . 
E 4 HOH 120 322 322 HOH HOH A . 
E 4 HOH 121 323 323 HOH HOH A . 
E 4 HOH 122 324 324 HOH HOH A . 
E 4 HOH 123 325 325 HOH HOH A . 
E 4 HOH 124 326 326 HOH HOH A . 
E 4 HOH 125 327 327 HOH HOH A . 
E 4 HOH 126 328 328 HOH HOH A . 
E 4 HOH 127 329 329 HOH HOH A . 
E 4 HOH 128 330 330 HOH HOH A . 
E 4 HOH 129 331 331 HOH HOH A . 
E 4 HOH 130 332 332 HOH HOH A . 
E 4 HOH 131 333 333 HOH HOH A . 
E 4 HOH 132 334 334 HOH HOH A . 
E 4 HOH 133 335 335 HOH HOH A . 
E 4 HOH 134 336 336 HOH HOH A . 
E 4 HOH 135 337 337 HOH HOH A . 
E 4 HOH 136 338 338 HOH HOH A . 
E 4 HOH 137 339 339 HOH HOH A . 
E 4 HOH 138 340 340 HOH HOH A . 
E 4 HOH 139 341 341 HOH HOH A . 
E 4 HOH 140 342 342 HOH HOH A . 
E 4 HOH 141 343 343 HOH HOH A . 
E 4 HOH 142 344 344 HOH HOH A . 
E 4 HOH 143 345 345 HOH HOH A . 
E 4 HOH 144 346 346 HOH HOH A . 
E 4 HOH 145 347 347 HOH HOH A . 
E 4 HOH 146 348 348 HOH HOH A . 
E 4 HOH 147 349 349 HOH HOH A . 
E 4 HOH 148 350 350 HOH HOH A . 
E 4 HOH 149 351 351 HOH HOH A . 
E 4 HOH 150 352 352 HOH HOH A . 
E 4 HOH 151 353 353 HOH HOH A . 
E 4 HOH 152 354 354 HOH HOH A . 
E 4 HOH 153 355 355 HOH HOH A . 
E 4 HOH 154 356 356 HOH HOH A . 
E 4 HOH 155 357 357 HOH HOH A . 
E 4 HOH 156 358 358 HOH HOH A . 
E 4 HOH 157 359 359 HOH HOH A . 
E 4 HOH 158 360 360 HOH HOH A . 
E 4 HOH 159 361 361 HOH HOH A . 
E 4 HOH 160 362 362 HOH HOH A . 
E 4 HOH 161 363 363 HOH HOH A . 
E 4 HOH 162 364 364 HOH HOH A . 
E 4 HOH 163 365 365 HOH HOH A . 
E 4 HOH 164 366 366 HOH HOH A . 
E 4 HOH 165 367 367 HOH HOH A . 
E 4 HOH 166 368 368 HOH HOH A . 
E 4 HOH 167 369 369 HOH HOH A . 
E 4 HOH 168 370 370 HOH HOH A . 
E 4 HOH 169 371 371 HOH HOH A . 
E 4 HOH 170 372 372 HOH HOH A . 
E 4 HOH 171 373 373 HOH HOH A . 
E 4 HOH 172 374 374 HOH HOH A . 
E 4 HOH 173 375 375 HOH HOH A . 
E 4 HOH 174 376 376 HOH HOH A . 
# 
loop_
_pdbx_unobs_or_zero_occ_atoms.id 
_pdbx_unobs_or_zero_occ_atoms.PDB_model_num 
_pdbx_unobs_or_zero_occ_atoms.polymer_flag 
_pdbx_unobs_or_zero_occ_atoms.occupancy_flag 
_pdbx_unobs_or_zero_occ_atoms.auth_asym_id 
_pdbx_unobs_or_zero_occ_atoms.auth_comp_id 
_pdbx_unobs_or_zero_occ_atoms.auth_seq_id 
_pdbx_unobs_or_zero_occ_atoms.PDB_ins_code 
_pdbx_unobs_or_zero_occ_atoms.auth_atom_id 
_pdbx_unobs_or_zero_occ_atoms.label_alt_id 
_pdbx_unobs_or_zero_occ_atoms.label_asym_id 
_pdbx_unobs_or_zero_occ_atoms.label_comp_id 
_pdbx_unobs_or_zero_occ_atoms.label_seq_id 
_pdbx_unobs_or_zero_occ_atoms.label_atom_id 
1  1 Y 1 A MET 1  ? CG  ? A MET 2  CG  
2  1 Y 1 A MET 1  ? SD  ? A MET 2  SD  
3  1 Y 1 A MET 1  ? CE  ? A MET 2  CE  
4  1 Y 1 A GLU 11 ? CG  ? A GLU 12 CG  
5  1 Y 1 A GLU 11 ? CD  ? A GLU 12 CD  
6  1 Y 1 A GLU 11 ? OE1 ? A GLU 12 OE1 
7  1 Y 1 A GLU 11 ? OE2 ? A GLU 12 OE2 
8  1 Y 1 A GLU 12 ? CG  ? A GLU 13 CG  
9  1 Y 1 A GLU 12 ? CD  ? A GLU 13 CD  
10 1 Y 1 A GLU 12 ? OE1 ? A GLU 13 OE1 
11 1 Y 1 A GLU 12 ? OE2 ? A GLU 13 OE2 
12 1 Y 1 A LEU 17 ? CG  ? A LEU 18 CG  
13 1 Y 1 A LEU 17 ? CD1 ? A LEU 18 CD1 
14 1 Y 1 A LEU 17 ? CD2 ? A LEU 18 CD2 
15 1 Y 1 A GLU 36 ? CG  ? A GLU 37 CG  
16 1 Y 1 A GLU 36 ? CD  ? A GLU 37 CD  
17 1 Y 1 A GLU 36 ? OE1 ? A GLU 37 OE1 
18 1 Y 1 A GLU 36 ? OE2 ? A GLU 37 OE2 
19 1 Y 1 A LYS 83 ? CG  ? A LYS 84 CG  
20 1 Y 1 A LYS 83 ? CD  ? A LYS 84 CD  
21 1 Y 1 A LYS 83 ? CE  ? A LYS 84 CE  
22 1 Y 1 A LYS 83 ? NZ  ? A LYS 84 NZ  
23 1 Y 1 A ASP 84 ? CG  ? A ASP 85 CG  
24 1 Y 1 A ASP 84 ? OD1 ? A ASP 85 OD1 
25 1 Y 1 A ASP 84 ? OD2 ? A ASP 85 OD2 
26 1 Y 1 A GLU 85 ? CG  ? A GLU 86 CG  
27 1 Y 1 A GLU 85 ? CD  ? A GLU 86 CD  
28 1 Y 1 A GLU 85 ? OE1 ? A GLU 86 OE1 
29 1 Y 1 A GLU 85 ? OE2 ? A GLU 86 OE2 
30 1 Y 1 A GLU 86 ? CG  ? A GLU 87 CG  
31 1 Y 1 A GLU 86 ? CD  ? A GLU 87 CD  
32 1 Y 1 A GLU 86 ? OE1 ? A GLU 87 OE1 
33 1 Y 1 A GLU 86 ? OE2 ? A GLU 87 OE2 
# 
loop_
_software.name 
_software.classification 
_software.version 
_software.citation_id 
_software.pdbx_ordinal 
MOSFLM 'data reduction' .         ? 1 
SCALA  'data scaling'   .         ? 2 
AMoRE  phasing          .         ? 3 
REFMAC refinement       .         ? 4 
CCP4   'data scaling'   '(SCALA)' ? 5 
# 
_cell.entry_id           1MVO 
_cell.length_a           45.704 
_cell.length_b           45.704 
_cell.length_c           134.811 
_cell.angle_alpha        90.00 
_cell.angle_beta         90.00 
_cell.angle_gamma        90.00 
_cell.Z_PDB              8 
_cell.pdbx_unique_axis   ? 
# 
_symmetry.entry_id                         1MVO 
_symmetry.space_group_name_H-M             'P 41 21 2' 
_symmetry.pdbx_full_space_group_name_H-M   ? 
_symmetry.cell_setting                     ? 
_symmetry.Int_Tables_number                92 
# 
_exptl.entry_id          1MVO 
_exptl.method            'X-RAY DIFFRACTION' 
_exptl.crystals_number   1 
# 
_exptl_crystal.id                    1 
_exptl_crystal.density_meas          ? 
_exptl_crystal.density_percent_sol   45.65 
_exptl_crystal.density_Matthews      2.26 
_exptl_crystal.description           ? 
# 
_exptl_crystal_grow.crystal_id      1 
_exptl_crystal_grow.method          'VAPOR DIFFUSION, HANGING DROP' 
_exptl_crystal_grow.temp            277 
_exptl_crystal_grow.temp_details    ? 
_exptl_crystal_grow.pH              5.8 
_exptl_crystal_grow.pdbx_details    
'PEG 10000, sodium citrate, PEG MME 550, pH 5.8, VAPOR DIFFUSION, HANGING DROP, temperature 277K' 
_exptl_crystal_grow.pdbx_pH_range   . 
# 
_diffrn.id                     1 
_diffrn.ambient_temp           100 
_diffrn.ambient_temp_details   ? 
_diffrn.crystal_id             1 
# 
_diffrn_detector.diffrn_id              1 
_diffrn_detector.detector               CCD 
_diffrn_detector.type                   MARRESEARCH 
_diffrn_detector.pdbx_collection_date   2000-10-04 
_diffrn_detector.details                ? 
# 
_diffrn_radiation.diffrn_id                        1 
_diffrn_radiation.wavelength_id                    1 
_diffrn_radiation.pdbx_monochromatic_or_laue_m_l   M 
_diffrn_radiation.monochromator                    'SAGITALLY FOCUSED Ge(220)' 
_diffrn_radiation.pdbx_diffrn_protocol             'SINGLE WAVELENGTH' 
_diffrn_radiation.pdbx_scattering_type             x-ray 
# 
_diffrn_radiation_wavelength.id           1 
_diffrn_radiation_wavelength.wavelength   0.934 
_diffrn_radiation_wavelength.wt           1.0 
# 
_diffrn_source.diffrn_id                   1 
_diffrn_source.source                      SYNCHROTRON 
_diffrn_source.type                        'ESRF BEAMLINE ID14-1' 
_diffrn_source.pdbx_synchrotron_site       ESRF 
_diffrn_source.pdbx_synchrotron_beamline   ID14-1 
_diffrn_source.pdbx_wavelength             ? 
_diffrn_source.pdbx_wavelength_list        0.934 
# 
_reflns.entry_id                     1MVO 
_reflns.observed_criterion_sigma_F   0 
_reflns.observed_criterion_sigma_I   0 
_reflns.d_resolution_high            1.6 
_reflns.d_resolution_low             27 
_reflns.number_all                   18122 
_reflns.number_obs                   18122 
_reflns.percent_possible_obs         91.6 
_reflns.pdbx_Rmerge_I_obs            0.091 
_reflns.pdbx_Rsym_value              0.091 
_reflns.pdbx_netI_over_sigmaI        5.2 
_reflns.B_iso_Wilson_estimate        19.8 
_reflns.pdbx_redundancy              6.1 
_reflns.R_free_details               ? 
_reflns.limit_h_max                  ? 
_reflns.limit_h_min                  ? 
_reflns.limit_k_max                  ? 
_reflns.limit_k_min                  ? 
_reflns.limit_l_max                  ? 
_reflns.limit_l_min                  ? 
_reflns.observed_criterion_F_max     ? 
_reflns.observed_criterion_F_min     ? 
_reflns.pdbx_diffrn_id               1 
_reflns.pdbx_ordinal                 1 
# 
_reflns_shell.d_res_high             1.60 
_reflns_shell.d_res_low              1.69 
_reflns_shell.percent_possible_all   92 
_reflns_shell.Rmerge_I_obs           0.187 
_reflns_shell.pdbx_Rsym_value        0.187 
_reflns_shell.meanI_over_sigI_obs    3.5 
_reflns_shell.pdbx_redundancy        4.3 
_reflns_shell.percent_possible_obs   ? 
_reflns_shell.number_unique_all      2775 
_reflns_shell.pdbx_diffrn_id         ? 
_reflns_shell.pdbx_ordinal           1 
# 
_refine.entry_id                                 1MVO 
_refine.ls_d_res_high                            1.6 
_refine.ls_d_res_low                             27 
_refine.pdbx_ls_sigma_F                          0 
_refine.pdbx_ls_sigma_I                          ? 
_refine.ls_number_reflns_all                     17226 
_refine.ls_number_reflns_obs                     17226 
_refine.ls_number_reflns_R_free                  878 
_refine.ls_percent_reflns_obs                    91.7 
_refine.ls_R_factor_all                          0.188 
_refine.ls_R_factor_obs                          0.188 
_refine.ls_R_factor_R_work                       0.186 
_refine.ls_R_factor_R_free                       0.232 
_refine.ls_redundancy_reflns_obs                 ? 
_refine.pdbx_data_cutoff_high_absF               ? 
_refine.pdbx_data_cutoff_low_absF                ? 
_refine.ls_number_parameters                     ? 
_refine.ls_number_restraints                     ? 
_refine.ls_percent_reflns_R_free                 ? 
_refine.ls_R_factor_R_free_error                 ? 
_refine.ls_R_factor_R_free_error_details         ? 
_refine.pdbx_method_to_determine_struct          'MOLECULAR REPLACEMENT' 
_refine.pdbx_starting_model                      'Metal-free PhoPN structure solved by MAD' 
_refine.pdbx_ls_cross_valid_method               THROUGHOUT 
_refine.pdbx_R_Free_selection_details            RANDOM 
_refine.pdbx_stereochem_target_val_spec_case     ? 
_refine.pdbx_stereochemistry_target_values       'Engh & Huber' 
_refine.solvent_model_details                    ? 
_refine.solvent_model_param_bsol                 ? 
_refine.solvent_model_param_ksol                 ? 
_refine.occupancy_max                            ? 
_refine.occupancy_min                            ? 
_refine.pdbx_isotropic_thermal_model             anisotropic 
_refine.B_iso_mean                               17.523 
_refine.aniso_B[1][1]                            -0.17 
_refine.aniso_B[1][2]                            0.00 
_refine.aniso_B[1][3]                            0.00 
_refine.aniso_B[2][2]                            -0.17 
_refine.aniso_B[2][3]                            0.00 
_refine.aniso_B[3][3]                            0.34 
_refine.details                                  'Used weighted full matrix maximum likelihood procedure' 
_refine.B_iso_min                                ? 
_refine.B_iso_max                                ? 
_refine.correlation_coeff_Fo_to_Fc               ? 
_refine.correlation_coeff_Fo_to_Fc_free          ? 
_refine.pdbx_solvent_vdw_probe_radii             ? 
_refine.pdbx_solvent_ion_probe_radii             ? 
_refine.pdbx_solvent_shrinkage_radii             ? 
_refine.overall_SU_R_Cruickshank_DPI             ? 
_refine.overall_SU_R_free                        ? 
_refine.overall_SU_B                             ? 
_refine.overall_SU_ML                            ? 
_refine.pdbx_overall_ESU_R                       ? 
_refine.pdbx_overall_ESU_R_Free                  ? 
_refine.pdbx_data_cutoff_high_rms_absF           ? 
_refine.pdbx_refine_id                           'X-RAY DIFFRACTION' 
_refine.pdbx_diffrn_id                           1 
_refine.pdbx_TLS_residual_ADP_flag               ? 
_refine.pdbx_overall_phase_error                 ? 
_refine.pdbx_overall_SU_R_free_Cruickshank_DPI   ? 
_refine.pdbx_overall_SU_R_Blow_DPI               ? 
_refine.pdbx_overall_SU_R_free_Blow_DPI          ? 
# 
_refine_hist.pdbx_refine_id                   'X-RAY DIFFRACTION' 
_refine_hist.cycle_id                         LAST 
_refine_hist.pdbx_number_atoms_protein        937 
_refine_hist.pdbx_number_atoms_nucleic_acid   0 
_refine_hist.pdbx_number_atoms_ligand         3 
_refine_hist.number_atoms_solvent             174 
_refine_hist.number_atoms_total               1114 
_refine_hist.d_res_high                       1.6 
_refine_hist.d_res_low                        27 
# 
loop_
_refine_ls_restr.type 
_refine_ls_restr.dev_ideal 
_refine_ls_restr.dev_ideal_target 
_refine_ls_restr.weight 
_refine_ls_restr.number 
_refine_ls_restr.pdbx_refine_id 
_refine_ls_restr.pdbx_restraint_function 
r_bond_length               0.016  ? ? ? 'X-RAY DIFFRACTION' ? 
r_bond_angle                1.661  ? ? ? 'X-RAY DIFFRACTION' ? 
'r_torsion_angles, period1' 4.503  ? ? ? 'X-RAY DIFFRACTION' ? 
'r_torsion_angles, period3' 15.508 ? ? ? 'X-RAY DIFFRACTION' ? 
r_chiral_center_restraints  0.100  ? ? ? 'X-RAY DIFFRACTION' ? 
# 
_refine_ls_shell.pdbx_total_number_of_bins_used   ? 
_refine_ls_shell.d_res_high                       1.60 
_refine_ls_shell.d_res_low                        1.66 
_refine_ls_shell.number_reflns_R_work             ? 
_refine_ls_shell.R_factor_R_work                  0.14 
_refine_ls_shell.percent_reflns_obs               99.86 
_refine_ls_shell.R_factor_R_free                  0.22 
_refine_ls_shell.R_factor_R_free_error            ? 
_refine_ls_shell.percent_reflns_R_free            ? 
_refine_ls_shell.number_reflns_R_free             72 
_refine_ls_shell.number_reflns_obs                1354 
_refine_ls_shell.redundancy_reflns_obs            ? 
_refine_ls_shell.number_reflns_all                ? 
_refine_ls_shell.pdbx_refine_id                   'X-RAY DIFFRACTION' 
_refine_ls_shell.R_factor_all                     ? 
# 
_struct.entry_id                  1MVO 
_struct.title                     'Crystal structure of the PhoP receiver domain from Bacillus subtilis' 
_struct.pdbx_model_details        ? 
_struct.pdbx_CASP_flag            ? 
_struct.pdbx_model_type_details   ? 
# 
_struct_keywords.entry_id        1MVO 
_struct_keywords.pdbx_keywords   TRANSCRIPTION 
_struct_keywords.text            
;PHOSPHATE REGULON, TRANSCRIPTIONAL REGULATORY PROTEIN, ALPHA/BETA DOUBLY WOUND FOLD, RESPONSE REGULATOR, PHOSPHORYLATION, ASYMMETRIC INTERFACE, TANDEM ASSOCIATION, Structural Proteomics in Europe, SPINE, Structural Genomics, Transcription
;
# 
loop_
_struct_asym.id 
_struct_asym.pdbx_blank_PDB_chainid_flag 
_struct_asym.pdbx_modified 
_struct_asym.entity_id 
_struct_asym.details 
A N N 1 ? 
B N N 2 ? 
C N N 3 ? 
D N N 3 ? 
E N N 4 ? 
# 
_struct_ref.id                         1 
_struct_ref.db_name                    UNP 
_struct_ref.db_code                    PHOP_BACSU 
_struct_ref.entity_id                  1 
_struct_ref.pdbx_seq_one_letter_code   
;MNKKILVVDDEESIVTLLQYNLERSGYDVITASDGEEALKKAETEKPDLIVLDVMLPKLDGIEVCKQLRQQKLMFPILML
TAKDEEFDKVLGLELGADDYMTKPFSPREVNARVKAILRRSEIRAPSSEMKNDEM
;
_struct_ref.pdbx_align_begin           1 
_struct_ref.pdbx_db_accession          P13792 
_struct_ref.pdbx_db_isoform            ? 
# 
_struct_ref_seq.align_id                      1 
_struct_ref_seq.ref_id                        1 
_struct_ref_seq.pdbx_PDB_id_code              1MVO 
_struct_ref_seq.pdbx_strand_id                A 
_struct_ref_seq.seq_align_beg                 2 
_struct_ref_seq.pdbx_seq_align_beg_ins_code   ? 
_struct_ref_seq.seq_align_end                 136 
_struct_ref_seq.pdbx_seq_align_end_ins_code   ? 
_struct_ref_seq.pdbx_db_accession             P13792 
_struct_ref_seq.db_align_beg                  1 
_struct_ref_seq.pdbx_db_align_beg_ins_code    ? 
_struct_ref_seq.db_align_end                  135 
_struct_ref_seq.pdbx_db_align_end_ins_code    ? 
_struct_ref_seq.pdbx_auth_seq_align_beg       1 
_struct_ref_seq.pdbx_auth_seq_align_end       135 
# 
_struct_ref_seq_dif.align_id                     1 
_struct_ref_seq_dif.pdbx_pdb_id_code             1MVO 
_struct_ref_seq_dif.mon_id                       HIS 
_struct_ref_seq_dif.pdbx_pdb_strand_id           A 
_struct_ref_seq_dif.seq_num                      1 
_struct_ref_seq_dif.pdbx_pdb_ins_code            ? 
_struct_ref_seq_dif.pdbx_seq_db_name             UNP 
_struct_ref_seq_dif.pdbx_seq_db_accession_code   P13792 
_struct_ref_seq_dif.db_mon_id                    ? 
_struct_ref_seq_dif.pdbx_seq_db_seq_num          ? 
_struct_ref_seq_dif.details                      'cloning artifact' 
_struct_ref_seq_dif.pdbx_auth_seq_num            0 
_struct_ref_seq_dif.pdbx_ordinal                 1 
# 
_pdbx_struct_assembly.id                   1 
_pdbx_struct_assembly.details              author_defined_assembly 
_pdbx_struct_assembly.method_details       ? 
_pdbx_struct_assembly.oligomeric_details   dimeric 
_pdbx_struct_assembly.oligomeric_count     2 
# 
_pdbx_struct_assembly_gen.assembly_id       1 
_pdbx_struct_assembly_gen.oper_expression   1,2 
_pdbx_struct_assembly_gen.asym_id_list      A,B,C,D,E 
# 
loop_
_pdbx_struct_oper_list.id 
_pdbx_struct_oper_list.type 
_pdbx_struct_oper_list.name 
_pdbx_struct_oper_list.symmetry_operation 
_pdbx_struct_oper_list.matrix[1][1] 
_pdbx_struct_oper_list.matrix[1][2] 
_pdbx_struct_oper_list.matrix[1][3] 
_pdbx_struct_oper_list.vector[1] 
_pdbx_struct_oper_list.matrix[2][1] 
_pdbx_struct_oper_list.matrix[2][2] 
_pdbx_struct_oper_list.matrix[2][3] 
_pdbx_struct_oper_list.vector[2] 
_pdbx_struct_oper_list.matrix[3][1] 
_pdbx_struct_oper_list.matrix[3][2] 
_pdbx_struct_oper_list.matrix[3][3] 
_pdbx_struct_oper_list.vector[3] 
1 'identity operation'         1_555 x,y,z               1.0000000000  0.0000000000  0.0000000000 0.0000000000 0.0000000000  1.0000000000  0.0000000000  0.0000000000  0.0000000000 0.0000000000  1.0000000000 0.0000000000   
2 'crystal symmetry operation' 6_565 x+1/2,-y+3/2,-z+3/4 -0.9408041697 -0.1752179980 0.2901485264 1.1895211791 -0.1752179980 -0.4813596380 -0.8588315039 26.8395768387 0.2901485264 -0.8588315039 0.4221638077 -11.1342089704 
# 
_struct_biol.id                    1 
_struct_biol.details               
'The biological assembly is a dimer generated from the monomer in the asymmetric unit by the operation : x+1/2, -y+3/2, -z+3/4' 
_struct_biol.pdbx_parent_biol_id   ? 
# 
loop_
_struct_conf.conf_type_id 
_struct_conf.id 
_struct_conf.pdbx_PDB_helix_id 
_struct_conf.beg_label_comp_id 
_struct_conf.beg_label_asym_id 
_struct_conf.beg_label_seq_id 
_struct_conf.pdbx_beg_PDB_ins_code 
_struct_conf.end_label_comp_id 
_struct_conf.end_label_asym_id 
_struct_conf.end_label_seq_id 
_struct_conf.pdbx_end_PDB_ins_code 
_struct_conf.beg_auth_comp_id 
_struct_conf.beg_auth_asym_id 
_struct_conf.beg_auth_seq_id 
_struct_conf.end_auth_comp_id 
_struct_conf.end_auth_asym_id 
_struct_conf.end_auth_seq_id 
_struct_conf.pdbx_PDB_helix_class 
_struct_conf.details 
_struct_conf.pdbx_PDB_helix_length 
HELX_P HELX_P1 1 GLU A 12  ? SER A 26  ? GLU A 11  SER A 25  1 ? 15 
HELX_P HELX_P2 2 ASP A 35  ? LYS A 47  ? ASP A 34  LYS A 46  1 ? 13 
HELX_P HELX_P3 3 ASP A 61  ? GLN A 72  ? ASP A 60  GLN A 71  1 ? 12 
HELX_P HELX_P4 4 ASP A 89  ? LEU A 96  ? ASP A 88  LEU A 95  1 ? 8  
HELX_P HELX_P5 5 SER A 107 ? ARG A 121 ? SER A 106 ARG A 120 1 ? 15 
# 
_struct_conf_type.id          HELX_P 
_struct_conf_type.criteria    ? 
_struct_conf_type.reference   ? 
# 
loop_
_struct_conn.id 
_struct_conn.conn_type_id 
_struct_conn.pdbx_leaving_atom_flag 
_struct_conn.pdbx_PDB_id 
_struct_conn.ptnr1_label_asym_id 
_struct_conn.ptnr1_label_comp_id 
_struct_conn.ptnr1_label_seq_id 
_struct_conn.ptnr1_label_atom_id 
_struct_conn.pdbx_ptnr1_label_alt_id 
_struct_conn.pdbx_ptnr1_PDB_ins_code 
_struct_conn.pdbx_ptnr1_standard_comp_id 
_struct_conn.ptnr1_symmetry 
_struct_conn.ptnr2_label_asym_id 
_struct_conn.ptnr2_label_comp_id 
_struct_conn.ptnr2_label_seq_id 
_struct_conn.ptnr2_label_atom_id 
_struct_conn.pdbx_ptnr2_label_alt_id 
_struct_conn.pdbx_ptnr2_PDB_ins_code 
_struct_conn.ptnr1_auth_asym_id 
_struct_conn.ptnr1_auth_comp_id 
_struct_conn.ptnr1_auth_seq_id 
_struct_conn.ptnr2_auth_asym_id 
_struct_conn.ptnr2_auth_comp_id 
_struct_conn.ptnr2_auth_seq_id 
_struct_conn.ptnr2_symmetry 
_struct_conn.pdbx_ptnr3_label_atom_id 
_struct_conn.pdbx_ptnr3_label_seq_id 
_struct_conn.pdbx_ptnr3_label_comp_id 
_struct_conn.pdbx_ptnr3_label_asym_id 
_struct_conn.pdbx_ptnr3_label_alt_id 
_struct_conn.pdbx_ptnr3_PDB_ins_code 
_struct_conn.details 
_struct_conn.pdbx_dist_value 
_struct_conn.pdbx_value_order 
_struct_conn.pdbx_role 
metalc1  metalc ? ? A ASP 11 OD2 ? ? ? 1_555 B MN  . MN ? ? A ASP 10  A MN  200 1_555 ? ? ? ? ? ? ? 2.117 ? ? 
metalc2  metalc ? ? A GLU 38 OE2 ? ? ? 1_555 C NA  . NA ? ? A GLU 37  A NA  201 1_555 ? ? ? ? ? ? ? 2.167 ? ? 
metalc3  metalc ? ? A ASP 54 OD2 ? ? ? 1_555 B MN  . MN ? ? A ASP 53  A MN  200 1_555 ? ? ? ? ? ? ? 2.009 ? ? 
metalc4  metalc ? ? A MET 56 O   ? ? ? 1_555 B MN  . MN ? ? A MET 55  A MN  200 1_555 ? ? ? ? ? ? ? 2.157 ? ? 
metalc5  metalc ? ? A PHE 76 O   ? ? ? 1_555 D NA  . NA ? ? A PHE 75  A NA  202 1_555 ? ? ? ? ? ? ? 2.236 ? ? 
metalc6  metalc ? ? A GLY 97 O   ? ? ? 1_555 D NA  . NA ? ? A GLY 96  A NA  202 1_555 ? ? ? ? ? ? ? 2.297 ? ? 
metalc7  metalc ? ? A ASP 99 OD2 ? ? ? 1_555 D NA  . NA ? ? A ASP 98  A NA  202 1_555 ? ? ? ? ? ? ? 2.389 ? ? 
metalc8  metalc ? ? B MN  .  MN  ? ? ? 1_555 E HOH . O  ? ? A MN  200 A HOH 214 1_555 ? ? ? ? ? ? ? 2.217 ? ? 
metalc9  metalc ? ? B MN  .  MN  ? ? ? 1_555 E HOH . O  ? ? A MN  200 A HOH 354 1_555 ? ? ? ? ? ? ? 2.187 ? ? 
metalc10 metalc ? ? B MN  .  MN  ? ? ? 1_555 E HOH . O  ? ? A MN  200 A HOH 373 1_555 ? ? ? ? ? ? ? 2.064 ? ? 
metalc11 metalc ? ? C NA  .  NA  ? ? ? 1_555 E HOH . O  ? ? A NA  201 A HOH 355 1_555 ? ? ? ? ? ? ? 2.220 ? ? 
metalc12 metalc ? ? C NA  .  NA  ? ? ? 1_555 E HOH . O  ? ? A NA  201 A HOH 356 1_555 ? ? ? ? ? ? ? 2.200 ? ? 
metalc13 metalc ? ? C NA  .  NA  ? ? ? 1_555 E HOH . O  ? ? A NA  201 A HOH 364 1_555 ? ? ? ? ? ? ? 2.088 ? ? 
metalc14 metalc ? ? C NA  .  NA  ? ? ? 1_555 E HOH . O  ? ? A NA  201 A HOH 372 1_555 ? ? ? ? ? ? ? 2.033 ? ? 
metalc15 metalc ? ? C NA  .  NA  ? ? ? 1_555 E HOH . O  ? ? A NA  201 A HOH 375 1_555 ? ? ? ? ? ? ? 2.043 ? ? 
metalc16 metalc ? ? D NA  .  NA  ? ? ? 1_555 E HOH . O  ? ? A NA  202 A HOH 246 1_555 ? ? ? ? ? ? ? 2.344 ? ? 
metalc17 metalc ? ? D NA  .  NA  ? ? ? 1_555 E HOH . O  ? ? A NA  202 A HOH 253 1_555 ? ? ? ? ? ? ? 2.392 ? ? 
# 
_struct_conn_type.id          metalc 
_struct_conn_type.criteria    ? 
_struct_conn_type.reference   ? 
# 
loop_
_pdbx_struct_conn_angle.id 
_pdbx_struct_conn_angle.ptnr1_label_atom_id 
_pdbx_struct_conn_angle.ptnr1_label_alt_id 
_pdbx_struct_conn_angle.ptnr1_label_asym_id 
_pdbx_struct_conn_angle.ptnr1_label_comp_id 
_pdbx_struct_conn_angle.ptnr1_label_seq_id 
_pdbx_struct_conn_angle.ptnr1_auth_atom_id 
_pdbx_struct_conn_angle.ptnr1_auth_asym_id 
_pdbx_struct_conn_angle.ptnr1_auth_comp_id 
_pdbx_struct_conn_angle.ptnr1_auth_seq_id 
_pdbx_struct_conn_angle.ptnr1_PDB_ins_code 
_pdbx_struct_conn_angle.ptnr1_symmetry 
_pdbx_struct_conn_angle.ptnr2_label_atom_id 
_pdbx_struct_conn_angle.ptnr2_label_alt_id 
_pdbx_struct_conn_angle.ptnr2_label_asym_id 
_pdbx_struct_conn_angle.ptnr2_label_comp_id 
_pdbx_struct_conn_angle.ptnr2_label_seq_id 
_pdbx_struct_conn_angle.ptnr2_auth_atom_id 
_pdbx_struct_conn_angle.ptnr2_auth_asym_id 
_pdbx_struct_conn_angle.ptnr2_auth_comp_id 
_pdbx_struct_conn_angle.ptnr2_auth_seq_id 
_pdbx_struct_conn_angle.ptnr2_PDB_ins_code 
_pdbx_struct_conn_angle.ptnr2_symmetry 
_pdbx_struct_conn_angle.ptnr3_label_atom_id 
_pdbx_struct_conn_angle.ptnr3_label_alt_id 
_pdbx_struct_conn_angle.ptnr3_label_asym_id 
_pdbx_struct_conn_angle.ptnr3_label_comp_id 
_pdbx_struct_conn_angle.ptnr3_label_seq_id 
_pdbx_struct_conn_angle.ptnr3_auth_atom_id 
_pdbx_struct_conn_angle.ptnr3_auth_asym_id 
_pdbx_struct_conn_angle.ptnr3_auth_comp_id 
_pdbx_struct_conn_angle.ptnr3_auth_seq_id 
_pdbx_struct_conn_angle.ptnr3_PDB_ins_code 
_pdbx_struct_conn_angle.ptnr3_symmetry 
_pdbx_struct_conn_angle.value 
_pdbx_struct_conn_angle.value_esd 
1  OD2 ? A ASP 11 ? A ASP 10  ? 1_555 MN ? B MN . ? A MN 200 ? 1_555 OD2 ? A ASP 54 ? A ASP 53  ? 1_555 88.7  ? 
2  OD2 ? A ASP 11 ? A ASP 10  ? 1_555 MN ? B MN . ? A MN 200 ? 1_555 O   ? A MET 56 ? A MET 55  ? 1_555 86.4  ? 
3  OD2 ? A ASP 54 ? A ASP 53  ? 1_555 MN ? B MN . ? A MN 200 ? 1_555 O   ? A MET 56 ? A MET 55  ? 1_555 88.4  ? 
4  OD2 ? A ASP 11 ? A ASP 10  ? 1_555 MN ? B MN . ? A MN 200 ? 1_555 O   ? E HOH .  ? A HOH 214 ? 1_555 83.5  ? 
5  OD2 ? A ASP 54 ? A ASP 53  ? 1_555 MN ? B MN . ? A MN 200 ? 1_555 O   ? E HOH .  ? A HOH 214 ? 1_555 171.7 ? 
6  O   ? A MET 56 ? A MET 55  ? 1_555 MN ? B MN . ? A MN 200 ? 1_555 O   ? E HOH .  ? A HOH 214 ? 1_555 93.9  ? 
7  OD2 ? A ASP 11 ? A ASP 10  ? 1_555 MN ? B MN . ? A MN 200 ? 1_555 O   ? E HOH .  ? A HOH 354 ? 1_555 172.3 ? 
8  OD2 ? A ASP 54 ? A ASP 53  ? 1_555 MN ? B MN . ? A MN 200 ? 1_555 O   ? E HOH .  ? A HOH 354 ? 1_555 97.1  ? 
9  O   ? A MET 56 ? A MET 55  ? 1_555 MN ? B MN . ? A MN 200 ? 1_555 O   ? E HOH .  ? A HOH 354 ? 1_555 98.8  ? 
10 O   ? E HOH .  ? A HOH 214 ? 1_555 MN ? B MN . ? A MN 200 ? 1_555 O   ? E HOH .  ? A HOH 354 ? 1_555 90.4  ? 
11 OD2 ? A ASP 11 ? A ASP 10  ? 1_555 MN ? B MN . ? A MN 200 ? 1_555 O   ? E HOH .  ? A HOH 373 ? 1_555 91.9  ? 
12 OD2 ? A ASP 54 ? A ASP 53  ? 1_555 MN ? B MN . ? A MN 200 ? 1_555 O   ? E HOH .  ? A HOH 373 ? 1_555 83.8  ? 
13 O   ? A MET 56 ? A MET 55  ? 1_555 MN ? B MN . ? A MN 200 ? 1_555 O   ? E HOH .  ? A HOH 373 ? 1_555 172.1 ? 
14 O   ? E HOH .  ? A HOH 214 ? 1_555 MN ? B MN . ? A MN 200 ? 1_555 O   ? E HOH .  ? A HOH 373 ? 1_555 93.6  ? 
15 O   ? E HOH .  ? A HOH 354 ? 1_555 MN ? B MN . ? A MN 200 ? 1_555 O   ? E HOH .  ? A HOH 373 ? 1_555 83.8  ? 
16 OE2 ? A GLU 38 ? A GLU 37  ? 1_555 NA ? C NA . ? A NA 201 ? 1_555 O   ? E HOH .  ? A HOH 355 ? 1_555 87.6  ? 
17 OE2 ? A GLU 38 ? A GLU 37  ? 1_555 NA ? C NA . ? A NA 201 ? 1_555 O   ? E HOH .  ? A HOH 356 ? 1_555 94.2  ? 
18 O   ? E HOH .  ? A HOH 355 ? 1_555 NA ? C NA . ? A NA 201 ? 1_555 O   ? E HOH .  ? A HOH 356 ? 1_555 94.2  ? 
19 OE2 ? A GLU 38 ? A GLU 37  ? 1_555 NA ? C NA . ? A NA 201 ? 1_555 O   ? E HOH .  ? A HOH 364 ? 1_555 169.9 ? 
20 O   ? E HOH .  ? A HOH 355 ? 1_555 NA ? C NA . ? A NA 201 ? 1_555 O   ? E HOH .  ? A HOH 364 ? 1_555 85.1  ? 
21 O   ? E HOH .  ? A HOH 356 ? 1_555 NA ? C NA . ? A NA 201 ? 1_555 O   ? E HOH .  ? A HOH 364 ? 1_555 93.3  ? 
22 OE2 ? A GLU 38 ? A GLU 37  ? 1_555 NA ? C NA . ? A NA 201 ? 1_555 O   ? E HOH .  ? A HOH 372 ? 1_555 99.9  ? 
23 O   ? E HOH .  ? A HOH 355 ? 1_555 NA ? C NA . ? A NA 201 ? 1_555 O   ? E HOH .  ? A HOH 372 ? 1_555 170.7 ? 
24 O   ? E HOH .  ? A HOH 356 ? 1_555 NA ? C NA . ? A NA 201 ? 1_555 O   ? E HOH .  ? A HOH 372 ? 1_555 90.8  ? 
25 O   ? E HOH .  ? A HOH 364 ? 1_555 NA ? C NA . ? A NA 201 ? 1_555 O   ? E HOH .  ? A HOH 372 ? 1_555 86.7  ? 
26 OE2 ? A GLU 38 ? A GLU 37  ? 1_555 NA ? C NA . ? A NA 201 ? 1_555 O   ? E HOH .  ? A HOH 375 ? 1_555 89.2  ? 
27 O   ? E HOH .  ? A HOH 355 ? 1_555 NA ? C NA . ? A NA 201 ? 1_555 O   ? E HOH .  ? A HOH 375 ? 1_555 90.7  ? 
28 O   ? E HOH .  ? A HOH 356 ? 1_555 NA ? C NA . ? A NA 201 ? 1_555 O   ? E HOH .  ? A HOH 375 ? 1_555 174.1 ? 
29 O   ? E HOH .  ? A HOH 364 ? 1_555 NA ? C NA . ? A NA 201 ? 1_555 O   ? E HOH .  ? A HOH 375 ? 1_555 83.9  ? 
30 O   ? E HOH .  ? A HOH 372 ? 1_555 NA ? C NA . ? A NA 201 ? 1_555 O   ? E HOH .  ? A HOH 375 ? 1_555 83.9  ? 
31 O   ? A PHE 76 ? A PHE 75  ? 1_555 NA ? D NA . ? A NA 202 ? 1_555 O   ? A GLY 97 ? A GLY 96  ? 1_555 124.2 ? 
32 O   ? A PHE 76 ? A PHE 75  ? 1_555 NA ? D NA . ? A NA 202 ? 1_555 OD2 ? A ASP 99 ? A ASP 98  ? 1_555 94.1  ? 
33 O   ? A GLY 97 ? A GLY 96  ? 1_555 NA ? D NA . ? A NA 202 ? 1_555 OD2 ? A ASP 99 ? A ASP 98  ? 1_555 83.3  ? 
34 O   ? A PHE 76 ? A PHE 75  ? 1_555 NA ? D NA . ? A NA 202 ? 1_555 O   ? E HOH .  ? A HOH 246 ? 1_555 122.4 ? 
35 O   ? A GLY 97 ? A GLY 96  ? 1_555 NA ? D NA . ? A NA 202 ? 1_555 O   ? E HOH .  ? A HOH 246 ? 1_555 112.3 ? 
36 OD2 ? A ASP 99 ? A ASP 98  ? 1_555 NA ? D NA . ? A NA 202 ? 1_555 O   ? E HOH .  ? A HOH 246 ? 1_555 81.4  ? 
37 O   ? A PHE 76 ? A PHE 75  ? 1_555 NA ? D NA . ? A NA 202 ? 1_555 O   ? E HOH .  ? A HOH 253 ? 1_555 85.3  ? 
38 O   ? A GLY 97 ? A GLY 96  ? 1_555 NA ? D NA . ? A NA 202 ? 1_555 O   ? E HOH .  ? A HOH 253 ? 1_555 94.4  ? 
39 OD2 ? A ASP 99 ? A ASP 98  ? 1_555 NA ? D NA . ? A NA 202 ? 1_555 O   ? E HOH .  ? A HOH 253 ? 1_555 176.7 ? 
40 O   ? E HOH .  ? A HOH 246 ? 1_555 NA ? D NA . ? A NA 202 ? 1_555 O   ? E HOH .  ? A HOH 253 ? 1_555 101.7 ? 
# 
_struct_mon_prot_cis.pdbx_id                1 
_struct_mon_prot_cis.label_comp_id          LYS 
_struct_mon_prot_cis.label_seq_id           104 
_struct_mon_prot_cis.label_asym_id          A 
_struct_mon_prot_cis.label_alt_id           . 
_struct_mon_prot_cis.pdbx_PDB_ins_code      ? 
_struct_mon_prot_cis.auth_comp_id           LYS 
_struct_mon_prot_cis.auth_seq_id            103 
_struct_mon_prot_cis.auth_asym_id           A 
_struct_mon_prot_cis.pdbx_label_comp_id_2   PRO 
_struct_mon_prot_cis.pdbx_label_seq_id_2    105 
_struct_mon_prot_cis.pdbx_label_asym_id_2   A 
_struct_mon_prot_cis.pdbx_PDB_ins_code_2    ? 
_struct_mon_prot_cis.pdbx_auth_comp_id_2    PRO 
_struct_mon_prot_cis.pdbx_auth_seq_id_2     104 
_struct_mon_prot_cis.pdbx_auth_asym_id_2    A 
_struct_mon_prot_cis.pdbx_PDB_model_num     1 
_struct_mon_prot_cis.pdbx_omega_angle       0.51 
# 
_struct_sheet.id               A 
_struct_sheet.type             ? 
_struct_sheet.number_strands   5 
_struct_sheet.details          ? 
# 
loop_
_struct_sheet_order.sheet_id 
_struct_sheet_order.range_id_1 
_struct_sheet_order.range_id_2 
_struct_sheet_order.offset 
_struct_sheet_order.sense 
A 1 2 ? parallel 
A 2 3 ? parallel 
A 3 4 ? parallel 
A 4 5 ? parallel 
# 
loop_
_struct_sheet_range.sheet_id 
_struct_sheet_range.id 
_struct_sheet_range.beg_label_comp_id 
_struct_sheet_range.beg_label_asym_id 
_struct_sheet_range.beg_label_seq_id 
_struct_sheet_range.pdbx_beg_PDB_ins_code 
_struct_sheet_range.end_label_comp_id 
_struct_sheet_range.end_label_asym_id 
_struct_sheet_range.end_label_seq_id 
_struct_sheet_range.pdbx_end_PDB_ins_code 
_struct_sheet_range.beg_auth_comp_id 
_struct_sheet_range.beg_auth_asym_id 
_struct_sheet_range.beg_auth_seq_id 
_struct_sheet_range.end_auth_comp_id 
_struct_sheet_range.end_auth_asym_id 
_struct_sheet_range.end_auth_seq_id 
A 1 ASP A 29  ? ALA A 33  ? ASP A 28 ALA A 32  
A 2 LYS A 5   ? VAL A 9   ? LYS A 4  VAL A 8   
A 3 LEU A 50  ? ASP A 54  ? LEU A 49 ASP A 53  
A 4 ILE A 78  ? THR A 82  ? ILE A 77 THR A 81  
A 5 ASP A 100 ? THR A 103 ? ASP A 99 THR A 102 
# 
loop_
_pdbx_struct_sheet_hbond.sheet_id 
_pdbx_struct_sheet_hbond.range_id_1 
_pdbx_struct_sheet_hbond.range_id_2 
_pdbx_struct_sheet_hbond.range_1_label_atom_id 
_pdbx_struct_sheet_hbond.range_1_label_comp_id 
_pdbx_struct_sheet_hbond.range_1_label_asym_id 
_pdbx_struct_sheet_hbond.range_1_label_seq_id 
_pdbx_struct_sheet_hbond.range_1_PDB_ins_code 
_pdbx_struct_sheet_hbond.range_1_auth_atom_id 
_pdbx_struct_sheet_hbond.range_1_auth_comp_id 
_pdbx_struct_sheet_hbond.range_1_auth_asym_id 
_pdbx_struct_sheet_hbond.range_1_auth_seq_id 
_pdbx_struct_sheet_hbond.range_2_label_atom_id 
_pdbx_struct_sheet_hbond.range_2_label_comp_id 
_pdbx_struct_sheet_hbond.range_2_label_asym_id 
_pdbx_struct_sheet_hbond.range_2_label_seq_id 
_pdbx_struct_sheet_hbond.range_2_PDB_ins_code 
_pdbx_struct_sheet_hbond.range_2_auth_atom_id 
_pdbx_struct_sheet_hbond.range_2_auth_comp_id 
_pdbx_struct_sheet_hbond.range_2_auth_asym_id 
_pdbx_struct_sheet_hbond.range_2_auth_seq_id 
A 1 2 O ASP A 29 ? O ASP A 28 N ILE A 6   ? N ILE A 5  
A 2 3 N LEU A 7  ? N LEU A 6  O VAL A 52  ? O VAL A 51 
A 3 4 N ILE A 51 ? N ILE A 50 O LEU A 79  ? O LEU A 78 
A 4 5 N MET A 80 ? N MET A 79 O ASP A 100 ? O ASP A 99 
# 
loop_
_struct_site.id 
_struct_site.pdbx_evidence_code 
_struct_site.pdbx_auth_asym_id 
_struct_site.pdbx_auth_comp_id 
_struct_site.pdbx_auth_seq_id 
_struct_site.pdbx_auth_ins_code 
_struct_site.pdbx_num_residues 
_struct_site.details 
AC1 Software A MN 200 ? 6 'BINDING SITE FOR RESIDUE MN A 200' 
AC2 Software A NA 201 ? 6 'BINDING SITE FOR RESIDUE NA A 201' 
AC3 Software A NA 202 ? 5 'BINDING SITE FOR RESIDUE NA A 202' 
# 
loop_
_struct_site_gen.id 
_struct_site_gen.site_id 
_struct_site_gen.pdbx_num_res 
_struct_site_gen.label_comp_id 
_struct_site_gen.label_asym_id 
_struct_site_gen.label_seq_id 
_struct_site_gen.pdbx_auth_ins_code 
_struct_site_gen.auth_comp_id 
_struct_site_gen.auth_asym_id 
_struct_site_gen.auth_seq_id 
_struct_site_gen.label_atom_id 
_struct_site_gen.label_alt_id 
_struct_site_gen.symmetry 
_struct_site_gen.details 
1  AC1 6 ASP A 11 ? ASP A 10  . ? 1_555 ? 
2  AC1 6 ASP A 54 ? ASP A 53  . ? 1_555 ? 
3  AC1 6 MET A 56 ? MET A 55  . ? 1_555 ? 
4  AC1 6 HOH E .  ? HOH A 214 . ? 1_555 ? 
5  AC1 6 HOH E .  ? HOH A 354 . ? 1_555 ? 
6  AC1 6 HOH E .  ? HOH A 373 . ? 1_555 ? 
7  AC2 6 GLU A 38 ? GLU A 37  . ? 1_555 ? 
8  AC2 6 HOH E .  ? HOH A 355 . ? 1_555 ? 
9  AC2 6 HOH E .  ? HOH A 356 . ? 1_555 ? 
10 AC2 6 HOH E .  ? HOH A 364 . ? 1_555 ? 
11 AC2 6 HOH E .  ? HOH A 372 . ? 1_555 ? 
12 AC2 6 HOH E .  ? HOH A 375 . ? 1_555 ? 
13 AC3 5 PHE A 76 ? PHE A 75  . ? 1_555 ? 
14 AC3 5 GLY A 97 ? GLY A 96  . ? 1_555 ? 
15 AC3 5 ASP A 99 ? ASP A 98  . ? 1_555 ? 
16 AC3 5 HOH E .  ? HOH A 246 . ? 1_555 ? 
17 AC3 5 HOH E .  ? HOH A 253 . ? 1_555 ? 
# 
loop_
_pdbx_validate_rmsd_angle.id 
_pdbx_validate_rmsd_angle.PDB_model_num 
_pdbx_validate_rmsd_angle.auth_atom_id_1 
_pdbx_validate_rmsd_angle.auth_asym_id_1 
_pdbx_validate_rmsd_angle.auth_comp_id_1 
_pdbx_validate_rmsd_angle.auth_seq_id_1 
_pdbx_validate_rmsd_angle.PDB_ins_code_1 
_pdbx_validate_rmsd_angle.label_alt_id_1 
_pdbx_validate_rmsd_angle.auth_atom_id_2 
_pdbx_validate_rmsd_angle.auth_asym_id_2 
_pdbx_validate_rmsd_angle.auth_comp_id_2 
_pdbx_validate_rmsd_angle.auth_seq_id_2 
_pdbx_validate_rmsd_angle.PDB_ins_code_2 
_pdbx_validate_rmsd_angle.label_alt_id_2 
_pdbx_validate_rmsd_angle.auth_atom_id_3 
_pdbx_validate_rmsd_angle.auth_asym_id_3 
_pdbx_validate_rmsd_angle.auth_comp_id_3 
_pdbx_validate_rmsd_angle.auth_seq_id_3 
_pdbx_validate_rmsd_angle.PDB_ins_code_3 
_pdbx_validate_rmsd_angle.label_alt_id_3 
_pdbx_validate_rmsd_angle.angle_value 
_pdbx_validate_rmsd_angle.angle_target_value 
_pdbx_validate_rmsd_angle.angle_deviation 
_pdbx_validate_rmsd_angle.angle_standard_deviation 
_pdbx_validate_rmsd_angle.linker_flag 
1 1 CB A ASP 10 ? ? CG A ASP 10 ? ? OD2 A ASP 10 ? ? 123.90 118.30 5.60 0.90 N 
2 1 CB A ASP 34 ? ? CG A ASP 34 ? ? OD2 A ASP 34 ? ? 123.99 118.30 5.69 0.90 N 
3 1 CB A ASP 48 ? ? CG A ASP 48 ? ? OD2 A ASP 48 ? ? 123.70 118.30 5.40 0.90 N 
# 
loop_
_pdbx_validate_torsion.id 
_pdbx_validate_torsion.PDB_model_num 
_pdbx_validate_torsion.auth_comp_id 
_pdbx_validate_torsion.auth_asym_id 
_pdbx_validate_torsion.auth_seq_id 
_pdbx_validate_torsion.PDB_ins_code 
_pdbx_validate_torsion.label_alt_id 
_pdbx_validate_torsion.phi 
_pdbx_validate_torsion.psi 
1 1 LYS A 58  ? ? 76.58  -59.17 
2 1 ARG A 120 ? ? -58.59 -8.56  
# 
_pdbx_SG_project.id                    1 
_pdbx_SG_project.project_name          ? 
_pdbx_SG_project.full_name_of_center   'Structural Proteomics in Europe' 
_pdbx_SG_project.initial_of_center     SPINE 
# 
loop_
_pdbx_unobs_or_zero_occ_residues.id 
_pdbx_unobs_or_zero_occ_residues.PDB_model_num 
_pdbx_unobs_or_zero_occ_residues.polymer_flag 
_pdbx_unobs_or_zero_occ_residues.occupancy_flag 
_pdbx_unobs_or_zero_occ_residues.auth_asym_id 
_pdbx_unobs_or_zero_occ_residues.auth_comp_id 
_pdbx_unobs_or_zero_occ_residues.auth_seq_id 
_pdbx_unobs_or_zero_occ_residues.PDB_ins_code 
_pdbx_unobs_or_zero_occ_residues.label_asym_id 
_pdbx_unobs_or_zero_occ_residues.label_comp_id 
_pdbx_unobs_or_zero_occ_residues.label_seq_id 
1  1 Y 1 A HIS 0   ? A HIS 1   
2  1 Y 1 A GLU 122 ? A GLU 123 
3  1 Y 1 A ILE 123 ? A ILE 124 
4  1 Y 1 A ARG 124 ? A ARG 125 
5  1 Y 1 A ALA 125 ? A ALA 126 
6  1 Y 1 A PRO 126 ? A PRO 127 
7  1 Y 1 A SER 127 ? A SER 128 
8  1 Y 1 A SER 128 ? A SER 129 
9  1 Y 1 A GLU 129 ? A GLU 130 
10 1 Y 1 A MET 130 ? A MET 131 
11 1 Y 1 A LYS 131 ? A LYS 132 
12 1 Y 1 A ASN 132 ? A ASN 133 
13 1 Y 1 A ASP 133 ? A ASP 134 
14 1 Y 1 A GLU 134 ? A GLU 135 
15 1 Y 1 A MET 135 ? A MET 136 
# 
loop_
_chem_comp_atom.comp_id 
_chem_comp_atom.atom_id 
_chem_comp_atom.type_symbol 
_chem_comp_atom.pdbx_aromatic_flag 
_chem_comp_atom.pdbx_stereo_config 
_chem_comp_atom.pdbx_ordinal 
ALA N    N  N N 1   
ALA CA   C  N S 2   
ALA C    C  N N 3   
ALA O    O  N N 4   
ALA CB   C  N N 5   
ALA OXT  O  N N 6   
ALA H    H  N N 7   
ALA H2   H  N N 8   
ALA HA   H  N N 9   
ALA HB1  H  N N 10  
ALA HB2  H  N N 11  
ALA HB3  H  N N 12  
ALA HXT  H  N N 13  
ARG N    N  N N 14  
ARG CA   C  N S 15  
ARG C    C  N N 16  
ARG O    O  N N 17  
ARG CB   C  N N 18  
ARG CG   C  N N 19  
ARG CD   C  N N 20  
ARG NE   N  N N 21  
ARG CZ   C  N N 22  
ARG NH1  N  N N 23  
ARG NH2  N  N N 24  
ARG OXT  O  N N 25  
ARG H    H  N N 26  
ARG H2   H  N N 27  
ARG HA   H  N N 28  
ARG HB2  H  N N 29  
ARG HB3  H  N N 30  
ARG HG2  H  N N 31  
ARG HG3  H  N N 32  
ARG HD2  H  N N 33  
ARG HD3  H  N N 34  
ARG HE   H  N N 35  
ARG HH11 H  N N 36  
ARG HH12 H  N N 37  
ARG HH21 H  N N 38  
ARG HH22 H  N N 39  
ARG HXT  H  N N 40  
ASN N    N  N N 41  
ASN CA   C  N S 42  
ASN C    C  N N 43  
ASN O    O  N N 44  
ASN CB   C  N N 45  
ASN CG   C  N N 46  
ASN OD1  O  N N 47  
ASN ND2  N  N N 48  
ASN OXT  O  N N 49  
ASN H    H  N N 50  
ASN H2   H  N N 51  
ASN HA   H  N N 52  
ASN HB2  H  N N 53  
ASN HB3  H  N N 54  
ASN HD21 H  N N 55  
ASN HD22 H  N N 56  
ASN HXT  H  N N 57  
ASP N    N  N N 58  
ASP CA   C  N S 59  
ASP C    C  N N 60  
ASP O    O  N N 61  
ASP CB   C  N N 62  
ASP CG   C  N N 63  
ASP OD1  O  N N 64  
ASP OD2  O  N N 65  
ASP OXT  O  N N 66  
ASP H    H  N N 67  
ASP H2   H  N N 68  
ASP HA   H  N N 69  
ASP HB2  H  N N 70  
ASP HB3  H  N N 71  
ASP HD2  H  N N 72  
ASP HXT  H  N N 73  
CYS N    N  N N 74  
CYS CA   C  N R 75  
CYS C    C  N N 76  
CYS O    O  N N 77  
CYS CB   C  N N 78  
CYS SG   S  N N 79  
CYS OXT  O  N N 80  
CYS H    H  N N 81  
CYS H2   H  N N 82  
CYS HA   H  N N 83  
CYS HB2  H  N N 84  
CYS HB3  H  N N 85  
CYS HG   H  N N 86  
CYS HXT  H  N N 87  
GLN N    N  N N 88  
GLN CA   C  N S 89  
GLN C    C  N N 90  
GLN O    O  N N 91  
GLN CB   C  N N 92  
GLN CG   C  N N 93  
GLN CD   C  N N 94  
GLN OE1  O  N N 95  
GLN NE2  N  N N 96  
GLN OXT  O  N N 97  
GLN H    H  N N 98  
GLN H2   H  N N 99  
GLN HA   H  N N 100 
GLN HB2  H  N N 101 
GLN HB3  H  N N 102 
GLN HG2  H  N N 103 
GLN HG3  H  N N 104 
GLN HE21 H  N N 105 
GLN HE22 H  N N 106 
GLN HXT  H  N N 107 
GLU N    N  N N 108 
GLU CA   C  N S 109 
GLU C    C  N N 110 
GLU O    O  N N 111 
GLU CB   C  N N 112 
GLU CG   C  N N 113 
GLU CD   C  N N 114 
GLU OE1  O  N N 115 
GLU OE2  O  N N 116 
GLU OXT  O  N N 117 
GLU H    H  N N 118 
GLU H2   H  N N 119 
GLU HA   H  N N 120 
GLU HB2  H  N N 121 
GLU HB3  H  N N 122 
GLU HG2  H  N N 123 
GLU HG3  H  N N 124 
GLU HE2  H  N N 125 
GLU HXT  H  N N 126 
GLY N    N  N N 127 
GLY CA   C  N N 128 
GLY C    C  N N 129 
GLY O    O  N N 130 
GLY OXT  O  N N 131 
GLY H    H  N N 132 
GLY H2   H  N N 133 
GLY HA2  H  N N 134 
GLY HA3  H  N N 135 
GLY HXT  H  N N 136 
HIS N    N  N N 137 
HIS CA   C  N S 138 
HIS C    C  N N 139 
HIS O    O  N N 140 
HIS CB   C  N N 141 
HIS CG   C  Y N 142 
HIS ND1  N  Y N 143 
HIS CD2  C  Y N 144 
HIS CE1  C  Y N 145 
HIS NE2  N  Y N 146 
HIS OXT  O  N N 147 
HIS H    H  N N 148 
HIS H2   H  N N 149 
HIS HA   H  N N 150 
HIS HB2  H  N N 151 
HIS HB3  H  N N 152 
HIS HD1  H  N N 153 
HIS HD2  H  N N 154 
HIS HE1  H  N N 155 
HIS HE2  H  N N 156 
HIS HXT  H  N N 157 
HOH O    O  N N 158 
HOH H1   H  N N 159 
HOH H2   H  N N 160 
ILE N    N  N N 161 
ILE CA   C  N S 162 
ILE C    C  N N 163 
ILE O    O  N N 164 
ILE CB   C  N S 165 
ILE CG1  C  N N 166 
ILE CG2  C  N N 167 
ILE CD1  C  N N 168 
ILE OXT  O  N N 169 
ILE H    H  N N 170 
ILE H2   H  N N 171 
ILE HA   H  N N 172 
ILE HB   H  N N 173 
ILE HG12 H  N N 174 
ILE HG13 H  N N 175 
ILE HG21 H  N N 176 
ILE HG22 H  N N 177 
ILE HG23 H  N N 178 
ILE HD11 H  N N 179 
ILE HD12 H  N N 180 
ILE HD13 H  N N 181 
ILE HXT  H  N N 182 
LEU N    N  N N 183 
LEU CA   C  N S 184 
LEU C    C  N N 185 
LEU O    O  N N 186 
LEU CB   C  N N 187 
LEU CG   C  N N 188 
LEU CD1  C  N N 189 
LEU CD2  C  N N 190 
LEU OXT  O  N N 191 
LEU H    H  N N 192 
LEU H2   H  N N 193 
LEU HA   H  N N 194 
LEU HB2  H  N N 195 
LEU HB3  H  N N 196 
LEU HG   H  N N 197 
LEU HD11 H  N N 198 
LEU HD12 H  N N 199 
LEU HD13 H  N N 200 
LEU HD21 H  N N 201 
LEU HD22 H  N N 202 
LEU HD23 H  N N 203 
LEU HXT  H  N N 204 
LYS N    N  N N 205 
LYS CA   C  N S 206 
LYS C    C  N N 207 
LYS O    O  N N 208 
LYS CB   C  N N 209 
LYS CG   C  N N 210 
LYS CD   C  N N 211 
LYS CE   C  N N 212 
LYS NZ   N  N N 213 
LYS OXT  O  N N 214 
LYS H    H  N N 215 
LYS H2   H  N N 216 
LYS HA   H  N N 217 
LYS HB2  H  N N 218 
LYS HB3  H  N N 219 
LYS HG2  H  N N 220 
LYS HG3  H  N N 221 
LYS HD2  H  N N 222 
LYS HD3  H  N N 223 
LYS HE2  H  N N 224 
LYS HE3  H  N N 225 
LYS HZ1  H  N N 226 
LYS HZ2  H  N N 227 
LYS HZ3  H  N N 228 
LYS HXT  H  N N 229 
MET N    N  N N 230 
MET CA   C  N S 231 
MET C    C  N N 232 
MET O    O  N N 233 
MET CB   C  N N 234 
MET CG   C  N N 235 
MET SD   S  N N 236 
MET CE   C  N N 237 
MET OXT  O  N N 238 
MET H    H  N N 239 
MET H2   H  N N 240 
MET HA   H  N N 241 
MET HB2  H  N N 242 
MET HB3  H  N N 243 
MET HG2  H  N N 244 
MET HG3  H  N N 245 
MET HE1  H  N N 246 
MET HE2  H  N N 247 
MET HE3  H  N N 248 
MET HXT  H  N N 249 
MN  MN   MN N N 250 
NA  NA   NA N N 251 
PHE N    N  N N 252 
PHE CA   C  N S 253 
PHE C    C  N N 254 
PHE O    O  N N 255 
PHE CB   C  N N 256 
PHE CG   C  Y N 257 
PHE CD1  C  Y N 258 
PHE CD2  C  Y N 259 
PHE CE1  C  Y N 260 
PHE CE2  C  Y N 261 
PHE CZ   C  Y N 262 
PHE OXT  O  N N 263 
PHE H    H  N N 264 
PHE H2   H  N N 265 
PHE HA   H  N N 266 
PHE HB2  H  N N 267 
PHE HB3  H  N N 268 
PHE HD1  H  N N 269 
PHE HD2  H  N N 270 
PHE HE1  H  N N 271 
PHE HE2  H  N N 272 
PHE HZ   H  N N 273 
PHE HXT  H  N N 274 
PRO N    N  N N 275 
PRO CA   C  N S 276 
PRO C    C  N N 277 
PRO O    O  N N 278 
PRO CB   C  N N 279 
PRO CG   C  N N 280 
PRO CD   C  N N 281 
PRO OXT  O  N N 282 
PRO H    H  N N 283 
PRO HA   H  N N 284 
PRO HB2  H  N N 285 
PRO HB3  H  N N 286 
PRO HG2  H  N N 287 
PRO HG3  H  N N 288 
PRO HD2  H  N N 289 
PRO HD3  H  N N 290 
PRO HXT  H  N N 291 
SER N    N  N N 292 
SER CA   C  N S 293 
SER C    C  N N 294 
SER O    O  N N 295 
SER CB   C  N N 296 
SER OG   O  N N 297 
SER OXT  O  N N 298 
SER H    H  N N 299 
SER H2   H  N N 300 
SER HA   H  N N 301 
SER HB2  H  N N 302 
SER HB3  H  N N 303 
SER HG   H  N N 304 
SER HXT  H  N N 305 
THR N    N  N N 306 
THR CA   C  N S 307 
THR C    C  N N 308 
THR O    O  N N 309 
THR CB   C  N R 310 
THR OG1  O  N N 311 
THR CG2  C  N N 312 
THR OXT  O  N N 313 
THR H    H  N N 314 
THR H2   H  N N 315 
THR HA   H  N N 316 
THR HB   H  N N 317 
THR HG1  H  N N 318 
THR HG21 H  N N 319 
THR HG22 H  N N 320 
THR HG23 H  N N 321 
THR HXT  H  N N 322 
TYR N    N  N N 323 
TYR CA   C  N S 324 
TYR C    C  N N 325 
TYR O    O  N N 326 
TYR CB   C  N N 327 
TYR CG   C  Y N 328 
TYR CD1  C  Y N 329 
TYR CD2  C  Y N 330 
TYR CE1  C  Y N 331 
TYR CE2  C  Y N 332 
TYR CZ   C  Y N 333 
TYR OH   O  N N 334 
TYR OXT  O  N N 335 
TYR H    H  N N 336 
TYR H2   H  N N 337 
TYR HA   H  N N 338 
TYR HB2  H  N N 339 
TYR HB3  H  N N 340 
TYR HD1  H  N N 341 
TYR HD2  H  N N 342 
TYR HE1  H  N N 343 
TYR HE2  H  N N 344 
TYR HH   H  N N 345 
TYR HXT  H  N N 346 
VAL N    N  N N 347 
VAL CA   C  N S 348 
VAL C    C  N N 349 
VAL O    O  N N 350 
VAL CB   C  N N 351 
VAL CG1  C  N N 352 
VAL CG2  C  N N 353 
VAL OXT  O  N N 354 
VAL H    H  N N 355 
VAL H2   H  N N 356 
VAL HA   H  N N 357 
VAL HB   H  N N 358 
VAL HG11 H  N N 359 
VAL HG12 H  N N 360 
VAL HG13 H  N N 361 
VAL HG21 H  N N 362 
VAL HG22 H  N N 363 
VAL HG23 H  N N 364 
VAL HXT  H  N N 365 
# 
loop_
_chem_comp_bond.comp_id 
_chem_comp_bond.atom_id_1 
_chem_comp_bond.atom_id_2 
_chem_comp_bond.value_order 
_chem_comp_bond.pdbx_aromatic_flag 
_chem_comp_bond.pdbx_stereo_config 
_chem_comp_bond.pdbx_ordinal 
ALA N   CA   sing N N 1   
ALA N   H    sing N N 2   
ALA N   H2   sing N N 3   
ALA CA  C    sing N N 4   
ALA CA  CB   sing N N 5   
ALA CA  HA   sing N N 6   
ALA C   O    doub N N 7   
ALA C   OXT  sing N N 8   
ALA CB  HB1  sing N N 9   
ALA CB  HB2  sing N N 10  
ALA CB  HB3  sing N N 11  
ALA OXT HXT  sing N N 12  
ARG N   CA   sing N N 13  
ARG N   H    sing N N 14  
ARG N   H2   sing N N 15  
ARG CA  C    sing N N 16  
ARG CA  CB   sing N N 17  
ARG CA  HA   sing N N 18  
ARG C   O    doub N N 19  
ARG C   OXT  sing N N 20  
ARG CB  CG   sing N N 21  
ARG CB  HB2  sing N N 22  
ARG CB  HB3  sing N N 23  
ARG CG  CD   sing N N 24  
ARG CG  HG2  sing N N 25  
ARG CG  HG3  sing N N 26  
ARG CD  NE   sing N N 27  
ARG CD  HD2  sing N N 28  
ARG CD  HD3  sing N N 29  
ARG NE  CZ   sing N N 30  
ARG NE  HE   sing N N 31  
ARG CZ  NH1  sing N N 32  
ARG CZ  NH2  doub N N 33  
ARG NH1 HH11 sing N N 34  
ARG NH1 HH12 sing N N 35  
ARG NH2 HH21 sing N N 36  
ARG NH2 HH22 sing N N 37  
ARG OXT HXT  sing N N 38  
ASN N   CA   sing N N 39  
ASN N   H    sing N N 40  
ASN N   H2   sing N N 41  
ASN CA  C    sing N N 42  
ASN CA  CB   sing N N 43  
ASN CA  HA   sing N N 44  
ASN C   O    doub N N 45  
ASN C   OXT  sing N N 46  
ASN CB  CG   sing N N 47  
ASN CB  HB2  sing N N 48  
ASN CB  HB3  sing N N 49  
ASN CG  OD1  doub N N 50  
ASN CG  ND2  sing N N 51  
ASN ND2 HD21 sing N N 52  
ASN ND2 HD22 sing N N 53  
ASN OXT HXT  sing N N 54  
ASP N   CA   sing N N 55  
ASP N   H    sing N N 56  
ASP N   H2   sing N N 57  
ASP CA  C    sing N N 58  
ASP CA  CB   sing N N 59  
ASP CA  HA   sing N N 60  
ASP C   O    doub N N 61  
ASP C   OXT  sing N N 62  
ASP CB  CG   sing N N 63  
ASP CB  HB2  sing N N 64  
ASP CB  HB3  sing N N 65  
ASP CG  OD1  doub N N 66  
ASP CG  OD2  sing N N 67  
ASP OD2 HD2  sing N N 68  
ASP OXT HXT  sing N N 69  
CYS N   CA   sing N N 70  
CYS N   H    sing N N 71  
CYS N   H2   sing N N 72  
CYS CA  C    sing N N 73  
CYS CA  CB   sing N N 74  
CYS CA  HA   sing N N 75  
CYS C   O    doub N N 76  
CYS C   OXT  sing N N 77  
CYS CB  SG   sing N N 78  
CYS CB  HB2  sing N N 79  
CYS CB  HB3  sing N N 80  
CYS SG  HG   sing N N 81  
CYS OXT HXT  sing N N 82  
GLN N   CA   sing N N 83  
GLN N   H    sing N N 84  
GLN N   H2   sing N N 85  
GLN CA  C    sing N N 86  
GLN CA  CB   sing N N 87  
GLN CA  HA   sing N N 88  
GLN C   O    doub N N 89  
GLN C   OXT  sing N N 90  
GLN CB  CG   sing N N 91  
GLN CB  HB2  sing N N 92  
GLN CB  HB3  sing N N 93  
GLN CG  CD   sing N N 94  
GLN CG  HG2  sing N N 95  
GLN CG  HG3  sing N N 96  
GLN CD  OE1  doub N N 97  
GLN CD  NE2  sing N N 98  
GLN NE2 HE21 sing N N 99  
GLN NE2 HE22 sing N N 100 
GLN OXT HXT  sing N N 101 
GLU N   CA   sing N N 102 
GLU N   H    sing N N 103 
GLU N   H2   sing N N 104 
GLU CA  C    sing N N 105 
GLU CA  CB   sing N N 106 
GLU CA  HA   sing N N 107 
GLU C   O    doub N N 108 
GLU C   OXT  sing N N 109 
GLU CB  CG   sing N N 110 
GLU CB  HB2  sing N N 111 
GLU CB  HB3  sing N N 112 
GLU CG  CD   sing N N 113 
GLU CG  HG2  sing N N 114 
GLU CG  HG3  sing N N 115 
GLU CD  OE1  doub N N 116 
GLU CD  OE2  sing N N 117 
GLU OE2 HE2  sing N N 118 
GLU OXT HXT  sing N N 119 
GLY N   CA   sing N N 120 
GLY N   H    sing N N 121 
GLY N   H2   sing N N 122 
GLY CA  C    sing N N 123 
GLY CA  HA2  sing N N 124 
GLY CA  HA3  sing N N 125 
GLY C   O    doub N N 126 
GLY C   OXT  sing N N 127 
GLY OXT HXT  sing N N 128 
HIS N   CA   sing N N 129 
HIS N   H    sing N N 130 
HIS N   H2   sing N N 131 
HIS CA  C    sing N N 132 
HIS CA  CB   sing N N 133 
HIS CA  HA   sing N N 134 
HIS C   O    doub N N 135 
HIS C   OXT  sing N N 136 
HIS CB  CG   sing N N 137 
HIS CB  HB2  sing N N 138 
HIS CB  HB3  sing N N 139 
HIS CG  ND1  sing Y N 140 
HIS CG  CD2  doub Y N 141 
HIS ND1 CE1  doub Y N 142 
HIS ND1 HD1  sing N N 143 
HIS CD2 NE2  sing Y N 144 
HIS CD2 HD2  sing N N 145 
HIS CE1 NE2  sing Y N 146 
HIS CE1 HE1  sing N N 147 
HIS NE2 HE2  sing N N 148 
HIS OXT HXT  sing N N 149 
HOH O   H1   sing N N 150 
HOH O   H2   sing N N 151 
ILE N   CA   sing N N 152 
ILE N   H    sing N N 153 
ILE N   H2   sing N N 154 
ILE CA  C    sing N N 155 
ILE CA  CB   sing N N 156 
ILE CA  HA   sing N N 157 
ILE C   O    doub N N 158 
ILE C   OXT  sing N N 159 
ILE CB  CG1  sing N N 160 
ILE CB  CG2  sing N N 161 
ILE CB  HB   sing N N 162 
ILE CG1 CD1  sing N N 163 
ILE CG1 HG12 sing N N 164 
ILE CG1 HG13 sing N N 165 
ILE CG2 HG21 sing N N 166 
ILE CG2 HG22 sing N N 167 
ILE CG2 HG23 sing N N 168 
ILE CD1 HD11 sing N N 169 
ILE CD1 HD12 sing N N 170 
ILE CD1 HD13 sing N N 171 
ILE OXT HXT  sing N N 172 
LEU N   CA   sing N N 173 
LEU N   H    sing N N 174 
LEU N   H2   sing N N 175 
LEU CA  C    sing N N 176 
LEU CA  CB   sing N N 177 
LEU CA  HA   sing N N 178 
LEU C   O    doub N N 179 
LEU C   OXT  sing N N 180 
LEU CB  CG   sing N N 181 
LEU CB  HB2  sing N N 182 
LEU CB  HB3  sing N N 183 
LEU CG  CD1  sing N N 184 
LEU CG  CD2  sing N N 185 
LEU CG  HG   sing N N 186 
LEU CD1 HD11 sing N N 187 
LEU CD1 HD12 sing N N 188 
LEU CD1 HD13 sing N N 189 
LEU CD2 HD21 sing N N 190 
LEU CD2 HD22 sing N N 191 
LEU CD2 HD23 sing N N 192 
LEU OXT HXT  sing N N 193 
LYS N   CA   sing N N 194 
LYS N   H    sing N N 195 
LYS N   H2   sing N N 196 
LYS CA  C    sing N N 197 
LYS CA  CB   sing N N 198 
LYS CA  HA   sing N N 199 
LYS C   O    doub N N 200 
LYS C   OXT  sing N N 201 
LYS CB  CG   sing N N 202 
LYS CB  HB2  sing N N 203 
LYS CB  HB3  sing N N 204 
LYS CG  CD   sing N N 205 
LYS CG  HG2  sing N N 206 
LYS CG  HG3  sing N N 207 
LYS CD  CE   sing N N 208 
LYS CD  HD2  sing N N 209 
LYS CD  HD3  sing N N 210 
LYS CE  NZ   sing N N 211 
LYS CE  HE2  sing N N 212 
LYS CE  HE3  sing N N 213 
LYS NZ  HZ1  sing N N 214 
LYS NZ  HZ2  sing N N 215 
LYS NZ  HZ3  sing N N 216 
LYS OXT HXT  sing N N 217 
MET N   CA   sing N N 218 
MET N   H    sing N N 219 
MET N   H2   sing N N 220 
MET CA  C    sing N N 221 
MET CA  CB   sing N N 222 
MET CA  HA   sing N N 223 
MET C   O    doub N N 224 
MET C   OXT  sing N N 225 
MET CB  CG   sing N N 226 
MET CB  HB2  sing N N 227 
MET CB  HB3  sing N N 228 
MET CG  SD   sing N N 229 
MET CG  HG2  sing N N 230 
MET CG  HG3  sing N N 231 
MET SD  CE   sing N N 232 
MET CE  HE1  sing N N 233 
MET CE  HE2  sing N N 234 
MET CE  HE3  sing N N 235 
MET OXT HXT  sing N N 236 
PHE N   CA   sing N N 237 
PHE N   H    sing N N 238 
PHE N   H2   sing N N 239 
PHE CA  C    sing N N 240 
PHE CA  CB   sing N N 241 
PHE CA  HA   sing N N 242 
PHE C   O    doub N N 243 
PHE C   OXT  sing N N 244 
PHE CB  CG   sing N N 245 
PHE CB  HB2  sing N N 246 
PHE CB  HB3  sing N N 247 
PHE CG  CD1  doub Y N 248 
PHE CG  CD2  sing Y N 249 
PHE CD1 CE1  sing Y N 250 
PHE CD1 HD1  sing N N 251 
PHE CD2 CE2  doub Y N 252 
PHE CD2 HD2  sing N N 253 
PHE CE1 CZ   doub Y N 254 
PHE CE1 HE1  sing N N 255 
PHE CE2 CZ   sing Y N 256 
PHE CE2 HE2  sing N N 257 
PHE CZ  HZ   sing N N 258 
PHE OXT HXT  sing N N 259 
PRO N   CA   sing N N 260 
PRO N   CD   sing N N 261 
PRO N   H    sing N N 262 
PRO CA  C    sing N N 263 
PRO CA  CB   sing N N 264 
PRO CA  HA   sing N N 265 
PRO C   O    doub N N 266 
PRO C   OXT  sing N N 267 
PRO CB  CG   sing N N 268 
PRO CB  HB2  sing N N 269 
PRO CB  HB3  sing N N 270 
PRO CG  CD   sing N N 271 
PRO CG  HG2  sing N N 272 
PRO CG  HG3  sing N N 273 
PRO CD  HD2  sing N N 274 
PRO CD  HD3  sing N N 275 
PRO OXT HXT  sing N N 276 
SER N   CA   sing N N 277 
SER N   H    sing N N 278 
SER N   H2   sing N N 279 
SER CA  C    sing N N 280 
SER CA  CB   sing N N 281 
SER CA  HA   sing N N 282 
SER C   O    doub N N 283 
SER C   OXT  sing N N 284 
SER CB  OG   sing N N 285 
SER CB  HB2  sing N N 286 
SER CB  HB3  sing N N 287 
SER OG  HG   sing N N 288 
SER OXT HXT  sing N N 289 
THR N   CA   sing N N 290 
THR N   H    sing N N 291 
THR N   H2   sing N N 292 
THR CA  C    sing N N 293 
THR CA  CB   sing N N 294 
THR CA  HA   sing N N 295 
THR C   O    doub N N 296 
THR C   OXT  sing N N 297 
THR CB  OG1  sing N N 298 
THR CB  CG2  sing N N 299 
THR CB  HB   sing N N 300 
THR OG1 HG1  sing N N 301 
THR CG2 HG21 sing N N 302 
THR CG2 HG22 sing N N 303 
THR CG2 HG23 sing N N 304 
THR OXT HXT  sing N N 305 
TYR N   CA   sing N N 306 
TYR N   H    sing N N 307 
TYR N   H2   sing N N 308 
TYR CA  C    sing N N 309 
TYR CA  CB   sing N N 310 
TYR CA  HA   sing N N 311 
TYR C   O    doub N N 312 
TYR C   OXT  sing N N 313 
TYR CB  CG   sing N N 314 
TYR CB  HB2  sing N N 315 
TYR CB  HB3  sing N N 316 
TYR CG  CD1  doub Y N 317 
TYR CG  CD2  sing Y N 318 
TYR CD1 CE1  sing Y N 319 
TYR CD1 HD1  sing N N 320 
TYR CD2 CE2  doub Y N 321 
TYR CD2 HD2  sing N N 322 
TYR CE1 CZ   doub Y N 323 
TYR CE1 HE1  sing N N 324 
TYR CE2 CZ   sing Y N 325 
TYR CE2 HE2  sing N N 326 
TYR CZ  OH   sing N N 327 
TYR OH  HH   sing N N 328 
TYR OXT HXT  sing N N 329 
VAL N   CA   sing N N 330 
VAL N   H    sing N N 331 
VAL N   H2   sing N N 332 
VAL CA  C    sing N N 333 
VAL CA  CB   sing N N 334 
VAL CA  HA   sing N N 335 
VAL C   O    doub N N 336 
VAL C   OXT  sing N N 337 
VAL CB  CG1  sing N N 338 
VAL CB  CG2  sing N N 339 
VAL CB  HB   sing N N 340 
VAL CG1 HG11 sing N N 341 
VAL CG1 HG12 sing N N 342 
VAL CG1 HG13 sing N N 343 
VAL CG2 HG21 sing N N 344 
VAL CG2 HG22 sing N N 345 
VAL CG2 HG23 sing N N 346 
VAL OXT HXT  sing N N 347 
# 
_pdbx_initial_refinement_model.accession_code   ? 
_pdbx_initial_refinement_model.id               1 
_pdbx_initial_refinement_model.entity_id_list   ? 
_pdbx_initial_refinement_model.type             'experimental model' 
_pdbx_initial_refinement_model.source_name      Other 
_pdbx_initial_refinement_model.details          'Metal-free PhoPN structure solved by MAD' 
# 
_atom_sites.entry_id                    1MVO 
_atom_sites.fract_transf_matrix[1][1]   -0.00376424 
_atom_sites.fract_transf_matrix[1][2]   0.01114206 
_atom_sites.fract_transf_matrix[1][3]   -0.01845046 
_atom_sites.fract_transf_matrix[2][1]   0.00324170 
_atom_sites.fract_transf_matrix[2][2]   0.01880934 
_atom_sites.fract_transf_matrix[2][3]   0.01069741 
_atom_sites.fract_transf_matrix[3][1]   0.00722428 
_atom_sites.fract_transf_matrix[3][2]   -0.00030282 
_atom_sites.fract_transf_matrix[3][3]   -0.00165676 
_atom_sites.fract_transf_vector[1]      0.357788 
_atom_sites.fract_transf_vector[2]      0.555211 
_atom_sites.fract_transf_vector[3]      0.365554 
# 
loop_
_atom_type.symbol 
C  
MN 
N  
NA 
O  
S  
# 
loop_
_atom_site.group_PDB 
_atom_site.id 
_atom_site.type_symbol 
_atom_site.label_atom_id 
_atom_site.label_alt_id 
_atom_site.label_comp_id 
_atom_site.label_asym_id 
_atom_site.label_entity_id 
_atom_site.label_seq_id 
_atom_site.pdbx_PDB_ins_code 
_atom_site.Cartn_x 
_atom_site.Cartn_y 
_atom_site.Cartn_z 
_atom_site.occupancy 
_atom_site.B_iso_or_equiv 
_atom_site.pdbx_formal_charge 
_atom_site.auth_seq_id 
_atom_site.auth_comp_id 
_atom_site.auth_asym_id 
_atom_site.auth_atom_id 
_atom_site.pdbx_PDB_model_num 
ATOM   1    N  N   . MET A 1 2   ? -9.993  -18.645 3.456   1.00 32.29 ? 1   MET A N   1 
ATOM   2    C  CA  . MET A 1 2   ? -9.052  -18.164 2.376   1.00 31.55 ? 1   MET A CA  1 
ATOM   3    C  C   . MET A 1 2   ? -8.149  -16.996 2.797   1.00 29.88 ? 1   MET A C   1 
ATOM   4    O  O   . MET A 1 2   ? -8.509  -16.184 3.641   1.00 31.28 ? 1   MET A O   1 
ATOM   5    C  CB  . MET A 1 2   ? -9.838  -17.764 1.131   1.00 31.88 ? 1   MET A CB  1 
ATOM   6    N  N   . ASN A 1 3   ? -6.925  -17.005 2.278   1.00 27.74 ? 2   ASN A N   1 
ATOM   7    C  CA  . ASN A 1 3   ? -6.001  -15.875 2.344   1.00 24.60 ? 2   ASN A CA  1 
ATOM   8    C  C   . ASN A 1 3   ? -6.551  -14.477 2.072   1.00 22.68 ? 2   ASN A C   1 
ATOM   9    O  O   . ASN A 1 3   ? -7.327  -14.255 1.158   1.00 22.77 ? 2   ASN A O   1 
ATOM   10   C  CB  . ASN A 1 3   ? -4.871  -16.081 1.331   1.00 24.05 ? 2   ASN A CB  1 
ATOM   11   C  CG  . ASN A 1 3   ? -4.026  -17.306 1.644   1.00 26.29 ? 2   ASN A CG  1 
ATOM   12   O  OD1 . ASN A 1 3   ? -4.258  -17.994 2.644   1.00 26.13 ? 2   ASN A OD1 1 
ATOM   13   N  ND2 . ASN A 1 3   ? -3.024  -17.573 0.797   1.00 29.05 ? 2   ASN A ND2 1 
ATOM   14   N  N   . LYS A 1 4   ? -6.088  -13.542 2.879   1.00 20.08 ? 3   LYS A N   1 
ATOM   15   C  CA  . LYS A 1 4   ? -6.328  -12.129 2.590   1.00 18.75 ? 3   LYS A CA  1 
ATOM   16   C  C   . LYS A 1 4   ? -5.457  -11.739 1.407   1.00 18.19 ? 3   LYS A C   1 
ATOM   17   O  O   . LYS A 1 4   ? -4.375  -12.286 1.218   1.00 18.67 ? 3   LYS A O   1 
ATOM   18   C  CB  . LYS A 1 4   ? -5.989  -11.290 3.820   1.00 19.22 ? 3   LYS A CB  1 
ATOM   19   C  CG  . LYS A 1 4   ? -6.923  -11.539 4.985   1.00 22.59 ? 3   LYS A CG  1 
ATOM   20   C  CD  . LYS A 1 4   ? -8.251  -10.868 4.788   1.00 26.43 ? 3   LYS A CD  1 
ATOM   21   C  CE  . LYS A 1 4   ? -9.262  -11.226 5.879   1.00 29.94 ? 3   LYS A CE  1 
ATOM   22   N  NZ  . LYS A 1 4   ? -10.556 -10.487 5.668   1.00 33.23 ? 3   LYS A NZ  1 
ATOM   23   N  N   . LYS A 1 5   ? -5.913  -10.767 0.613   1.00 16.49 ? 4   LYS A N   1 
ATOM   24   C  CA  . LYS A 1 5   ? -5.195  -10.366 -0.603  1.00 16.12 ? 4   LYS A CA  1 
ATOM   25   C  C   . LYS A 1 5   ? -4.625  -8.957  -0.436  1.00 15.24 ? 4   LYS A C   1 
ATOM   26   O  O   . LYS A 1 5   ? -5.329  -8.047  -0.064  1.00 16.16 ? 4   LYS A O   1 
ATOM   27   C  CB  . LYS A 1 5   ? -6.163  -10.376 -1.772  1.00 17.75 ? 4   LYS A CB  1 
ATOM   28   C  CG  . LYS A 1 5   ? -5.562  -9.922  -3.078  1.00 20.22 ? 4   LYS A CG  1 
ATOM   29   C  CD  . LYS A 1 5   ? -6.587  -9.848  -4.213  1.00 24.86 ? 4   LYS A CD  1 
ATOM   30   C  CE  . LYS A 1 5   ? -7.370  -11.113 -4.421  1.00 28.66 ? 4   LYS A CE  1 
ATOM   31   N  NZ  . LYS A 1 5   ? -8.168  -10.931 -5.685  1.00 29.87 ? 4   LYS A NZ  1 
ATOM   32   N  N   . ILE A 1 6   ? -3.349  -8.812  -0.670  1.00 13.25 ? 5   ILE A N   1 
ATOM   33   C  CA  . ILE A 1 6   ? -2.671  -7.521  -0.538  1.00 13.28 ? 5   ILE A CA  1 
ATOM   34   C  C   . ILE A 1 6   ? -2.211  -7.021  -1.902  1.00 12.47 ? 5   ILE A C   1 
ATOM   35   O  O   . ILE A 1 6   ? -1.555  -7.755  -2.647  1.00 13.49 ? 5   ILE A O   1 
ATOM   36   C  CB  . ILE A 1 6   ? -1.468  -7.663  0.397   1.00 13.21 ? 5   ILE A CB  1 
ATOM   37   C  CG1 . ILE A 1 6   ? -1.901  -8.275  1.749   1.00 17.34 ? 5   ILE A CG1 1 
ATOM   38   C  CG2 . ILE A 1 6   ? -0.810  -6.315  0.569   1.00 12.87 ? 5   ILE A CG2 1 
ATOM   39   C  CD1 . ILE A 1 6   ? -0.817  -8.567  2.683   1.00 20.56 ? 5   ILE A CD1 1 
ATOM   40   N  N   . LEU A 1 7   ? -2.550  -5.759  -2.223  1.00 11.91 ? 6   LEU A N   1 
ATOM   41   C  CA  . LEU A 1 7   ? -2.081  -5.087  -3.436  1.00 11.85 ? 6   LEU A CA  1 
ATOM   42   C  C   . LEU A 1 7   ? -0.822  -4.277  -3.033  1.00 12.19 ? 6   LEU A C   1 
ATOM   43   O  O   . LEU A 1 7   ? -0.901  -3.416  -2.154  1.00 13.22 ? 6   LEU A O   1 
ATOM   44   C  CB  . LEU A 1 7   ? -3.173  -4.200  -3.973  1.00 12.37 ? 6   LEU A CB  1 
ATOM   45   C  CG  . LEU A 1 7   ? -2.751  -3.268  -5.085  1.00 11.64 ? 6   LEU A CG  1 
ATOM   46   C  CD1 . LEU A 1 7   ? -2.182  -3.984  -6.279  1.00 13.10 ? 6   LEU A CD1 1 
ATOM   47   C  CD2 . LEU A 1 7   ? -3.887  -2.395  -5.503  1.00 12.70 ? 6   LEU A CD2 1 
ATOM   48   N  N   . VAL A 1 8   ? 0.297   -4.609  -3.625  1.00 12.13 ? 7   VAL A N   1 
ATOM   49   C  CA  . VAL A 1 8   ? 1.568   -3.948  -3.331  1.00 13.04 ? 7   VAL A CA  1 
ATOM   50   C  C   . VAL A 1 8   ? 1.924   -3.083  -4.500  1.00 13.45 ? 7   VAL A C   1 
ATOM   51   O  O   . VAL A 1 8   ? 1.992   -3.563  -5.640  1.00 13.75 ? 7   VAL A O   1 
ATOM   52   C  CB  . VAL A 1 8   ? 2.642   -5.006  -3.047  1.00 14.71 ? 7   VAL A CB  1 
ATOM   53   C  CG1 . VAL A 1 8   ? 3.994   -4.432  -2.984  1.00 18.02 ? 7   VAL A CG1 1 
ATOM   54   C  CG2 . VAL A 1 8   ? 2.261   -5.787  -1.770  1.00 14.33 ? 7   VAL A CG2 1 
ATOM   55   N  N   . VAL A 1 9   ? 2.216   -1.795  -4.217  1.00 12.44 ? 8   VAL A N   1 
ATOM   56   C  CA  . VAL A 1 9   ? 2.452   -0.792  -5.274  1.00 13.76 ? 8   VAL A CA  1 
ATOM   57   C  C   . VAL A 1 9   ? 3.695   0.038   -5.018  1.00 14.00 ? 8   VAL A C   1 
ATOM   58   O  O   . VAL A 1 9   ? 3.766   0.768   -4.041  1.00 14.27 ? 8   VAL A O   1 
ATOM   59   C  CB  . VAL A 1 9   ? 1.269   0.185   -5.308  1.00 13.90 ? 8   VAL A CB  1 
ATOM   60   C  CG1 . VAL A 1 9   ? 1.370   1.107   -6.490  1.00 14.52 ? 8   VAL A CG1 1 
ATOM   61   C  CG2 . VAL A 1 9   ? -0.028  -0.554  -5.303  1.00 13.93 ? 8   VAL A CG2 1 
ATOM   62   N  N   . ASP A 1 10  ? 4.720   -0.150  -5.856  1.00 14.31 ? 9   ASP A N   1 
ATOM   63   C  CA  . ASP A 1 10  ? 5.947   0.610   -5.759  1.00 15.47 ? 9   ASP A CA  1 
ATOM   64   C  C   . ASP A 1 10  ? 6.587   0.581   -7.142  1.00 16.09 ? 9   ASP A C   1 
ATOM   65   O  O   . ASP A 1 10  ? 6.471   -0.391  -7.836  1.00 16.54 ? 9   ASP A O   1 
ATOM   66   C  CB  . ASP A 1 10  ? 6.855   -0.010  -4.703  1.00 16.97 ? 9   ASP A CB  1 
ATOM   67   C  CG  . ASP A 1 10  ? 7.926   0.927   -4.227  1.00 21.05 ? 9   ASP A CG  1 
ATOM   68   O  OD1 . ASP A 1 10  ? 8.800   1.339   -5.040  1.00 22.30 ? 9   ASP A OD1 1 
ATOM   69   O  OD2 . ASP A 1 10  ? 7.999   1.295   -3.033  1.00 23.18 ? 9   ASP A OD2 1 
ATOM   70   N  N   . ASP A 1 11  ? 7.248   1.661   -7.527  1.00 16.90 ? 10  ASP A N   1 
ATOM   71   C  CA  . ASP A 1 11  ? 7.904   1.701   -8.810  1.00 18.79 ? 10  ASP A CA  1 
ATOM   72   C  C   . ASP A 1 11  ? 9.300   1.072   -8.803  1.00 19.84 ? 10  ASP A C   1 
ATOM   73   O  O   . ASP A 1 11  ? 9.905   0.894   -9.878  1.00 21.89 ? 10  ASP A O   1 
ATOM   74   C  CB  . ASP A 1 11  ? 7.963   3.116   -9.354  1.00 19.06 ? 10  ASP A CB  1 
ATOM   75   C  CG  . ASP A 1 11  ? 8.506   4.093   -8.395  1.00 22.17 ? 10  ASP A CG  1 
ATOM   76   O  OD1 . ASP A 1 11  ? 9.578   4.667   -8.706  1.00 28.68 ? 10  ASP A OD1 1 
ATOM   77   O  OD2 . ASP A 1 11  ? 7.941   4.403   -7.310  1.00 23.18 ? 10  ASP A OD2 1 
ATOM   78   N  N   . GLU A 1 12  ? 9.796   0.698   -7.628  1.00 19.89 ? 11  GLU A N   1 
ATOM   79   C  CA  . GLU A 1 12  ? 11.103  0.021   -7.511  1.00 20.03 ? 11  GLU A CA  1 
ATOM   80   C  C   . GLU A 1 12  ? 10.833  -1.470  -7.509  1.00 20.52 ? 11  GLU A C   1 
ATOM   81   O  O   . GLU A 1 12  ? 10.218  -2.014  -6.576  1.00 19.80 ? 11  GLU A O   1 
ATOM   82   C  CB  . GLU A 1 12  ? 11.810  0.423   -6.265  1.00 21.05 ? 11  GLU A CB  1 
ATOM   83   N  N   . GLU A 1 13  ? 11.340  -2.155  -8.520  1.00 20.59 ? 12  GLU A N   1 
ATOM   84   C  CA  . GLU A 1 13  ? 11.051  -3.562  -8.699  1.00 21.38 ? 12  GLU A CA  1 
ATOM   85   C  C   . GLU A 1 13  ? 11.533  -4.384  -7.505  1.00 21.05 ? 12  GLU A C   1 
ATOM   86   O  O   . GLU A 1 13  ? 10.865  -5.311  -7.037  1.00 21.46 ? 12  GLU A O   1 
ATOM   87   C  CB  . GLU A 1 13  ? 11.690  -4.055  -9.994  1.00 22.92 ? 12  GLU A CB  1 
ATOM   88   N  N   . SER A 1 14  ? 12.703  -4.034  -7.013  1.00 21.79 ? 13  SER A N   1 
ATOM   89   C  CA  . SER A 1 14  ? 13.290  -4.709  -5.875  1.00 22.38 ? 13  SER A CA  1 
ATOM   90   C  C   . SER A 1 14  ? 12.368  -4.631  -4.644  1.00 21.36 ? 13  SER A C   1 
ATOM   91   O  O   . SER A 1 14  ? 12.261  -5.605  -3.910  1.00 22.35 ? 13  SER A O   1 
ATOM   92   C  CB  . SER A 1 14  ? 14.687  -4.137  -5.578  1.00 22.99 ? 13  SER A CB  1 
ATOM   93   O  OG  . SER A 1 14  ? 14.629  -2.835  -5.080  1.00 27.06 ? 13  SER A OG  1 
ATOM   94   N  N   . ILE A 1 15  ? 11.694  -3.502  -4.419  1.00 20.44 ? 14  ILE A N   1 
ATOM   95   C  CA  . ILE A 1 15  ? 10.776  -3.375  -3.272  1.00 19.79 ? 14  ILE A CA  1 
ATOM   96   C  C   . ILE A 1 15  ? 9.557   -4.274  -3.465  1.00 18.74 ? 14  ILE A C   1 
ATOM   97   O  O   . ILE A 1 15  ? 9.098   -4.959  -2.547  1.00 18.42 ? 14  ILE A O   1 
ATOM   98   C  CB  . ILE A 1 15  ? 10.313  -1.911  -3.075  1.00 20.30 ? 14  ILE A CB  1 
ATOM   99   C  CG1 . ILE A 1 15  ? 11.524  -1.041  -2.707  1.00 23.22 ? 14  ILE A CG1 1 
ATOM   100  C  CG2 . ILE A 1 15  ? 9.181   -1.830  -2.048  1.00 20.47 ? 14  ILE A CG2 1 
ATOM   101  C  CD1 . ILE A 1 15  ? 11.967  -1.162  -1.288  1.00 25.23 ? 14  ILE A CD1 1 
ATOM   102  N  N   . VAL A 1 16  ? 9.027   -4.300  -4.674  1.00 18.00 ? 15  VAL A N   1 
ATOM   103  C  CA  . VAL A 1 16  ? 7.881   -5.152  -4.937  1.00 18.39 ? 15  VAL A CA  1 
ATOM   104  C  C   . VAL A 1 16  ? 8.231   -6.622  -4.760  1.00 18.89 ? 15  VAL A C   1 
ATOM   105  O  O   . VAL A 1 16  ? 7.478   -7.346  -4.169  1.00 18.27 ? 15  VAL A O   1 
ATOM   106  C  CB  . VAL A 1 16  ? 7.330   -4.919  -6.334  1.00 18.03 ? 15  VAL A CB  1 
ATOM   107  C  CG1 . VAL A 1 16  ? 6.210   -5.906  -6.662  1.00 19.08 ? 15  VAL A CG1 1 
ATOM   108  C  CG2 . VAL A 1 16  ? 6.867   -3.460  -6.475  1.00 18.22 ? 15  VAL A CG2 1 
ATOM   109  N  N   . THR A 1 17  ? 9.382   -7.039  -5.275  1.00 20.22 ? 16  THR A N   1 
ATOM   110  C  CA  . THR A 1 17  ? 9.812   -8.431  -5.161  1.00 22.29 ? 16  THR A CA  1 
ATOM   111  C  C   . THR A 1 17  ? 9.946   -8.840  -3.699  1.00 22.21 ? 16  THR A C   1 
ATOM   112  O  O   . THR A 1 17  ? 9.479   -9.914  -3.321  1.00 23.19 ? 16  THR A O   1 
ATOM   113  C  CB  . THR A 1 17  ? 11.137  -8.608  -5.900  1.00 22.91 ? 16  THR A CB  1 
ATOM   114  O  OG1 . THR A 1 17  ? 10.936  -8.367  -7.289  1.00 25.60 ? 16  THR A OG1 1 
ATOM   115  C  CG2 . THR A 1 17  ? 11.619  -10.033 -5.810  1.00 24.48 ? 16  THR A CG2 1 
ATOM   116  N  N   . LEU A 1 18  ? 10.562  -7.975  -2.897  1.00 22.90 ? 17  LEU A N   1 
ATOM   117  C  CA  . LEU A 1 18  ? 10.742  -8.161  -1.450  1.00 23.21 ? 17  LEU A CA  1 
ATOM   118  C  C   . LEU A 1 18  ? 9.412   -8.351  -0.729  1.00 22.52 ? 17  LEU A C   1 
ATOM   119  O  O   . LEU A 1 18  ? 9.217   -9.311  0.032   1.00 23.71 ? 17  LEU A O   1 
ATOM   120  C  CB  . LEU A 1 18  ? 11.499  -6.938  -0.819  1.00 23.88 ? 17  LEU A CB  1 
ATOM   121  N  N   . LEU A 1 19  ? 8.491   -7.439  -1.001  1.00 20.66 ? 18  LEU A N   1 
ATOM   122  C  CA  . LEU A 1 19  ? 7.190   -7.422  -0.354  1.00 19.62 ? 18  LEU A CA  1 
ATOM   123  C  C   . LEU A 1 19  ? 6.413   -8.656  -0.759  1.00 18.92 ? 18  LEU A C   1 
ATOM   124  O  O   . LEU A 1 19  ? 5.817   -9.327  0.065   1.00 19.56 ? 18  LEU A O   1 
ATOM   125  C  CB  . LEU A 1 19  ? 6.416   -6.144  -0.708  1.00 19.29 ? 18  LEU A CB  1 
ATOM   126  C  CG  . LEU A 1 19  ? 6.795   -4.853  0.026   1.00 20.93 ? 18  LEU A CG  1 
ATOM   127  C  CD1 . LEU A 1 19  ? 6.229   -3.656  -0.673  1.00 19.77 ? 18  LEU A CD1 1 
ATOM   128  C  CD2 . LEU A 1 19  ? 6.352   -4.864  1.476   1.00 22.27 ? 18  LEU A CD2 1 
ATOM   129  N  N   . GLN A 1 20  ? 6.433   -8.981  -2.031  1.00 18.25 ? 19  GLN A N   1 
ATOM   130  C  CA  . GLN A 1 20  ? 5.670   -10.141 -2.486  1.00 18.89 ? 19  GLN A CA  1 
ATOM   131  C  C   . GLN A 1 20  ? 6.215   -11.412 -1.843  1.00 19.36 ? 19  GLN A C   1 
ATOM   132  O  O   . GLN A 1 20  ? 5.436   -12.241 -1.365  1.00 18.95 ? 19  GLN A O   1 
ATOM   133  C  CB  . GLN A 1 20  ? 5.648   -10.247 -4.014  1.00 19.40 ? 19  GLN A CB  1 
ATOM   134  C  CG  . GLN A 1 20  ? 4.743   -11.385 -4.520  1.00 22.35 ? 19  GLN A CG  1 
ATOM   135  C  CD  . GLN A 1 20  ? 4.406   -11.300 -6.022  1.00 25.27 ? 19  GLN A CD  1 
ATOM   136  O  OE1 . GLN A 1 20  ? 5.100   -10.647 -6.766  1.00 27.39 ? 19  GLN A OE1 1 
ATOM   137  N  NE2 . GLN A 1 20  ? 3.342   -11.972 -6.436  1.00 29.23 ? 19  GLN A NE2 1 
ATOM   138  N  N   . TYR A 1 21  ? 7.535   -11.572 -1.846  1.00 19.96 ? 20  TYR A N   1 
ATOM   139  C  CA  . TYR A 1 21  ? 8.128   -12.785 -1.294  1.00 21.88 ? 20  TYR A CA  1 
ATOM   140  C  C   . TYR A 1 21  ? 7.747   -12.983 0.164   1.00 21.42 ? 20  TYR A C   1 
ATOM   141  O  O   . TYR A 1 21  ? 7.278   -14.038 0.558   1.00 21.67 ? 20  TYR A O   1 
ATOM   142  C  CB  . TYR A 1 21  ? 9.656   -12.731 -1.398  1.00 22.80 ? 20  TYR A CB  1 
ATOM   143  C  CG  . TYR A 1 21  ? 10.359  -13.857 -0.648  1.00 26.24 ? 20  TYR A CG  1 
ATOM   144  C  CD1 . TYR A 1 21  ? 10.394  -15.128 -1.167  1.00 28.35 ? 20  TYR A CD1 1 
ATOM   145  C  CD2 . TYR A 1 21  ? 10.977  -13.628 0.569   1.00 29.17 ? 20  TYR A CD2 1 
ATOM   146  C  CE1 . TYR A 1 21  ? 11.027  -16.170 -0.487  1.00 30.81 ? 20  TYR A CE1 1 
ATOM   147  C  CE2 . TYR A 1 21  ? 11.599  -14.661 1.266   1.00 32.25 ? 20  TYR A CE2 1 
ATOM   148  C  CZ  . TYR A 1 21  ? 11.624  -15.922 0.726   1.00 32.54 ? 20  TYR A CZ  1 
ATOM   149  O  OH  . TYR A 1 21  ? 12.267  -16.931 1.429   1.00 36.64 ? 20  TYR A OH  1 
ATOM   150  N  N   . ASN A 1 22  ? 7.941   -11.948 0.962   1.00 21.35 ? 21  ASN A N   1 
ATOM   151  C  CA  . ASN A 1 22  ? 7.682   -12.024 2.387   1.00 21.50 ? 21  ASN A CA  1 
ATOM   152  C  C   . ASN A 1 22  ? 6.202   -12.135 2.741   1.00 20.74 ? 21  ASN A C   1 
ATOM   153  O  O   . ASN A 1 22  ? 5.834   -12.912 3.617   1.00 21.96 ? 21  ASN A O   1 
ATOM   154  C  CB  . ASN A 1 22  ? 8.323   -10.849 3.102   1.00 22.06 ? 21  ASN A CB  1 
ATOM   155  C  CG  . ASN A 1 22  ? 9.803   -11.025 3.291   1.00 24.11 ? 21  ASN A CG  1 
ATOM   156  O  OD1 . ASN A 1 22  ? 10.257  -11.971 3.980   1.00 29.85 ? 21  ASN A OD1 1 
ATOM   157  N  ND2 . ASN A 1 22  ? 10.578  -10.126 2.715   1.00 21.54 ? 21  ASN A ND2 1 
ATOM   158  N  N   . LEU A 1 23  ? 5.319   -11.407 2.053   1.00 19.01 ? 22  LEU A N   1 
ATOM   159  C  CA  . LEU A 1 23  ? 3.919   -11.483 2.378   1.00 17.86 ? 22  LEU A CA  1 
ATOM   160  C  C   . LEU A 1 23  ? 3.340   -12.823 1.933   1.00 18.28 ? 22  LEU A C   1 
ATOM   161  O  O   . LEU A 1 23  ? 2.478   -13.373 2.579   1.00 18.41 ? 22  LEU A O   1 
ATOM   162  C  CB  . LEU A 1 23  ? 3.137   -10.295 1.793   1.00 18.15 ? 22  LEU A CB  1 
ATOM   163  C  CG  . LEU A 1 23  ? 3.532   -8.960  2.411   1.00 18.42 ? 22  LEU A CG  1 
ATOM   164  C  CD1 . LEU A 1 23  ? 2.961   -7.841  1.569   1.00 18.96 ? 22  LEU A CD1 1 
ATOM   165  C  CD2 . LEU A 1 23  ? 3.089   -8.800  3.897   1.00 18.55 ? 22  LEU A CD2 1 
ATOM   166  N  N   . GLU A 1 24  ? 3.799   -13.340 0.816   1.00 18.84 ? 23  GLU A N   1 
ATOM   167  C  CA  . GLU A 1 24  ? 3.301   -14.661 0.397   1.00 19.78 ? 23  GLU A CA  1 
ATOM   168  C  C   . GLU A 1 24  ? 3.748   -15.714 1.419   1.00 21.33 ? 23  GLU A C   1 
ATOM   169  O  O   . GLU A 1 24  ? 2.973   -16.598 1.789   1.00 21.36 ? 23  GLU A O   1 
ATOM   170  C  CB  . GLU A 1 24  ? 3.791   -14.979 -1.028  1.00 20.59 ? 23  GLU A CB  1 
ATOM   171  C  CG  . GLU A 1 24  ? 2.970   -14.285 -2.104  1.00 22.80 ? 23  GLU A CG  1 
ATOM   172  C  CD  . GLU A 1 24  ? 3.336   -14.654 -3.536  1.00 28.13 ? 23  GLU A CD  1 
ATOM   173  O  OE1 . GLU A 1 24  ? 4.296   -15.423 -3.765  1.00 33.31 ? 23  GLU A OE1 1 
ATOM   174  O  OE2 . GLU A 1 24  ? 2.652   -14.153 -4.456  1.00 30.34 ? 23  GLU A OE2 1 
ATOM   175  N  N   . ARG A 1 25  ? 4.976   -15.587 1.891   1.00 21.94 ? 24  ARG A N   1 
ATOM   176  C  CA  . ARG A 1 25  ? 5.517   -16.532 2.897   1.00 24.16 ? 24  ARG A CA  1 
ATOM   177  C  C   . ARG A 1 25  ? 4.691   -16.481 4.169   1.00 23.97 ? 24  ARG A C   1 
ATOM   178  O  O   . ARG A 1 25  ? 4.478   -17.513 4.863   1.00 24.90 ? 24  ARG A O   1 
ATOM   179  C  CB  . ARG A 1 25  ? 6.973   -16.198 3.195   1.00 25.63 ? 24  ARG A CB  1 
ATOM   180  C  CG  . ARG A 1 25  ? 7.625   -17.071 4.238   1.00 29.87 ? 24  ARG A CG  1 
ATOM   181  C  CD  . ARG A 1 25  ? 9.133   -17.094 4.145   1.00 33.99 ? 24  ARG A CD  1 
ATOM   182  N  NE  . ARG A 1 25  ? 9.713   -18.122 5.016   1.00 37.94 ? 24  ARG A NE  1 
ATOM   183  C  CZ  . ARG A 1 25  ? 10.940  -18.630 4.879   1.00 40.51 ? 24  ARG A CZ  1 
ATOM   184  N  NH1 . ARG A 1 25  ? 11.743  -18.217 3.896   1.00 41.30 ? 24  ARG A NH1 1 
ATOM   185  N  NH2 . ARG A 1 25  ? 11.373  -19.559 5.726   1.00 40.97 ? 24  ARG A NH2 1 
ATOM   186  N  N   . SER A 1 26  ? 4.210   -15.294 4.500   1.00 23.77 ? 25  SER A N   1 
ATOM   187  C  CA  . SER A 1 26  ? 3.376   -15.096 5.684   1.00 23.55 ? 25  SER A CA  1 
ATOM   188  C  C   . SER A 1 26  ? 1.941   -15.508 5.511   1.00 22.84 ? 25  SER A C   1 
ATOM   189  O  O   . SER A 1 26  ? 1.133   -15.329 6.426   1.00 25.05 ? 25  SER A O   1 
ATOM   190  C  CB  . SER A 1 26  ? 3.437   -13.648 6.139   1.00 24.21 ? 25  SER A CB  1 
ATOM   191  O  OG  . SER A 1 26  ? 4.773   -13.392 6.467   1.00 27.04 ? 25  SER A OG  1 
ATOM   192  N  N   . GLY A 1 27  ? 1.601   -15.998 4.321   1.00 21.54 ? 26  GLY A N   1 
ATOM   193  C  CA  . GLY A 1 27  ? 0.285   -16.519 4.058   1.00 21.44 ? 26  GLY A CA  1 
ATOM   194  C  C   . GLY A 1 27  ? -0.752  -15.603 3.449   1.00 21.05 ? 26  GLY A C   1 
ATOM   195  O  O   . GLY A 1 27  ? -1.955  -15.855 3.572   1.00 22.45 ? 26  GLY A O   1 
ATOM   196  N  N   . TYR A 1 28  ? -0.289  -14.550 2.775   1.00 18.91 ? 27  TYR A N   1 
ATOM   197  C  CA  . TYR A 1 28  ? -1.194  -13.678 2.050   1.00 18.19 ? 27  TYR A CA  1 
ATOM   198  C  C   . TYR A 1 28  ? -1.129  -13.953 0.560   1.00 17.95 ? 27  TYR A C   1 
ATOM   199  O  O   . TYR A 1 28  ? -0.121  -14.466 0.072   1.00 19.62 ? 27  TYR A O   1 
ATOM   200  C  CB  . TYR A 1 28  ? -0.788  -12.216 2.262   1.00 17.31 ? 27  TYR A CB  1 
ATOM   201  C  CG  . TYR A 1 28  ? -0.827  -11.775 3.706   1.00 16.77 ? 27  TYR A CG  1 
ATOM   202  C  CD1 . TYR A 1 28  ? 0.324   -11.551 4.388   1.00 16.75 ? 27  TYR A CD1 1 
ATOM   203  C  CD2 . TYR A 1 28  ? -2.017  -11.558 4.341   1.00 20.17 ? 27  TYR A CD2 1 
ATOM   204  C  CE1 . TYR A 1 28  ? 0.288   -11.142 5.695   1.00 18.91 ? 27  TYR A CE1 1 
ATOM   205  C  CE2 . TYR A 1 28  ? -2.072  -11.148 5.636   1.00 21.56 ? 27  TYR A CE2 1 
ATOM   206  C  CZ  . TYR A 1 28  ? -0.908  -10.944 6.314   1.00 20.11 ? 27  TYR A CZ  1 
ATOM   207  O  OH  . TYR A 1 28  ? -0.949  -10.522 7.621   1.00 22.17 ? 27  TYR A OH  1 
ATOM   208  N  N   . ASP A 1 29  ? -2.197  -13.641 -0.162  1.00 18.17 ? 28  ASP A N   1 
ATOM   209  C  CA  . ASP A 1 29  ? -2.135  -13.619 -1.622  1.00 17.79 ? 28  ASP A CA  1 
ATOM   210  C  C   . ASP A 1 29  ? -1.687  -12.194 -1.943  1.00 17.71 ? 28  ASP A C   1 
ATOM   211  O  O   . ASP A 1 29  ? -2.123  -11.240 -1.268  1.00 18.17 ? 28  ASP A O   1 
ATOM   212  C  CB  . ASP A 1 29  ? -3.502  -13.860 -2.236  1.00 18.72 ? 28  ASP A CB  1 
ATOM   213  C  CG  . ASP A 1 29  ? -3.953  -15.315 -2.139  1.00 22.27 ? 28  ASP A CG  1 
ATOM   214  O  OD1 . ASP A 1 29  ? -3.104  -16.202 -1.887  1.00 26.02 ? 28  ASP A OD1 1 
ATOM   215  O  OD2 . ASP A 1 29  ? -5.160  -15.633 -2.336  1.00 27.29 ? 28  ASP A OD2 1 
ATOM   216  N  N   . VAL A 1 30  ? -0.842  -12.060 -2.945  1.00 16.17 ? 29  VAL A N   1 
ATOM   217  C  CA  . VAL A 1 30  ? -0.310  -10.754 -3.326  1.00 15.60 ? 29  VAL A CA  1 
ATOM   218  C  C   . VAL A 1 30  ? -0.512  -10.505 -4.809  1.00 15.58 ? 29  VAL A C   1 
ATOM   219  O  O   . VAL A 1 30  ? -0.230  -11.367 -5.649  1.00 17.48 ? 29  VAL A O   1 
ATOM   220  C  CB  . VAL A 1 30  ? 1.156   -10.661 -2.973  1.00 15.31 ? 29  VAL A CB  1 
ATOM   221  C  CG1 . VAL A 1 30  ? 1.794   -9.350  -3.467  1.00 15.73 ? 29  VAL A CG1 1 
ATOM   222  C  CG2 . VAL A 1 30  ? 1.326   -10.788 -1.459  1.00 18.47 ? 29  VAL A CG2 1 
ATOM   223  N  N   . ILE A 1 31  ? -0.984  -9.299  -5.099  1.00 15.17 ? 30  ILE A N   1 
ATOM   224  C  CA  . ILE A 1 31  ? -0.997  -8.761  -6.455  1.00 15.20 ? 30  ILE A CA  1 
ATOM   225  C  C   . ILE A 1 31  ? -0.193  -7.458  -6.428  1.00 14.89 ? 30  ILE A C   1 
ATOM   226  O  O   . ILE A 1 31  ? -0.030  -6.854  -5.359  1.00 14.73 ? 30  ILE A O   1 
ATOM   227  C  CB  . ILE A 1 31  ? -2.431  -8.563  -6.966  1.00 15.68 ? 30  ILE A CB  1 
ATOM   228  C  CG1 . ILE A 1 31  ? -3.251  -7.666  -6.041  1.00 15.41 ? 30  ILE A CG1 1 
ATOM   229  C  CG2 . ILE A 1 31  ? -3.051  -9.937  -7.124  1.00 16.99 ? 30  ILE A CG2 1 
ATOM   230  C  CD1 . ILE A 1 31  ? -4.609  -7.135  -6.597  1.00 16.71 ? 30  ILE A CD1 1 
ATOM   231  N  N   . THR A 1 32  ? 0.333   -7.062  -7.578  1.00 15.57 ? 31  THR A N   1 
ATOM   232  C  CA  . THR A 1 32  ? 1.262   -5.932  -7.632  1.00 15.77 ? 31  THR A CA  1 
ATOM   233  C  C   . THR A 1 32  ? 0.986   -4.946  -8.721  1.00 15.57 ? 31  THR A C   1 
ATOM   234  O  O   . THR A 1 32  ? 0.362   -5.270  -9.741  1.00 16.64 ? 31  THR A O   1 
ATOM   235  C  CB  . THR A 1 32  ? 2.705   -6.411  -7.822  1.00 16.64 ? 31  THR A CB  1 
ATOM   236  O  OG1 . THR A 1 32  ? 2.915   -6.888  -9.173  1.00 20.24 ? 31  THR A OG1 1 
ATOM   237  C  CG2 . THR A 1 32  ? 3.015   -7.566  -6.951  1.00 17.59 ? 31  THR A CG2 1 
ATOM   238  N  N   . ALA A 1 33  ? 1.461   -3.733  -8.488  1.00 14.73 ? 32  ALA A N   1 
ATOM   239  C  CA  . ALA A 1 33  ? 1.432   -2.660  -9.498  1.00 14.75 ? 32  ALA A CA  1 
ATOM   240  C  C   . ALA A 1 33  ? 2.678   -1.810  -9.385  1.00 14.39 ? 32  ALA A C   1 
ATOM   241  O  O   . ALA A 1 33  ? 3.282   -1.674  -8.316  1.00 14.85 ? 32  ALA A O   1 
ATOM   242  C  CB  . ALA A 1 33  ? 0.178   -1.803  -9.408  1.00 15.00 ? 32  ALA A CB  1 
ATOM   243  N  N   . SER A 1 34  ? 3.101   -1.241  -10.513 1.00 14.38 ? 33  SER A N   1 
ATOM   244  C  CA  . SER A 1 34  ? 4.330   -0.479  -10.540 1.00 15.03 ? 33  SER A CA  1 
ATOM   245  C  C   . SER A 1 34  ? 4.100   1.011   -10.834 1.00 15.22 ? 33  SER A C   1 
ATOM   246  O  O   . SER A 1 34  ? 5.064   1.773   -10.897 1.00 17.06 ? 33  SER A O   1 
ATOM   247  C  CB  . SER A 1 34  ? 5.284   -1.091  -11.548 1.00 16.60 ? 33  SER A CB  1 
ATOM   248  O  OG  . SER A 1 34  ? 4.631   -1.036  -12.795 1.00 20.36 ? 33  SER A OG  1 
ATOM   249  N  N   . ASP A 1 35  ? 2.855   1.418   -10.987 1.00 15.58 ? 34  ASP A N   1 
ATOM   250  C  CA  . ASP A 1 35  ? 2.500   2.836   -11.183 1.00 15.46 ? 34  ASP A CA  1 
ATOM   251  C  C   . ASP A 1 35  ? 1.090   3.046   -10.675 1.00 14.42 ? 34  ASP A C   1 
ATOM   252  O  O   . ASP A 1 35  ? 0.367   2.077   -10.407 1.00 13.86 ? 34  ASP A O   1 
ATOM   253  C  CB  . ASP A 1 35  ? 2.679   3.281   -12.660 1.00 17.01 ? 34  ASP A CB  1 
ATOM   254  C  CG  . ASP A 1 35  ? 1.658   2.660   -13.600 1.00 19.94 ? 34  ASP A CG  1 
ATOM   255  O  OD1 . ASP A 1 35  ? 2.089   1.971   -14.581 1.00 24.02 ? 34  ASP A OD1 1 
ATOM   256  O  OD2 . ASP A 1 35  ? 0.424   2.802   -13.482 1.00 21.95 ? 34  ASP A OD2 1 
ATOM   257  N  N   . GLY A 1 36  ? 0.683   4.298   -10.512 1.00 14.31 ? 35  GLY A N   1 
ATOM   258  C  CA  . GLY A 1 36  ? -0.586  4.580   -9.906  1.00 13.74 ? 35  GLY A CA  1 
ATOM   259  C  C   . GLY A 1 36  ? -1.810  4.291   -10.735 1.00 14.29 ? 35  GLY A C   1 
ATOM   260  O  O   . GLY A 1 36  ? -2.899  4.067   -10.184 1.00 14.70 ? 35  GLY A O   1 
ATOM   261  N  N   . GLU A 1 37  ? -1.668  4.326   -12.066 1.00 15.53 ? 36  GLU A N   1 
ATOM   262  C  CA  . GLU A 1 37  ? -2.780  4.031   -12.949 1.00 16.39 ? 36  GLU A CA  1 
ATOM   263  C  C   . GLU A 1 37  ? -3.145  2.539   -12.798 1.00 15.60 ? 36  GLU A C   1 
ATOM   264  O  O   . GLU A 1 37  ? -4.305  2.197   -12.624 1.00 16.33 ? 36  GLU A O   1 
ATOM   265  C  CB  . GLU A 1 37  ? -2.446  4.380   -14.399 1.00 17.98 ? 36  GLU A CB  1 
ATOM   266  N  N   . GLU A 1 38  ? -2.130  1.693   -12.865 1.00 15.81 ? 37  GLU A N   1 
ATOM   267  C  CA  . GLU A 1 38  ? -2.276  0.252   -12.652 1.00 15.78 ? 37  GLU A CA  1 
ATOM   268  C  C   . GLU A 1 38  ? -2.823  -0.008  -11.237 1.00 15.74 ? 37  GLU A C   1 
ATOM   269  O  O   . GLU A 1 38  ? -3.679  -0.870  -11.023 1.00 16.62 ? 37  GLU A O   1 
ATOM   270  C  CB  . GLU A 1 38  ? -0.925  -0.449  -12.862 1.00 16.28 ? 37  GLU A CB  1 
ATOM   271  C  CG  . GLU A 1 38  ? -0.967  -1.992  -12.848 1.00 17.55 ? 37  GLU A CG  1 
ATOM   272  C  CD  . GLU A 1 38  ? 0.399   -2.649  -12.930 1.00 21.19 ? 37  GLU A CD  1 
ATOM   273  O  OE1 . GLU A 1 38  ? 1.474   -1.967  -12.818 1.00 19.37 ? 37  GLU A OE1 1 
ATOM   274  O  OE2 . GLU A 1 38  ? 0.389   -3.909  -13.099 1.00 24.66 ? 37  GLU A OE2 1 
ATOM   275  N  N   . ALA A 1 39  ? -2.292  0.698   -10.255 1.00 14.92 ? 38  ALA A N   1 
ATOM   276  C  CA  . ALA A 1 39  ? -2.756  0.485   -8.895  1.00 14.68 ? 38  ALA A CA  1 
ATOM   277  C  C   . ALA A 1 39  ? -4.225  0.772   -8.740  1.00 15.15 ? 38  ALA A C   1 
ATOM   278  O  O   . ALA A 1 39  ? -4.940  0.026   -8.114  1.00 15.67 ? 38  ALA A O   1 
ATOM   279  C  CB  . ALA A 1 39  ? -1.964  1.319   -7.932  1.00 14.47 ? 38  ALA A CB  1 
ATOM   280  N  N   . LEU A 1 40  ? -4.685  1.896   -9.281  1.00 16.04 ? 39  LEU A N   1 
ATOM   281  C  CA  . LEU A 1 40  ? -6.060  2.291   -9.127  1.00 17.01 ? 39  LEU A CA  1 
ATOM   282  C  C   . LEU A 1 40  ? -6.989  1.305   -9.800  1.00 18.13 ? 39  LEU A C   1 
ATOM   283  O  O   . LEU A 1 40  ? -8.041  0.993   -9.278  1.00 18.66 ? 39  LEU A O   1 
ATOM   284  C  CB  . LEU A 1 40  ? -6.230  3.693   -9.705  1.00 18.07 ? 39  LEU A CB  1 
ATOM   285  C  CG  . LEU A 1 40  ? -7.573  4.354   -9.561  1.00 19.91 ? 39  LEU A CG  1 
ATOM   286  C  CD1 . LEU A 1 40  ? -7.914  4.507   -8.078  1.00 21.81 ? 39  LEU A CD1 1 
ATOM   287  C  CD2 . LEU A 1 40  ? -7.574  5.690   -10.267 1.00 21.23 ? 39  LEU A CD2 1 
ATOM   288  N  N   . LYS A 1 41  ? -6.577  0.802   -10.956 1.00 18.20 ? 40  LYS A N   1 
ATOM   289  C  CA  . LYS A 1 41  ? -7.362  -0.148  -11.703 1.00 19.98 ? 40  LYS A CA  1 
ATOM   290  C  C   . LYS A 1 41  ? -7.464  -1.447  -10.932 1.00 19.24 ? 40  LYS A C   1 
ATOM   291  O  O   . LYS A 1 41  ? -8.560  -1.958  -10.774 1.00 20.50 ? 40  LYS A O   1 
ATOM   292  C  CB  . LYS A 1 41  ? -6.753  -0.394  -13.060 1.00 20.22 ? 40  LYS A CB  1 
ATOM   293  C  CG  . LYS A 1 41  ? -7.555  -1.231  -13.989 1.00 24.62 ? 40  LYS A CG  1 
ATOM   294  C  CD  . LYS A 1 41  ? -8.969  -0.723  -14.118 1.00 30.18 ? 40  LYS A CD  1 
ATOM   295  C  CE  . LYS A 1 41  ? -9.738  -1.577  -15.099 1.00 33.25 ? 40  LYS A CE  1 
ATOM   296  N  NZ  . LYS A 1 41  ? -9.185  -1.403  -16.465 1.00 35.22 ? 40  LYS A NZ  1 
ATOM   297  N  N   . LYS A 1 42  ? -6.333  -1.945  -10.429 1.00 17.97 ? 41  LYS A N   1 
ATOM   298  C  CA  . LYS A 1 42  ? -6.354  -3.193  -9.634  1.00 18.06 ? 41  LYS A CA  1 
ATOM   299  C  C   . LYS A 1 42  ? -7.169  -3.056  -8.366  1.00 18.67 ? 41  LYS A C   1 
ATOM   300  O  O   . LYS A 1 42  ? -7.808  -4.019  -7.987  1.00 19.30 ? 41  LYS A O   1 
ATOM   301  C  CB  . LYS A 1 42  ? -4.956  -3.746  -9.348  1.00 18.09 ? 41  LYS A CB  1 
ATOM   302  C  CG  . LYS A 1 42  ? -4.313  -4.289  -10.584 1.00 19.46 ? 41  LYS A CG  1 
ATOM   303  C  CD  . LYS A 1 42  ? -2.994  -4.948  -10.391 1.00 22.56 ? 41  LYS A CD  1 
ATOM   304  C  CE  . LYS A 1 42  ? -2.545  -5.578  -11.693 1.00 23.08 ? 41  LYS A CE  1 
ATOM   305  N  NZ  . LYS A 1 42  ? -1.367  -6.408  -11.511 1.00 25.55 ? 41  LYS A NZ  1 
ATOM   306  N  N   . ALA A 1 43  ? -7.154  -1.898  -7.702  1.00 19.27 ? 42  ALA A N   1 
ATOM   307  C  CA  . ALA A 1 43  ? -7.901  -1.694  -6.468  1.00 20.05 ? 42  ALA A CA  1 
ATOM   308  C  C   . ALA A 1 43  ? -9.373  -1.778  -6.795  1.00 22.39 ? 42  ALA A C   1 
ATOM   309  O  O   . ALA A 1 43  ? -10.126 -2.498  -6.134  1.00 23.86 ? 42  ALA A O   1 
ATOM   310  C  CB  . ALA A 1 43  ? -7.592  -0.339  -5.830  1.00 19.93 ? 42  ALA A CB  1 
ATOM   311  N  N   . GLU A 1 44  ? -9.772  -1.055  -7.828  1.00 23.60 ? 43  GLU A N   1 
ATOM   312  C  CA  . GLU A 1 44  ? -11.169 -0.965  -8.224  1.00 25.75 ? 43  GLU A CA  1 
ATOM   313  C  C   . GLU A 1 44  ? -11.694 -2.336  -8.647  1.00 26.97 ? 43  GLU A C   1 
ATOM   314  O  O   . GLU A 1 44  ? -12.839 -2.673  -8.340  1.00 29.75 ? 43  GLU A O   1 
ATOM   315  C  CB  . GLU A 1 44  ? -11.314 0.057   -9.371  1.00 25.78 ? 43  GLU A CB  1 
ATOM   316  C  CG  . GLU A 1 44  ? -11.089 1.535   -9.009  1.00 27.99 ? 43  GLU A CG  1 
ATOM   317  C  CD  . GLU A 1 44  ? -10.910 2.458   -10.234 1.00 31.00 ? 43  GLU A CD  1 
ATOM   318  O  OE1 . GLU A 1 44  ? -10.710 1.970   -11.384 1.00 31.37 ? 43  GLU A OE1 1 
ATOM   319  O  OE2 . GLU A 1 44  ? -10.968 3.699   -10.059 1.00 34.26 ? 43  GLU A OE2 1 
ATOM   320  N  N   . THR A 1 45  ? -10.863 -3.132  -9.309  1.00 28.04 ? 44  THR A N   1 
ATOM   321  C  CA  . THR A 1 45  ? -11.282 -4.422  -9.871  1.00 28.29 ? 44  THR A CA  1 
ATOM   322  C  C   . THR A 1 45  ? -11.100 -5.682  -9.010  1.00 28.52 ? 44  THR A C   1 
ATOM   323  O  O   . THR A 1 45  ? -12.008 -6.522  -8.945  1.00 29.37 ? 44  THR A O   1 
ATOM   324  C  CB  . THR A 1 45  ? -10.576 -4.667  -11.197 1.00 28.84 ? 44  THR A CB  1 
ATOM   325  O  OG1 . THR A 1 45  ? -9.158  -4.605  -11.051 0.50 28.60 ? 44  THR A OG1 1 
ATOM   326  C  CG2 . THR A 1 45  ? -10.894 -3.558  -12.210 0.50 28.48 ? 44  THR A CG2 1 
ATOM   327  N  N   . GLU A 1 46  ? -9.941  -5.815  -8.366  1.00 27.81 ? 45  GLU A N   1 
ATOM   328  C  CA  . GLU A 1 46  ? -9.591  -7.029  -7.629  1.00 27.21 ? 45  GLU A CA  1 
ATOM   329  C  C   . GLU A 1 46  ? -9.993  -6.949  -6.143  1.00 26.13 ? 45  GLU A C   1 
ATOM   330  O  O   . GLU A 1 46  ? -9.935  -7.954  -5.434  1.00 26.40 ? 45  GLU A O   1 
ATOM   331  C  CB  . GLU A 1 46  ? -8.082  -7.345  -7.785  1.00 28.17 ? 45  GLU A CB  1 
ATOM   332  C  CG  . GLU A 1 46  ? -7.488  -7.233  -9.202  1.00 30.02 ? 45  GLU A CG  1 
ATOM   333  C  CD  . GLU A 1 46  ? -7.635  -8.481  -10.074 1.00 36.00 ? 45  GLU A CD  1 
ATOM   334  O  OE1 . GLU A 1 46  ? -7.375  -9.599  -9.574  1.00 40.94 ? 45  GLU A OE1 1 
ATOM   335  O  OE2 . GLU A 1 46  ? -7.948  -8.344  -11.292 1.00 36.97 ? 45  GLU A OE2 1 
ATOM   336  N  N   . LYS A 1 47  ? -10.414 -5.781  -5.686  1.00 25.55 ? 46  LYS A N   1 
ATOM   337  C  CA  . LYS A 1 47  ? -10.827 -5.535  -4.314  1.00 24.95 ? 46  LYS A CA  1 
ATOM   338  C  C   . LYS A 1 47  ? -9.942  -6.204  -3.263  1.00 23.09 ? 46  LYS A C   1 
ATOM   339  O  O   . LYS A 1 47  ? -10.325 -7.132  -2.555  1.00 23.85 ? 46  LYS A O   1 
ATOM   340  C  CB  . LYS A 1 47  ? -12.291 -5.920  -4.117  1.00 26.62 ? 46  LYS A CB  1 
ATOM   341  C  CG  . LYS A 1 47  ? -13.259 -5.164  -5.038  1.00 28.67 ? 46  LYS A CG  1 
ATOM   342  C  CD  . LYS A 1 47  ? -13.104 -3.662  -4.983  1.00 30.71 ? 46  LYS A CD  1 
ATOM   343  C  CE  . LYS A 1 47  ? -14.286 -2.999  -4.299  0.50 30.88 ? 46  LYS A CE  1 
ATOM   344  N  NZ  . LYS A 1 47  ? -15.534 -3.169  -5.100  0.50 31.19 ? 46  LYS A NZ  1 
ATOM   345  N  N   . PRO A 1 48  ? -8.718  -5.730  -3.178  1.00 20.23 ? 47  PRO A N   1 
ATOM   346  C  CA  . PRO A 1 48  ? -7.785  -6.271  -2.204  1.00 18.17 ? 47  PRO A CA  1 
ATOM   347  C  C   . PRO A 1 48  ? -8.252  -5.934  -0.804  1.00 16.93 ? 47  PRO A C   1 
ATOM   348  O  O   . PRO A 1 48  ? -9.026  -5.001  -0.566  1.00 17.88 ? 47  PRO A O   1 
ATOM   349  C  CB  . PRO A 1 48  ? -6.488  -5.549  -2.554  1.00 18.38 ? 47  PRO A CB  1 
ATOM   350  C  CG  . PRO A 1 48  ? -6.942  -4.296  -3.174  1.00 19.41 ? 47  PRO A CG  1 
ATOM   351  C  CD  . PRO A 1 48  ? -8.121  -4.688  -4.017  1.00 20.00 ? 47  PRO A CD  1 
ATOM   352  N  N   . ASP A 1 49  ? -7.784  -6.711  0.162   1.00 14.87 ? 48  ASP A N   1 
ATOM   353  C  CA  . ASP A 1 49  ? -8.098  -6.466  1.550   1.00 15.54 ? 48  ASP A CA  1 
ATOM   354  C  C   . ASP A 1 49  ? -7.230  -5.347  2.154   1.00 15.07 ? 48  ASP A C   1 
ATOM   355  O  O   . ASP A 1 49  ? -7.567  -4.808  3.183   1.00 17.29 ? 48  ASP A O   1 
ATOM   356  C  CB  . ASP A 1 49  ? -7.952  -7.773  2.356   1.00 16.53 ? 48  ASP A CB  1 
ATOM   357  C  CG  . ASP A 1 49  ? -8.894  -8.850  1.846   1.00 20.27 ? 48  ASP A CG  1 
ATOM   358  O  OD1 . ASP A 1 49  ? -10.139 -8.630  1.980   1.00 24.60 ? 48  ASP A OD1 1 
ATOM   359  O  OD2 . ASP A 1 49  ? -8.504  -9.895  1.227   1.00 21.39 ? 48  ASP A OD2 1 
ATOM   360  N  N   . LEU A 1 50  ? -6.072  -5.060  1.547   1.00 13.93 ? 49  LEU A N   1 
ATOM   361  C  CA  . LEU A 1 50  ? -5.182  -4.022  2.036   1.00 13.05 ? 49  LEU A CA  1 
ATOM   362  C  C   . LEU A 1 50  ? -4.313  -3.601  0.860   1.00 12.22 ? 49  LEU A C   1 
ATOM   363  O  O   . LEU A 1 50  ? -3.978  -4.423  -0.010  1.00 12.64 ? 49  LEU A O   1 
ATOM   364  C  CB  . LEU A 1 50  ? -4.321  -4.557  3.201   1.00 14.19 ? 49  LEU A CB  1 
ATOM   365  C  CG  . LEU A 1 50  ? -3.363  -3.559  3.823   1.00 17.22 ? 49  LEU A CG  1 
ATOM   366  C  CD1 . LEU A 1 50  ? -3.305  -3.800  5.338   1.00 20.58 ? 49  LEU A CD1 1 
ATOM   367  C  CD2 . LEU A 1 50  ? -2.046  -3.636  3.205   1.00 20.23 ? 49  LEU A CD2 1 
ATOM   368  N  N   . ILE A 1 51  ? -3.981  -2.307  0.814   1.00 10.73 ? 50  ILE A N   1 
ATOM   369  C  CA  . ILE A 1 51  ? -3.094  -1.757  -0.177  1.00 11.23 ? 50  ILE A CA  1 
ATOM   370  C  C   . ILE A 1 51  ? -1.840  -1.175  0.501   1.00 10.77 ? 50  ILE A C   1 
ATOM   371  O  O   . ILE A 1 51  ? -1.959  -0.412  1.436   1.00 11.20 ? 50  ILE A O   1 
ATOM   372  C  CB  . ILE A 1 51  ? -3.774  -0.628  -1.002  1.00 10.51 ? 50  ILE A CB  1 
ATOM   373  C  CG1 . ILE A 1 51  ? -5.107  -1.092  -1.560  1.00 11.70 ? 50  ILE A CG1 1 
ATOM   374  C  CG2 . ILE A 1 51  ? -2.819  -0.160  -2.095  1.00 12.76 ? 50  ILE A CG2 1 
ATOM   375  C  CD1 . ILE A 1 51  ? -5.833  0.050   -2.303  1.00 14.23 ? 50  ILE A CD1 1 
ATOM   376  N  N   . VAL A 1 52  ? -0.672  -1.621  0.057   1.00 11.01 ? 51  VAL A N   1 
ATOM   377  C  CA  . VAL A 1 52  ? 0.615   -1.068  0.466   1.00 11.30 ? 51  VAL A CA  1 
ATOM   378  C  C   . VAL A 1 52  ? 1.012   -0.174  -0.690  1.00 11.76 ? 51  VAL A C   1 
ATOM   379  O  O   . VAL A 1 52  ? 1.242   -0.658  -1.803  1.00 12.70 ? 51  VAL A O   1 
ATOM   380  C  CB  . VAL A 1 52  ? 1.684   -2.158  0.704   1.00 11.91 ? 51  VAL A CB  1 
ATOM   381  C  CG1 . VAL A 1 52  ? 2.974   -1.521  1.165   1.00 14.04 ? 51  VAL A CG1 1 
ATOM   382  C  CG2 . VAL A 1 52  ? 1.233   -3.167  1.719   1.00 13.64 ? 51  VAL A CG2 1 
ATOM   383  N  N   . LEU A 1 53  ? 1.088   1.124   -0.431  1.00 11.81 ? 52  LEU A N   1 
ATOM   384  C  CA  . LEU A 1 53  ? 1.167   2.133   -1.479  1.00 12.27 ? 52  LEU A CA  1 
ATOM   385  C  C   . LEU A 1 53  ? 2.330   3.110   -1.293  1.00 12.97 ? 52  LEU A C   1 
ATOM   386  O  O   . LEU A 1 53  ? 2.361   3.844   -0.333  1.00 13.33 ? 52  LEU A O   1 
ATOM   387  C  CB  . LEU A 1 53  ? -0.135  2.932   -1.434  1.00 12.72 ? 52  LEU A CB  1 
ATOM   388  C  CG  . LEU A 1 53  ? -0.365  4.061   -2.426  1.00 13.69 ? 52  LEU A CG  1 
ATOM   389  C  CD1 . LEU A 1 53  ? -0.298  3.558   -3.870  1.00 15.00 ? 52  LEU A CD1 1 
ATOM   390  C  CD2 . LEU A 1 53  ? -1.717  4.672   -2.213  1.00 16.64 ? 52  LEU A CD2 1 
ATOM   391  N  N   . ASP A 1 54  ? 3.243   3.137   -2.247  1.00 13.76 ? 53  ASP A N   1 
ATOM   392  C  CA  . ASP A 1 54  ? 4.352   4.101   -2.282  1.00 14.22 ? 53  ASP A CA  1 
ATOM   393  C  C   . ASP A 1 54  ? 3.788   5.513   -2.527  1.00 14.64 ? 53  ASP A C   1 
ATOM   394  O  O   . ASP A 1 54  ? 2.941   5.708   -3.401  1.00 15.56 ? 53  ASP A O   1 
ATOM   395  C  CB  . ASP A 1 54  ? 5.249   3.640   -3.437  1.00 15.35 ? 53  ASP A CB  1 
ATOM   396  C  CG  . ASP A 1 54  ? 6.556   4.280   -3.493  1.00 19.50 ? 53  ASP A CG  1 
ATOM   397  O  OD1 . ASP A 1 54  ? 6.967   4.901   -2.504  1.00 23.44 ? 53  ASP A OD1 1 
ATOM   398  O  OD2 . ASP A 1 54  ? 7.249   4.151   -4.521  1.00 21.92 ? 53  ASP A OD2 1 
ATOM   399  N  N   . VAL A 1 55  ? 4.287   6.486   -1.771  1.00 13.97 ? 54  VAL A N   1 
ATOM   400  C  CA  . VAL A 1 55  ? 3.854   7.866   -1.889  1.00 15.59 ? 54  VAL A CA  1 
ATOM   401  C  C   . VAL A 1 55  ? 4.307   8.440   -3.244  1.00 15.98 ? 54  VAL A C   1 
ATOM   402  O  O   . VAL A 1 55  ? 3.546   9.110   -3.929  1.00 16.33 ? 54  VAL A O   1 
ATOM   403  C  CB  . VAL A 1 55  ? 4.417   8.707   -0.704  1.00 16.50 ? 54  VAL A CB  1 
ATOM   404  C  CG1 . VAL A 1 55  ? 4.294   10.160  -0.969  1.00 18.07 ? 54  VAL A CG1 1 
ATOM   405  C  CG2 . VAL A 1 55  ? 3.664   8.348   0.583   1.00 18.71 ? 54  VAL A CG2 1 
ATOM   406  N  N   . MET A 1 56  ? 5.600   8.321   -3.584  1.00 18.24 ? 55  MET A N   1 
ATOM   407  C  CA  . MET A 1 56  ? 6.175   8.794   -4.855  1.00 19.45 ? 55  MET A CA  1 
ATOM   408  C  C   . MET A 1 56  ? 6.097   7.650   -5.871  1.00 20.00 ? 55  MET A C   1 
ATOM   409  O  O   . MET A 1 56  ? 6.918   6.717   -5.843  1.00 23.25 ? 55  MET A O   1 
ATOM   410  C  CB  . MET A 1 56  ? 7.609   9.234   -4.610  1.00 21.78 ? 55  MET A CB  1 
ATOM   411  C  CG  . MET A 1 56  ? 7.697   10.328  -3.536  1.00 25.22 ? 55  MET A CG  1 
ATOM   412  S  SD  . MET A 1 56  ? 6.765   11.788  -3.955  1.00 33.25 ? 55  MET A SD  1 
ATOM   413  C  CE  . MET A 1 56  ? 7.357   12.460  -5.492  1.00 35.20 ? 55  MET A CE  1 
ATOM   414  N  N   . LEU A 1 57  ? 5.092   7.809   -6.718  1.00 18.68 ? 56  LEU A N   1 
ATOM   415  C  CA  . LEU A 1 57  ? 4.709   6.846   -7.765  1.00 18.92 ? 56  LEU A CA  1 
ATOM   416  C  C   . LEU A 1 57  ? 4.571   7.547   -9.170  1.00 19.38 ? 56  LEU A C   1 
ATOM   417  O  O   . LEU A 1 57  ? 3.961   8.609   -9.213  1.00 19.24 ? 56  LEU A O   1 
ATOM   418  C  CB  . LEU A 1 57  ? 3.342   6.284   -7.401  1.00 20.19 ? 56  LEU A CB  1 
ATOM   419  C  CG  . LEU A 1 57  ? 3.317   4.841   -6.953  1.00 21.35 ? 56  LEU A CG  1 
ATOM   420  C  CD1 . LEU A 1 57  ? 1.916   4.244   -7.086  1.00 18.56 ? 56  LEU A CD1 1 
ATOM   421  C  CD2 . LEU A 1 57  ? 4.248   3.938   -7.757  1.00 18.55 ? 56  LEU A CD2 1 
ATOM   422  N  N   . PRO A 1 58  ? 4.973   6.927   -10.257 1.00 19.55 ? 57  PRO A N   1 
ATOM   423  C  CA  . PRO A 1 58  ? 4.662   7.464   -11.582 1.00 20.14 ? 57  PRO A CA  1 
ATOM   424  C  C   . PRO A 1 58  ? 3.197   7.335   -12.002 1.00 20.29 ? 57  PRO A C   1 
ATOM   425  O  O   . PRO A 1 58  ? 2.471   6.513   -11.461 1.00 19.33 ? 57  PRO A O   1 
ATOM   426  C  CB  . PRO A 1 58  ? 5.519   6.626   -12.517 1.00 20.76 ? 57  PRO A CB  1 
ATOM   427  C  CG  . PRO A 1 58  ? 6.165   5.572   -11.730 1.00 22.26 ? 57  PRO A CG  1 
ATOM   428  C  CD  . PRO A 1 58  ? 5.808   5.712   -10.305 1.00 20.04 ? 57  PRO A CD  1 
ATOM   429  N  N   . LYS A 1 59  ? 2.805   8.199   -12.944 1.00 20.79 ? 58  LYS A N   1 
ATOM   430  C  CA  . LYS A 1 59  ? 1.494   8.287   -13.599 1.00 20.40 ? 58  LYS A CA  1 
ATOM   431  C  C   . LYS A 1 59  ? 0.451   8.938   -12.693 1.00 20.34 ? 58  LYS A C   1 
ATOM   432  O  O   . LYS A 1 59  ? -0.178  9.913   -13.081 1.00 21.54 ? 58  LYS A O   1 
ATOM   433  C  CB  . LYS A 1 59  ? 1.012   6.948   -14.190 1.00 20.67 ? 58  LYS A CB  1 
ATOM   434  C  CG  . LYS A 1 59  ? 2.053   6.332   -15.153 1.00 23.11 ? 58  LYS A CG  1 
ATOM   435  C  CD  . LYS A 1 59  ? 1.447   5.396   -16.177 1.00 26.20 ? 58  LYS A CD  1 
ATOM   436  C  CE  . LYS A 1 59  ? 2.512   4.800   -17.102 1.00 30.19 ? 58  LYS A CE  1 
ATOM   437  N  NZ  . LYS A 1 59  ? 3.436   3.878   -16.387 1.00 33.81 ? 58  LYS A NZ  1 
ATOM   438  N  N   . LEU A 1 60  ? 0.221   8.335   -11.532 1.00 17.97 ? 59  LEU A N   1 
ATOM   439  C  CA  . LEU A 1 60  ? -0.630  8.891   -10.490 1.00 17.41 ? 59  LEU A CA  1 
ATOM   440  C  C   . LEU A 1 60  ? 0.160   8.628   -9.235  1.00 16.63 ? 59  LEU A C   1 
ATOM   441  O  O   . LEU A 1 60  ? 0.545   7.467   -8.973  1.00 16.12 ? 59  LEU A O   1 
ATOM   442  C  CB  . LEU A 1 60  ? -1.991  8.174   -10.369 1.00 17.70 ? 59  LEU A CB  1 
ATOM   443  C  CG  . LEU A 1 60  ? -2.983  8.256   -11.515 1.00 20.45 ? 59  LEU A CG  1 
ATOM   444  C  CD1 . LEU A 1 60  ? -4.216  7.429   -11.175 1.00 19.51 ? 59  LEU A CD1 1 
ATOM   445  C  CD2 . LEU A 1 60  ? -3.356  9.723   -11.814 1.00 21.15 ? 59  LEU A CD2 1 
ATOM   446  N  N   . ASP A 1 61  ? 0.431   9.653   -8.430  1.00 14.96 ? 60  ASP A N   1 
ATOM   447  C  CA  . ASP A 1 61  ? 1.192   9.387   -7.213  1.00 15.29 ? 60  ASP A CA  1 
ATOM   448  C  C   . ASP A 1 61  ? 0.287   8.826   -6.124  1.00 14.94 ? 60  ASP A C   1 
ATOM   449  O  O   . ASP A 1 61  ? -0.928  8.679   -6.321  1.00 14.23 ? 60  ASP A O   1 
ATOM   450  C  CB  . ASP A 1 61  ? 2.037   10.572  -6.738  1.00 16.13 ? 60  ASP A CB  1 
ATOM   451  C  CG  . ASP A 1 61  ? 1.239   11.807  -6.308  1.00 19.45 ? 60  ASP A CG  1 
ATOM   452  O  OD1 . ASP A 1 61  ? -0.021  11.823  -6.226  1.00 18.77 ? 60  ASP A OD1 1 
ATOM   453  O  OD2 . ASP A 1 61  ? 1.880   12.847  -5.983  1.00 23.51 ? 60  ASP A OD2 1 
ATOM   454  N  N   . GLY A 1 62  ? 0.879   8.505   -4.995  1.00 14.17 ? 61  GLY A N   1 
ATOM   455  C  CA  . GLY A 1 62  ? 0.136   7.863   -3.927  1.00 14.42 ? 61  GLY A CA  1 
ATOM   456  C  C   . GLY A 1 62  ? -1.034  8.758   -3.460  1.00 14.81 ? 61  GLY A C   1 
ATOM   457  O  O   . GLY A 1 62  ? -2.150  8.275   -3.183  1.00 14.43 ? 61  GLY A O   1 
ATOM   458  N  N   . ILE A 1 63  ? -0.799  10.056  -3.349  1.00 14.84 ? 62  ILE A N   1 
ATOM   459  C  CA  . ILE A 1 63  ? -1.851  10.988  -2.919  1.00 14.88 ? 62  ILE A CA  1 
ATOM   460  C  C   . ILE A 1 63  ? -3.003  10.905  -3.902  1.00 13.87 ? 62  ILE A C   1 
ATOM   461  O  O   . ILE A 1 63  ? -4.177  10.838  -3.528  1.00 13.79 ? 62  ILE A O   1 
ATOM   462  C  CB  . ILE A 1 63  ? -1.345  12.449  -2.830  1.00 16.19 ? 62  ILE A CB  1 
ATOM   463  C  CG1 . ILE A 1 63  ? -0.467  12.628  -1.607  1.00 17.73 ? 62  ILE A CG1 1 
ATOM   464  C  CG2 . ILE A 1 63  ? -2.523  13.420  -2.822  1.00 16.81 ? 62  ILE A CG2 1 
ATOM   465  C  CD1 . ILE A 1 63  ? 0.321   13.930  -1.628  1.00 19.94 ? 62  ILE A CD1 1 
ATOM   466  N  N   . GLU A 1 64  ? -2.674  10.872  -5.179  1.00 12.76 ? 63  GLU A N   1 
ATOM   467  C  CA  . GLU A 1 64  ? -3.704  10.907  -6.207  1.00 13.95 ? 63  GLU A CA  1 
ATOM   468  C  C   . GLU A 1 64  ? -4.505  9.608   -6.225  1.00 12.90 ? 63  GLU A C   1 
ATOM   469  O  O   . GLU A 1 64  ? -5.708  9.642   -6.405  1.00 13.08 ? 63  GLU A O   1 
ATOM   470  C  CB  . GLU A 1 64  ? -3.092  11.225  -7.566  1.00 15.48 ? 63  GLU A CB  1 
ATOM   471  C  CG  . GLU A 1 64  ? -4.129  11.448  -8.617  1.00 17.24 ? 63  GLU A CG  1 
ATOM   472  C  CD  . GLU A 1 64  ? -5.008  12.641  -8.374  1.00 22.96 ? 63  GLU A CD  1 
ATOM   473  O  OE1 . GLU A 1 64  ? -4.545  13.625  -7.739  1.00 25.78 ? 63  GLU A OE1 1 
ATOM   474  O  OE2 . GLU A 1 64  ? -6.174  12.609  -8.858  1.00 27.39 ? 63  GLU A OE2 1 
ATOM   475  N  N   . VAL A 1 65  ? -3.828  8.480   -6.081  1.00 12.33 ? 64  VAL A N   1 
ATOM   476  C  CA  . VAL A 1 65  ? -4.509  7.200   -5.963  1.00 12.81 ? 64  VAL A CA  1 
ATOM   477  C  C   . VAL A 1 65  ? -5.502  7.230   -4.808  1.00 12.23 ? 64  VAL A C   1 
ATOM   478  O  O   . VAL A 1 65  ? -6.676  6.877   -4.993  1.00 12.92 ? 64  VAL A O   1 
ATOM   479  C  CB  . VAL A 1 65  ? -3.513  6.008   -5.802  1.00 12.74 ? 64  VAL A CB  1 
ATOM   480  C  CG1 . VAL A 1 65  ? -4.251  4.716   -5.518  1.00 14.51 ? 64  VAL A CG1 1 
ATOM   481  C  CG2 . VAL A 1 65  ? -2.663  5.799   -7.013  1.00 13.91 ? 64  VAL A CG2 1 
ATOM   482  N  N   . CYS A 1 66  ? -5.076  7.658   -3.625  1.00 12.41 ? 65  CYS A N   1 
ATOM   483  C  CA  . CYS A 1 66  ? -5.979  7.730   -2.494  1.00 12.61 ? 65  CYS A CA  1 
ATOM   484  C  C   . CYS A 1 66  ? -7.131  8.673   -2.768  1.00 13.10 ? 65  CYS A C   1 
ATOM   485  O  O   . CYS A 1 66  ? -8.272  8.398   -2.404  1.00 14.18 ? 65  CYS A O   1 
ATOM   486  C  CB  . CYS A 1 66  ? -5.261  8.161   -1.228  1.00 13.62 ? 65  CYS A CB  1 
ATOM   487  S  SG  . CYS A 1 66  ? -4.076  6.994   -0.586  1.00 15.91 ? 65  CYS A SG  1 
ATOM   488  N  N   . LYS A 1 67  ? -6.826  9.817   -3.367  1.00 12.84 ? 66  LYS A N   1 
ATOM   489  C  CA  . LYS A 1 67  ? -7.848  10.802  -3.629  1.00 13.18 ? 66  LYS A CA  1 
ATOM   490  C  C   . LYS A 1 67  ? -8.911  10.238  -4.541  1.00 13.28 ? 66  LYS A C   1 
ATOM   491  O  O   . LYS A 1 67  ? -10.105 10.462  -4.288  1.00 14.78 ? 66  LYS A O   1 
ATOM   492  C  CB  . LYS A 1 67  ? -7.187  12.050  -4.244  1.00 14.13 ? 66  LYS A CB  1 
ATOM   493  C  CG  . LYS A 1 67  ? -8.030  13.234  -4.248  1.00 15.73 ? 66  LYS A CG  1 
ATOM   494  C  CD  . LYS A 1 67  ? -7.229  14.463  -4.763  1.00 14.84 ? 66  LYS A CD  1 
ATOM   495  C  CE  . LYS A 1 67  ? -8.082  15.614  -4.924  1.00 16.90 ? 66  LYS A CE  1 
ATOM   496  N  NZ  . LYS A 1 67  ? -7.226  16.698  -5.543  1.00 15.82 ? 66  LYS A NZ  1 
ATOM   497  N  N   . GLN A 1 68  ? -8.515  9.518   -5.596  1.00 13.22 ? 67  GLN A N   1 
ATOM   498  C  CA  . GLN A 1 68  ? -9.480  8.973   -6.529  1.00 13.81 ? 67  GLN A CA  1 
ATOM   499  C  C   . GLN A 1 68  ? -10.298 7.873   -5.886  1.00 14.30 ? 67  GLN A C   1 
ATOM   500  O  O   . GLN A 1 68  ? -11.496 7.751   -6.171  1.00 15.52 ? 67  GLN A O   1 
ATOM   501  C  CB  . GLN A 1 68  ? -8.858  8.548   -7.843  1.00 14.90 ? 67  GLN A CB  1 
ATOM   502  C  CG  . GLN A 1 68  ? -8.310  9.719   -8.600  1.00 15.94 ? 67  GLN A CG  1 
ATOM   503  C  CD  . GLN A 1 68  ? -7.961  9.413   -10.012 1.00 18.72 ? 67  GLN A CD  1 
ATOM   504  O  OE1 . GLN A 1 68  ? -8.643  8.633   -10.682 1.00 23.61 ? 67  GLN A OE1 1 
ATOM   505  N  NE2 . GLN A 1 68  ? -6.920  10.081  -10.507 1.00 23.96 ? 67  GLN A NE2 1 
ATOM   506  N  N   . LEU A 1 69  ? -9.668  7.061   -5.050  1.00 12.64 ? 68  LEU A N   1 
ATOM   507  C  CA  . LEU A 1 69  ? -10.441 6.032   -4.353  1.00 13.39 ? 68  LEU A CA  1 
ATOM   508  C  C   . LEU A 1 69  ? -11.494 6.679   -3.470  1.00 13.83 ? 68  LEU A C   1 
ATOM   509  O  O   . LEU A 1 69  ? -12.649 6.252   -3.456  1.00 14.35 ? 68  LEU A O   1 
ATOM   510  C  CB  . LEU A 1 69  ? -9.524  5.127   -3.526  1.00 11.76 ? 68  LEU A CB  1 
ATOM   511  C  CG  . LEU A 1 69  ? -8.596  4.188   -4.303  1.00 13.79 ? 68  LEU A CG  1 
ATOM   512  C  CD1 . LEU A 1 69  ? -7.617  3.548   -3.383  1.00 14.17 ? 68  LEU A CD1 1 
ATOM   513  C  CD2 . LEU A 1 69  ? -9.395  3.122   -5.119  1.00 14.70 ? 68  LEU A CD2 1 
ATOM   514  N  N   . ARG A 1 70  ? -11.103 7.726   -2.745  1.00 14.74 ? 69  ARG A N   1 
ATOM   515  C  CA  . ARG A 1 70  ? -12.034 8.428   -1.863  1.00 16.31 ? 69  ARG A CA  1 
ATOM   516  C  C   . ARG A 1 70  ? -13.205 9.054   -2.632  1.00 16.87 ? 69  ARG A C   1 
ATOM   517  O  O   . ARG A 1 70  ? -14.381 9.000   -2.202  1.00 17.08 ? 69  ARG A O   1 
ATOM   518  C  CB  . ARG A 1 70  ? -11.266 9.476   -1.089  1.00 17.92 ? 69  ARG A CB  1 
ATOM   519  C  CG  . ARG A 1 70  ? -12.042 10.280  -0.093  1.00 20.13 ? 69  ARG A CG  1 
ATOM   520  C  CD  . ARG A 1 70  ? -11.197 11.435  0.454   1.00 22.01 ? 69  ARG A CD  1 
ATOM   521  N  NE  . ARG A 1 70  ? -10.960 12.474  -0.549  0.50 22.83 ? 69  ARG A NE  1 
ATOM   522  C  CZ  . ARG A 1 70  ? -10.070 13.468  -0.429  0.50 22.97 ? 69  ARG A CZ  1 
ATOM   523  N  NH1 . ARG A 1 70  ? -9.290  13.571  0.642   0.50 22.31 ? 69  ARG A NH1 1 
ATOM   524  N  NH2 . ARG A 1 70  ? -9.957  14.360  -1.399  0.50 23.09 ? 69  ARG A NH2 1 
ATOM   525  N  N   . GLN A 1 71  ? -12.901 9.627   -3.792  1.00 16.51 ? 70  GLN A N   1 
ATOM   526  C  CA  . GLN A 1 71  ? -13.931 10.225  -4.626  1.00 18.40 ? 70  GLN A CA  1 
ATOM   527  C  C   . GLN A 1 71  ? -14.970 9.185   -5.071  1.00 18.36 ? 70  GLN A C   1 
ATOM   528  O  O   . GLN A 1 71  ? -16.164 9.519   -5.210  1.00 21.42 ? 70  GLN A O   1 
ATOM   529  C  CB  . GLN A 1 71  ? -13.301 10.918  -5.832  1.00 19.14 ? 70  GLN A CB  1 
ATOM   530  C  CG  . GLN A 1 71  ? -14.291 11.463  -6.840  1.00 23.34 ? 70  GLN A CG  1 
ATOM   531  C  CD  . GLN A 1 71  ? -15.168 12.571  -6.328  0.50 25.24 ? 70  GLN A CD  1 
ATOM   532  O  OE1 . GLN A 1 71  ? -16.137 12.923  -6.991  0.50 26.96 ? 70  GLN A OE1 1 
ATOM   533  N  NE2 . GLN A 1 71  ? -14.844 13.126  -5.158  0.50 26.02 ? 70  GLN A NE2 1 
ATOM   534  N  N   . GLN A 1 72  ? -14.530 7.943   -5.275  1.00 17.45 ? 71  GLN A N   1 
ATOM   535  C  CA  . GLN A 1 72  ? -15.393 6.822   -5.658  1.00 18.12 ? 71  GLN A CA  1 
ATOM   536  C  C   . GLN A 1 72  ? -16.109 6.187   -4.457  1.00 17.72 ? 71  GLN A C   1 
ATOM   537  O  O   . GLN A 1 72  ? -16.868 5.220   -4.608  1.00 17.74 ? 71  GLN A O   1 
ATOM   538  C  CB  . GLN A 1 72  ? -14.558 5.759   -6.325  1.00 18.90 ? 71  GLN A CB  1 
ATOM   539  C  CG  . GLN A 1 72  ? -14.140 6.077   -7.710  1.00 22.10 ? 71  GLN A CG  1 
ATOM   540  C  CD  . GLN A 1 72  ? -13.342 4.952   -8.281  1.00 25.98 ? 71  GLN A CD  1 
ATOM   541  O  OE1 . GLN A 1 72  ? -13.889 3.902   -8.657  1.00 30.12 ? 71  GLN A OE1 1 
ATOM   542  N  NE2 . GLN A 1 72  ? -12.051 5.153   -8.365  1.00 27.97 ? 71  GLN A NE2 1 
ATOM   543  N  N   . LYS A 1 73  ? -15.858 6.730   -3.279  1.00 16.89 ? 72  LYS A N   1 
ATOM   544  C  CA  . LYS A 1 73  ? -16.416 6.240   -2.015  1.00 16.83 ? 72  LYS A CA  1 
ATOM   545  C  C   . LYS A 1 73  ? -15.858 4.899   -1.615  1.00 15.53 ? 72  LYS A C   1 
ATOM   546  O  O   . LYS A 1 73  ? -16.455 4.206   -0.791  1.00 15.91 ? 72  LYS A O   1 
ATOM   547  C  CB  . LYS A 1 73  ? -17.941 6.193   -2.076  1.00 18.28 ? 72  LYS A CB  1 
ATOM   548  C  CG  . LYS A 1 73  ? -18.516 7.517   -2.584  1.00 22.89 ? 72  LYS A CG  1 
ATOM   549  C  CD  . LYS A 1 73  ? -18.536 8.402   -1.445  1.00 28.01 ? 72  LYS A CD  1 
ATOM   550  C  CE  . LYS A 1 73  ? -19.884 9.143   -1.379  1.00 31.76 ? 72  LYS A CE  1 
ATOM   551  N  NZ  . LYS A 1 73  ? -19.817 10.374  -2.171  1.00 32.87 ? 72  LYS A NZ  1 
ATOM   552  N  N   . LEU A 1 74  ? -14.681 4.554   -2.136  1.00 14.67 ? 73  LEU A N   1 
ATOM   553  C  CA  . LEU A 1 74  ? -14.071 3.257   -1.852  1.00 14.14 ? 73  LEU A CA  1 
ATOM   554  C  C   . LEU A 1 74  ? -13.205 3.401   -0.615  1.00 14.53 ? 73  LEU A C   1 
ATOM   555  O  O   . LEU A 1 74  ? -12.468 4.385   -0.487  1.00 15.90 ? 73  LEU A O   1 
ATOM   556  C  CB  . LEU A 1 74  ? -13.269 2.712   -3.041  1.00 15.11 ? 73  LEU A CB  1 
ATOM   557  C  CG  . LEU A 1 74  ? -14.136 2.254   -4.224  1.00 16.03 ? 73  LEU A CG  1 
ATOM   558  C  CD1 . LEU A 1 74  ? -13.275 1.965   -5.428  1.00 19.17 ? 73  LEU A CD1 1 
ATOM   559  C  CD2 . LEU A 1 74  ? -14.973 1.041   -3.855  1.00 18.05 ? 73  LEU A CD2 1 
ATOM   560  N  N   . MET A 1 75  ? -13.303 2.425   0.282   1.00 13.94 ? 74  MET A N   1 
ATOM   561  C  CA  . MET A 1 75  ? -12.545 2.430   1.516   1.00 15.03 ? 74  MET A CA  1 
ATOM   562  C  C   . MET A 1 75  ? -11.715 1.163   1.591   1.00 14.80 ? 74  MET A C   1 
ATOM   563  O  O   . MET A 1 75  ? -12.229 0.040   1.655   1.00 15.97 ? 74  MET A O   1 
ATOM   564  C  CB  . MET A 1 75  ? -13.459 2.542   2.750   1.00 16.35 ? 74  MET A CB  1 
ATOM   565  C  CG  . MET A 1 75  ? -12.713 2.647   4.047   1.00 21.45 ? 74  MET A CG  1 
ATOM   566  S  SD  . MET A 1 75  ? -13.794 2.601   5.482   1.00 31.28 ? 74  MET A SD  1 
ATOM   567  C  CE  . MET A 1 75  ? -14.124 0.924   5.549   1.00 32.47 ? 74  MET A CE  1 
ATOM   568  N  N   . PHE A 1 76  ? -10.397 1.365   1.608   1.00 13.54 ? 75  PHE A N   1 
ATOM   569  C  CA  . PHE A 1 76  ? -9.437  0.288   1.723   1.00 13.77 ? 75  PHE A CA  1 
ATOM   570  C  C   . PHE A 1 76  ? -8.529  0.602   2.880   1.00 13.54 ? 75  PHE A C   1 
ATOM   571  O  O   . PHE A 1 76  ? -8.172  1.767   3.102   1.00 14.53 ? 75  PHE A O   1 
ATOM   572  C  CB  . PHE A 1 76  ? -8.552  0.185   0.485   1.00 13.73 ? 75  PHE A CB  1 
ATOM   573  C  CG  . PHE A 1 76  ? -9.262  -0.342  -0.741  1.00 15.18 ? 75  PHE A CG  1 
ATOM   574  C  CD1 . PHE A 1 76  ? -9.816  0.507   -1.664  1.00 16.78 ? 75  PHE A CD1 1 
ATOM   575  C  CD2 . PHE A 1 76  ? -9.336  -1.693  -0.952  1.00 17.54 ? 75  PHE A CD2 1 
ATOM   576  C  CE1 . PHE A 1 76  ? -10.463 -0.004  -2.769  1.00 16.53 ? 75  PHE A CE1 1 
ATOM   577  C  CE2 . PHE A 1 76  ? -9.988  -2.200  -2.044  1.00 19.72 ? 75  PHE A CE2 1 
ATOM   578  C  CZ  . PHE A 1 76  ? -10.538 -1.349  -2.960  1.00 19.93 ? 75  PHE A CZ  1 
ATOM   579  N  N   . PRO A 1 77  ? -8.096  -0.420  3.585   1.00 13.68 ? 76  PRO A N   1 
ATOM   580  C  CA  . PRO A 1 77  ? -6.975  -0.253  4.516   1.00 13.33 ? 76  PRO A CA  1 
ATOM   581  C  C   . PRO A 1 77  ? -5.714  0.019   3.689   1.00 12.85 ? 76  PRO A C   1 
ATOM   582  O  O   . PRO A 1 77  ? -5.424  -0.720  2.732   1.00 13.85 ? 76  PRO A O   1 
ATOM   583  C  CB  . PRO A 1 77  ? -6.901  -1.612  5.195   1.00 14.41 ? 76  PRO A CB  1 
ATOM   584  C  CG  . PRO A 1 77  ? -8.271  -2.202  4.991   1.00 14.51 ? 76  PRO A CG  1 
ATOM   585  C  CD  . PRO A 1 77  ? -8.656  -1.781  3.637   1.00 14.86 ? 76  PRO A CD  1 
ATOM   586  N  N   . ILE A 1 78  ? -5.005  1.088   4.015   1.00 11.95 ? 77  ILE A N   1 
ATOM   587  C  CA  . ILE A 1 78  ? -3.895  1.555   3.199   1.00 12.04 ? 77  ILE A CA  1 
ATOM   588  C  C   . ILE A 1 78  ? -2.700  1.773   4.090   1.00 12.33 ? 77  ILE A C   1 
ATOM   589  O  O   . ILE A 1 78  ? -2.784  2.526   5.085   1.00 12.26 ? 77  ILE A O   1 
ATOM   590  C  CB  . ILE A 1 78  ? -4.257  2.856   2.456   1.00 12.89 ? 77  ILE A CB  1 
ATOM   591  C  CG1 . ILE A 1 78  ? -5.362  2.592   1.405   1.00 14.10 ? 77  ILE A CG1 1 
ATOM   592  C  CG2 . ILE A 1 78  ? -3.017  3.400   1.776   1.00 14.81 ? 77  ILE A CG2 1 
ATOM   593  C  CD1 . ILE A 1 78  ? -6.045  3.857   0.898   1.00 15.48 ? 77  ILE A CD1 1 
ATOM   594  N  N   . LEU A 1 79  ? -1.594  1.113   3.743   1.00 11.44 ? 78  LEU A N   1 
ATOM   595  C  CA  . LEU A 1 79  ? -0.289  1.337   4.404   1.00 11.55 ? 78  LEU A CA  1 
ATOM   596  C  C   . LEU A 1 79  ? 0.547   2.145   3.419   1.00 11.29 ? 78  LEU A C   1 
ATOM   597  O  O   . LEU A 1 79  ? 0.896   1.645   2.351   1.00 11.74 ? 78  LEU A O   1 
ATOM   598  C  CB  . LEU A 1 79  ? 0.371   0.012   4.718   1.00 11.91 ? 78  LEU A CB  1 
ATOM   599  C  CG  . LEU A 1 79  ? 1.797   0.033   5.247   1.00 11.92 ? 78  LEU A CG  1 
ATOM   600  C  CD1 . LEU A 1 79  ? 1.913   0.837   6.488   1.00 11.66 ? 78  LEU A CD1 1 
ATOM   601  C  CD2 . LEU A 1 79  ? 2.307   -1.391  5.432   1.00 13.00 ? 78  LEU A CD2 1 
ATOM   602  N  N   . MET A 1 80  ? 0.860   3.412   3.754   1.00 11.41 ? 79  MET A N   1 
ATOM   603  C  CA  . MET A 1 80  ? 1.651   4.253   2.861   1.00 12.19 ? 79  MET A CA  1 
ATOM   604  C  C   . MET A 1 80  ? 3.140   4.038   3.093   1.00 13.62 ? 79  MET A C   1 
ATOM   605  O  O   . MET A 1 80  ? 3.548   3.947   4.237   1.00 14.53 ? 79  MET A O   1 
ATOM   606  C  CB  . MET A 1 80  ? 1.329   5.732   3.107   1.00 13.44 ? 79  MET A CB  1 
ATOM   607  C  CG  . MET A 1 80  ? -0.063  6.101   2.944   1.00 16.00 ? 79  MET A CG  1 
ATOM   608  S  SD  . MET A 1 80  ? -0.620  5.936   1.259   1.00 20.61 ? 79  MET A SD  1 
ATOM   609  C  CE  . MET A 1 80  ? 0.518   6.880   0.408   1.00 21.54 ? 79  MET A CE  1 
ATOM   610  N  N   A LEU A 1 81  ? 3.934   3.977   2.027   0.50 12.92 ? 80  LEU A N   1 
ATOM   611  N  N   B LEU A 1 81  ? 3.934   3.977   2.027   0.50 12.92 ? 80  LEU A N   1 
ATOM   612  C  CA  A LEU A 1 81  ? 5.391   3.806   2.143   0.50 13.09 ? 80  LEU A CA  1 
ATOM   613  C  CA  B LEU A 1 81  ? 5.374   3.781   2.126   0.50 14.94 ? 80  LEU A CA  1 
ATOM   614  C  C   A LEU A 1 81  ? 6.067   5.099   1.780   0.50 13.95 ? 80  LEU A C   1 
ATOM   615  C  C   B LEU A 1 81  ? 6.067   5.099   1.780   0.50 13.95 ? 80  LEU A C   1 
ATOM   616  O  O   A LEU A 1 81  ? 5.798   5.659   0.725   0.50 14.35 ? 80  LEU A O   1 
ATOM   617  O  O   B LEU A 1 81  ? 5.798   5.659   0.725   0.50 14.35 ? 80  LEU A O   1 
ATOM   618  C  CB  A LEU A 1 81  ? 5.938   2.761   1.173   0.50 12.94 ? 80  LEU A CB  1 
ATOM   619  C  CB  B LEU A 1 81  ? 5.811   2.712   1.118   0.50 16.30 ? 80  LEU A CB  1 
ATOM   620  C  CG  A LEU A 1 81  ? 5.336   1.391   1.181   0.50 11.45 ? 80  LEU A CG  1 
ATOM   621  C  CG  B LEU A 1 81  ? 6.730   1.591   1.540   0.50 20.20 ? 80  LEU A CG  1 
ATOM   622  C  CD1 A LEU A 1 81  ? 6.058   0.532   0.139   0.50 11.39 ? 80  LEU A CD1 1 
ATOM   623  C  CD1 B LEU A 1 81  ? 5.890   0.665   2.381   0.50 22.67 ? 80  LEU A CD1 1 
ATOM   624  C  CD2 A LEU A 1 81  ? 5.474   0.847   2.572   0.50 13.06 ? 80  LEU A CD2 1 
ATOM   625  C  CD2 B LEU A 1 81  ? 7.255   0.878   0.319   0.50 21.35 ? 80  LEU A CD2 1 
ATOM   626  N  N   . THR A 1 82  ? 6.950   5.573   2.650   1.00 15.26 ? 81  THR A N   1 
ATOM   627  C  CA  . THR A 1 82  ? 7.677   6.820   2.371   1.00 17.39 ? 81  THR A CA  1 
ATOM   628  C  C   . THR A 1 82  ? 9.182   6.570   2.295   1.00 18.87 ? 81  THR A C   1 
ATOM   629  O  O   . THR A 1 82  ? 9.712   5.656   2.917   1.00 18.29 ? 81  THR A O   1 
ATOM   630  C  CB  . THR A 1 82  ? 7.399   7.860   3.443   1.00 18.61 ? 81  THR A CB  1 
ATOM   631  O  OG1 . THR A 1 82  ? 7.723   7.349   4.732   1.00 19.80 ? 81  THR A OG1 1 
ATOM   632  C  CG2 . THR A 1 82  ? 5.932   8.156   3.551   1.00 20.20 ? 81  THR A CG2 1 
ATOM   633  N  N   . ALA A 1 83  ? 9.865   7.413   1.548   1.00 19.86 ? 82  ALA A N   1 
ATOM   634  C  CA  . ALA A 1 83  ? 11.300  7.281   1.359   1.00 22.84 ? 82  ALA A CA  1 
ATOM   635  C  C   . ALA A 1 83  ? 12.034  7.928   2.499   1.00 25.84 ? 82  ALA A C   1 
ATOM   636  O  O   . ALA A 1 83  ? 11.467  8.719   3.233   1.00 25.76 ? 82  ALA A O   1 
ATOM   637  C  CB  . ALA A 1 83  ? 11.680  7.968   0.093   1.00 22.82 ? 82  ALA A CB  1 
ATOM   638  N  N   . LYS A 1 84  ? 13.329  7.642   2.594   1.00 28.52 ? 83  LYS A N   1 
ATOM   639  C  CA  . LYS A 1 84  ? 14.157  8.248   3.632   1.00 31.06 ? 83  LYS A CA  1 
ATOM   640  C  C   . LYS A 1 84  ? 14.162  9.750   3.459   1.00 32.18 ? 83  LYS A C   1 
ATOM   641  O  O   . LYS A 1 84  ? 14.293  10.257  2.345   1.00 33.74 ? 83  LYS A O   1 
ATOM   642  C  CB  . LYS A 1 84  ? 15.583  7.697   3.567   0.50 31.07 ? 83  LYS A CB  1 
ATOM   643  N  N   . ASP A 1 85  ? 13.995  10.471  4.557   1.00 34.31 ? 84  ASP A N   1 
ATOM   644  C  CA  . ASP A 1 85  ? 13.962  11.937  4.521   1.00 34.92 ? 84  ASP A CA  1 
ATOM   645  C  C   . ASP A 1 85  ? 12.954  12.570  3.548   1.00 34.97 ? 84  ASP A C   1 
ATOM   646  O  O   . ASP A 1 85  ? 13.226  13.620  2.969   1.00 36.23 ? 84  ASP A O   1 
ATOM   647  C  CB  . ASP A 1 85  ? 15.367  12.499  4.265   0.50 35.14 ? 84  ASP A CB  1 
ATOM   648  N  N   . GLU A 1 86  ? 11.822  11.904  3.317   1.00 33.70 ? 85  GLU A N   1 
ATOM   649  C  CA  . GLU A 1 86  ? 10.698  12.512  2.608   1.00 32.60 ? 85  GLU A CA  1 
ATOM   650  C  C   . GLU A 1 86  ? 9.552   12.413  3.589   1.00 31.09 ? 85  GLU A C   1 
ATOM   651  O  O   . GLU A 1 86  ? 8.763   11.465  3.543   1.00 31.57 ? 85  GLU A O   1 
ATOM   652  C  CB  . GLU A 1 86  ? 10.355  11.785  1.316   1.00 32.66 ? 85  GLU A CB  1 
ATOM   653  N  N   . GLU A 1 87  ? 9.467   13.377  4.499   1.00 29.36 ? 86  GLU A N   1 
ATOM   654  C  CA  . GLU A 1 87  ? 8.417   13.373  5.490   1.00 27.64 ? 86  GLU A CA  1 
ATOM   655  C  C   . GLU A 1 87  ? 7.074   13.590  4.807   1.00 26.01 ? 86  GLU A C   1 
ATOM   656  O  O   . GLU A 1 87  ? 6.966   14.348  3.848   1.00 26.73 ? 86  GLU A O   1 
ATOM   657  C  CB  . GLU A 1 87  ? 8.631   14.444  6.534   1.00 28.48 ? 86  GLU A CB  1 
ATOM   658  N  N   . PHE A 1 88  ? 6.070   12.890  5.323   1.00 22.95 ? 87  PHE A N   1 
ATOM   659  C  CA  . PHE A 1 88  ? 4.703   12.980  4.823   1.00 21.30 ? 87  PHE A CA  1 
ATOM   660  C  C   . PHE A 1 88  ? 3.777   13.563  5.856   1.00 19.75 ? 87  PHE A C   1 
ATOM   661  O  O   . PHE A 1 88  ? 3.882   13.271  7.046   1.00 21.66 ? 87  PHE A O   1 
ATOM   662  C  CB  . PHE A 1 88  ? 4.210   11.570  4.468   1.00 21.04 ? 87  PHE A CB  1 
ATOM   663  C  CG  . PHE A 1 88  ? 2.945   11.563  3.659   1.00 20.10 ? 87  PHE A CG  1 
ATOM   664  C  CD1 . PHE A 1 88  ? 2.969   11.894  2.331   1.00 21.85 ? 87  PHE A CD1 1 
ATOM   665  C  CD2 . PHE A 1 88  ? 1.735   11.338  4.245   1.00 19.02 ? 87  PHE A CD2 1 
ATOM   666  C  CE1 . PHE A 1 88  ? 1.810   11.940  1.587   1.00 21.82 ? 87  PHE A CE1 1 
ATOM   667  C  CE2 . PHE A 1 88  ? 0.591   11.347  3.501   1.00 19.98 ? 87  PHE A CE2 1 
ATOM   668  C  CZ  . PHE A 1 88  ? 0.614   11.667  2.181   1.00 18.84 ? 87  PHE A CZ  1 
ATOM   669  N  N   . ASP A 1 89  ? 2.817   14.351  5.396   1.00 17.36 ? 88  ASP A N   1 
ATOM   670  C  CA  . ASP A 1 89  ? 1.853   14.981  6.278   1.00 16.33 ? 88  ASP A CA  1 
ATOM   671  C  C   . ASP A 1 89  ? 0.752   13.970  6.615   1.00 16.19 ? 88  ASP A C   1 
ATOM   672  O  O   . ASP A 1 89  ? -0.098  13.688  5.796   1.00 15.56 ? 88  ASP A O   1 
ATOM   673  C  CB  . ASP A 1 89  ? 1.276   16.206  5.586   1.00 16.09 ? 88  ASP A CB  1 
ATOM   674  C  CG  . ASP A 1 89  ? 0.224   16.923  6.394   1.00 17.25 ? 88  ASP A CG  1 
ATOM   675  O  OD1 . ASP A 1 89  ? -0.236  16.414  7.438   1.00 20.45 ? 88  ASP A OD1 1 
ATOM   676  O  OD2 . ASP A 1 89  ? -0.265  18.038  6.028   1.00 19.65 ? 88  ASP A OD2 1 
ATOM   677  N  N   . LYS A 1 90  ? 0.776   13.429  7.828   1.00 17.05 ? 89  LYS A N   1 
ATOM   678  C  CA  . LYS A 1 90  ? -0.205  12.421  8.247   1.00 17.36 ? 89  LYS A CA  1 
ATOM   679  C  C   . LYS A 1 90  ? -1.608  12.950  8.481   1.00 17.04 ? 89  LYS A C   1 
ATOM   680  O  O   . LYS A 1 90  ? -2.563  12.182  8.485   1.00 17.40 ? 89  LYS A O   1 
ATOM   681  C  CB  . LYS A 1 90  ? 0.309   11.643  9.454   1.00 18.23 ? 89  LYS A CB  1 
ATOM   682  C  CG  . LYS A 1 90  ? 1.599   10.877  9.108   1.00 19.13 ? 89  LYS A CG  1 
ATOM   683  C  CD  . LYS A 1 90  ? 2.130   10.074  10.286  1.00 21.46 ? 89  LYS A CD  1 
ATOM   684  C  CE  . LYS A 1 90  ? 3.441   9.377   9.919   1.00 22.83 ? 89  LYS A CE  1 
ATOM   685  N  NZ  . LYS A 1 90  ? 3.857   8.397   10.997  1.00 25.89 ? 89  LYS A NZ  1 
ATOM   686  N  N   . VAL A 1 91  ? -1.749  14.253  8.657   1.00 16.04 ? 90  VAL A N   1 
ATOM   687  C  CA  . VAL A 1 91  ? -3.067  14.827  8.758   1.00 16.75 ? 90  VAL A CA  1 
ATOM   688  C  C   . VAL A 1 91  ? -3.696  14.803  7.350   1.00 16.10 ? 90  VAL A C   1 
ATOM   689  O  O   . VAL A 1 91  ? -4.878  14.478  7.198   1.00 15.59 ? 90  VAL A O   1 
ATOM   690  C  CB  . VAL A 1 91  ? -3.035  16.240  9.330   1.00 18.09 ? 90  VAL A CB  1 
ATOM   691  C  CG1 . VAL A 1 91  ? -4.407  16.805  9.365   1.00 18.46 ? 90  VAL A CG1 1 
ATOM   692  C  CG2 . VAL A 1 91  ? -2.417  16.236  10.736  1.00 20.24 ? 90  VAL A CG2 1 
ATOM   693  N  N   . LEU A 1 92  ? -2.897  15.103  6.327   1.00 14.72 ? 91  LEU A N   1 
ATOM   694  C  CA  . LEU A 1 92  ? -3.338  14.940  4.939   1.00 14.00 ? 91  LEU A CA  1 
ATOM   695  C  C   . LEU A 1 92  ? -3.638  13.466  4.705   1.00 14.02 ? 91  LEU A C   1 
ATOM   696  O  O   . LEU A 1 92  ? -4.637  13.105  4.104   1.00 13.15 ? 91  LEU A O   1 
ATOM   697  C  CB  . LEU A 1 92  ? -2.261  15.432  3.973   1.00 13.54 ? 91  LEU A CB  1 
ATOM   698  C  CG  . LEU A 1 92  ? -2.500  15.115  2.504   1.00 14.72 ? 91  LEU A CG  1 
ATOM   699  C  CD1 . LEU A 1 92  ? -3.772  15.701  1.951   1.00 15.53 ? 91  LEU A CD1 1 
ATOM   700  C  CD2 . LEU A 1 92  ? -1.287  15.608  1.703   1.00 17.07 ? 91  LEU A CD2 1 
ATOM   701  N  N   . GLY A 1 93  ? -2.746  12.597  5.182   1.00 14.40 ? 92  GLY A N   1 
ATOM   702  C  CA  . GLY A 1 93  ? -2.954  11.171  5.030   1.00 15.24 ? 92  GLY A CA  1 
ATOM   703  C  C   . GLY A 1 93  ? -4.304  10.698  5.544   1.00 16.54 ? 92  GLY A C   1 
ATOM   704  O  O   . GLY A 1 93  ? -4.979  9.923   4.884   1.00 15.43 ? 92  GLY A O   1 
ATOM   705  N  N   . LEU A 1 94  ? -4.729  11.219  6.687   1.00 16.83 ? 93  LEU A N   1 
ATOM   706  C  CA  . LEU A 1 94  ? -6.024  10.834  7.221   1.00 17.70 ? 93  LEU A CA  1 
ATOM   707  C  C   . LEU A 1 94  ? -7.150  11.304  6.296   1.00 17.54 ? 93  LEU A C   1 
ATOM   708  O  O   . LEU A 1 94  ? -8.119  10.584  6.085   1.00 18.45 ? 93  LEU A O   1 
ATOM   709  C  CB  . LEU A 1 94  ? -6.190  11.404  8.624   1.00 19.81 ? 93  LEU A CB  1 
ATOM   710  C  CG  . LEU A 1 94  ? -7.408  10.956  9.400   1.00 22.21 ? 93  LEU A CG  1 
ATOM   711  C  CD1 . LEU A 1 94  ? -7.381  9.455   9.619   1.00 25.35 ? 93  LEU A CD1 1 
ATOM   712  C  CD2 . LEU A 1 94  ? -7.401  11.715  10.725  1.00 23.72 ? 93  LEU A CD2 1 
ATOM   713  N  N   . GLU A 1 95  ? -7.035  12.503  5.740   1.00 16.23 ? 94  GLU A N   1 
ATOM   714  C  CA  . GLU A 1 95  ? -8.008  13.000  4.757   1.00 16.63 ? 94  GLU A CA  1 
ATOM   715  C  C   . GLU A 1 95  ? -8.129  12.031  3.616   1.00 16.63 ? 94  GLU A C   1 
ATOM   716  O  O   . GLU A 1 95  ? -9.207  11.855  3.053   1.00 18.78 ? 94  GLU A O   1 
ATOM   717  C  CB  . GLU A 1 95  ? -7.581  14.347  4.105   1.00 17.24 ? 94  GLU A CB  1 
ATOM   718  C  CG  . GLU A 1 95  ? -7.419  15.535  5.024   1.00 19.34 ? 94  GLU A CG  1 
ATOM   719  C  CD  . GLU A 1 95  ? -7.040  16.832  4.307   1.00 21.42 ? 94  GLU A CD  1 
ATOM   720  O  OE1 . GLU A 1 95  ? -6.888  16.862  3.030   1.00 22.29 ? 94  GLU A OE1 1 
ATOM   721  O  OE2 . GLU A 1 95  ? -6.923  17.824  5.045   1.00 23.71 ? 94  GLU A OE2 1 
ATOM   722  N  N   . LEU A 1 96  ? -7.007  11.435  3.244   1.00 15.55 ? 95  LEU A N   1 
ATOM   723  C  CA  . LEU A 1 96  ? -6.916  10.560  2.070   1.00 15.94 ? 95  LEU A CA  1 
ATOM   724  C  C   . LEU A 1 96  ? -7.282  9.099   2.341   1.00 16.11 ? 95  LEU A C   1 
ATOM   725  O  O   . LEU A 1 96  ? -7.310  8.284   1.424   1.00 17.50 ? 95  LEU A O   1 
ATOM   726  C  CB  . LEU A 1 96  ? -5.468  10.600  1.563   1.00 16.75 ? 95  LEU A CB  1 
ATOM   727  C  CG  . LEU A 1 96  ? -4.995  11.936  0.965   1.00 18.59 ? 95  LEU A CG  1 
ATOM   728  C  CD1 . LEU A 1 96  ? -3.508  11.820  0.765   1.00 20.29 ? 95  LEU A CD1 1 
ATOM   729  C  CD2 . LEU A 1 96  ? -5.725  12.313  -0.315  1.00 19.62 ? 95  LEU A CD2 1 
ATOM   730  N  N   . GLY A 1 97  ? -7.551  8.760   3.584   1.00 15.63 ? 96  GLY A N   1 
ATOM   731  C  CA  . GLY A 1 97  ? -7.832  7.378   3.905   1.00 15.90 ? 96  GLY A CA  1 
ATOM   732  C  C   . GLY A 1 97  ? -6.644  6.508   4.264   1.00 16.22 ? 96  GLY A C   1 
ATOM   733  O  O   . GLY A 1 97  ? -6.784  5.301   4.378   1.00 17.03 ? 96  GLY A O   1 
ATOM   734  N  N   . ALA A 1 98  ? -5.449  7.064   4.431   1.00 16.30 ? 97  ALA A N   1 
ATOM   735  C  CA  . ALA A 1 98  ? -4.336  6.211   4.847   1.00 16.73 ? 97  ALA A CA  1 
ATOM   736  C  C   . ALA A 1 98  ? -4.544  5.741   6.300   1.00 17.29 ? 97  ALA A C   1 
ATOM   737  O  O   . ALA A 1 98  ? -5.095  6.475   7.126   1.00 18.61 ? 97  ALA A O   1 
ATOM   738  C  CB  . ALA A 1 98  ? -3.046  6.945   4.712   1.00 17.62 ? 97  ALA A CB  1 
ATOM   739  N  N   . ASP A 1 99  ? -4.166  4.507   6.588   1.00 16.03 ? 98  ASP A N   1 
ATOM   740  C  CA  . ASP A 1 99  ? -4.329  3.930   7.904   1.00 17.41 ? 98  ASP A CA  1 
ATOM   741  C  C   . ASP A 1 99  ? -3.069  3.822   8.715   1.00 16.91 ? 98  ASP A C   1 
ATOM   742  O  O   . ASP A 1 99  ? -3.121  3.801   9.964   1.00 19.90 ? 98  ASP A O   1 
ATOM   743  C  CB  . ASP A 1 99  ? -4.972  2.572   7.760   1.00 17.17 ? 98  ASP A CB  1 
ATOM   744  C  CG  . ASP A 1 99  ? -6.321  2.701   7.153   1.00 20.14 ? 98  ASP A CG  1 
ATOM   745  O  OD1 . ASP A 1 99  ? -7.280  3.034   7.913   1.00 25.56 ? 98  ASP A OD1 1 
ATOM   746  O  OD2 . ASP A 1 99  ? -6.517  2.617   5.933   1.00 18.04 ? 98  ASP A OD2 1 
ATOM   747  N  N   . ASP A 1 100 ? -1.931  3.767   8.034   1.00 16.19 ? 99  ASP A N   1 
ATOM   748  C  CA  . ASP A 1 100 ? -0.655  3.623   8.681   1.00 15.65 ? 99  ASP A CA  1 
ATOM   749  C  C   . ASP A 1 100 ? 0.441   4.000   7.685   1.00 14.96 ? 99  ASP A C   1 
ATOM   750  O  O   . ASP A 1 100 ? 0.171   4.157   6.510   1.00 13.80 ? 99  ASP A O   1 
ATOM   751  C  CB  . ASP A 1 100 ? -0.471  2.214   9.186   1.00 17.21 ? 99  ASP A CB  1 
ATOM   752  C  CG  . ASP A 1 100 ? 0.686   2.088   10.197  1.00 21.36 ? 99  ASP A CG  1 
ATOM   753  O  OD1 . ASP A 1 100 ? 1.069   3.130   10.834  1.00 24.70 ? 99  ASP A OD1 1 
ATOM   754  O  OD2 . ASP A 1 100 ? 1.250   0.977   10.443  1.00 24.77 ? 99  ASP A OD2 1 
ATOM   755  N  N   . TYR A 1 101 ? 1.667   4.116   8.197   1.00 14.04 ? 100 TYR A N   1 
ATOM   756  C  CA  . TYR A 1 101 ? 2.818   4.607   7.469   1.00 13.71 ? 100 TYR A CA  1 
ATOM   757  C  C   . TYR A 1 101 ? 4.024   3.784   7.788   1.00 13.75 ? 100 TYR A C   1 
ATOM   758  O  O   . TYR A 1 101 ? 4.234   3.408   8.958   1.00 15.42 ? 100 TYR A O   1 
ATOM   759  C  CB  . TYR A 1 101 ? 3.090   6.076   7.849   1.00 14.12 ? 100 TYR A CB  1 
ATOM   760  C  CG  . TYR A 1 101 ? 1.881   6.948   7.637   1.00 15.37 ? 100 TYR A CG  1 
ATOM   761  C  CD1 . TYR A 1 101 ? 0.861   6.994   8.572   1.00 16.11 ? 100 TYR A CD1 1 
ATOM   762  C  CD2 . TYR A 1 101 ? 1.713   7.641   6.456   1.00 14.90 ? 100 TYR A CD2 1 
ATOM   763  C  CE1 . TYR A 1 101 ? -0.258  7.716   8.363   1.00 17.96 ? 100 TYR A CE1 1 
ATOM   764  C  CE2 . TYR A 1 101 ? 0.593   8.406   6.250   1.00 17.97 ? 100 TYR A CE2 1 
ATOM   765  C  CZ  . TYR A 1 101 ? -0.386  8.433   7.209   1.00 17.68 ? 100 TYR A CZ  1 
ATOM   766  O  OH  . TYR A 1 101 ? -1.557  9.163   7.040   1.00 19.24 ? 100 TYR A OH  1 
ATOM   767  N  N   . MET A 1 102 ? 4.843   3.530   6.777   1.00 13.83 ? 101 MET A N   1 
ATOM   768  C  CA  . MET A 1 102 ? 6.093   2.779   6.971   1.00 13.48 ? 101 MET A CA  1 
ATOM   769  C  C   . MET A 1 102 ? 7.159   3.466   6.134   1.00 15.15 ? 101 MET A C   1 
ATOM   770  O  O   . MET A 1 102 ? 6.929   3.811   4.993   1.00 15.45 ? 101 MET A O   1 
ATOM   771  C  CB  . MET A 1 102 ? 5.936   1.329   6.565   1.00 15.01 ? 101 MET A CB  1 
ATOM   772  C  CG  . MET A 1 102 ? 7.188   0.476   6.775   1.00 15.10 ? 101 MET A CG  1 
ATOM   773  S  SD  . MET A 1 102 ? 6.839   -1.306  6.585   1.00 14.99 ? 101 MET A SD  1 
ATOM   774  C  CE  . MET A 1 102 ? 6.536   -1.424  4.858   1.00 16.97 ? 101 MET A CE  1 
ATOM   775  N  N   . THR A 1 103 ? 8.337   3.630   6.692   1.00 15.46 ? 102 THR A N   1 
ATOM   776  C  CA  . THR A 1 103 ? 9.439   4.226   5.948   1.00 17.32 ? 102 THR A CA  1 
ATOM   777  C  C   . THR A 1 103 ? 10.332  3.171   5.357   1.00 18.05 ? 102 THR A C   1 
ATOM   778  O  O   . THR A 1 103 ? 10.441  2.065   5.864   1.00 18.09 ? 102 THR A O   1 
ATOM   779  C  CB  . THR A 1 103 ? 10.293  5.170   6.824   1.00 18.49 ? 102 THR A CB  1 
ATOM   780  O  OG1 . THR A 1 103 ? 10.964  4.398   7.838   1.00 21.12 ? 102 THR A OG1 1 
ATOM   781  C  CG2 . THR A 1 103 ? 9.439   6.119   7.564   1.00 19.40 ? 102 THR A CG2 1 
ATOM   782  N  N   . LYS A 1 104 ? 11.011  3.562   4.290   1.00 19.75 ? 103 LYS A N   1 
ATOM   783  C  CA  . LYS A 1 104 ? 11.951  2.707   3.576   1.00 21.95 ? 103 LYS A CA  1 
ATOM   784  C  C   . LYS A 1 104 ? 13.335  3.190   3.900   1.00 22.51 ? 103 LYS A C   1 
ATOM   785  O  O   . LYS A 1 104 ? 13.568  4.389   3.835   1.00 25.44 ? 103 LYS A O   1 
ATOM   786  C  CB  . LYS A 1 104 ? 11.747  2.835   2.060   1.00 22.41 ? 103 LYS A CB  1 
ATOM   787  C  CG  . LYS A 1 104 ? 10.461  2.257   1.571   1.00 23.91 ? 103 LYS A CG  1 
ATOM   788  C  CD  . LYS A 1 104 ? 10.292  2.250   0.018   1.00 24.85 ? 103 LYS A CD  1 
ATOM   789  C  CE  . LYS A 1 104 ? 9.752   3.515   -0.565  1.00 24.90 ? 103 LYS A CE  1 
ATOM   790  N  NZ  . LYS A 1 104 ? 9.588   3.339   -2.055  1.00 23.53 ? 103 LYS A NZ  1 
ATOM   791  N  N   . PRO A 1 105 ? 14.276  2.303   4.193   1.00 22.10 ? 104 PRO A N   1 
ATOM   792  C  CA  . PRO A 1 105 ? 14.116  0.856   4.229   1.00 20.41 ? 104 PRO A CA  1 
ATOM   793  C  C   . PRO A 1 105 ? 13.380  0.312   5.446   1.00 18.83 ? 104 PRO A C   1 
ATOM   794  O  O   . PRO A 1 105 ? 13.346  0.912   6.503   1.00 19.01 ? 104 PRO A O   1 
ATOM   795  C  CB  . PRO A 1 105 ? 15.579  0.368   4.282   1.00 20.58 ? 104 PRO A CB  1 
ATOM   796  C  CG  . PRO A 1 105 ? 16.274  1.431   4.959   1.00 22.50 ? 104 PRO A CG  1 
ATOM   797  C  CD  . PRO A 1 105 ? 15.694  2.691   4.376   1.00 22.98 ? 104 PRO A CD  1 
ATOM   798  N  N   . PHE A 1 106 ? 12.855  -0.887  5.268   1.00 17.70 ? 105 PHE A N   1 
ATOM   799  C  CA  . PHE A 1 106 ? 12.117  -1.592  6.295   1.00 16.93 ? 105 PHE A CA  1 
ATOM   800  C  C   . PHE A 1 106 ? 12.485  -3.069  6.266   1.00 17.15 ? 105 PHE A C   1 
ATOM   801  O  O   . PHE A 1 106 ? 12.806  -3.626  5.217   1.00 18.86 ? 105 PHE A O   1 
ATOM   802  C  CB  . PHE A 1 106 ? 10.601  -1.401  6.074   1.00 16.80 ? 105 PHE A CB  1 
ATOM   803  C  CG  . PHE A 1 106 ? 10.127  -1.850  4.740   1.00 17.38 ? 105 PHE A CG  1 
ATOM   804  C  CD1 . PHE A 1 106 ? 9.789   -3.153  4.527   1.00 18.37 ? 105 PHE A CD1 1 
ATOM   805  C  CD2 . PHE A 1 106 ? 10.003  -0.955  3.710   1.00 18.85 ? 105 PHE A CD2 1 
ATOM   806  C  CE1 . PHE A 1 106 ? 9.386   -3.576  3.281   1.00 21.42 ? 105 PHE A CE1 1 
ATOM   807  C  CE2 . PHE A 1 106 ? 9.582   -1.382  2.470   1.00 20.99 ? 105 PHE A CE2 1 
ATOM   808  C  CZ  . PHE A 1 106 ? 9.302   -2.682  2.276   1.00 21.05 ? 105 PHE A CZ  1 
ATOM   809  N  N   . SER A 1 107 ? 12.323  -3.726  7.389   1.00 17.04 ? 106 SER A N   1 
ATOM   810  C  CA  . SER A 1 107 ? 12.624  -5.118  7.491   1.00 16.92 ? 106 SER A CA  1 
ATOM   811  C  C   . SER A 1 107 ? 11.406  -5.980  7.225   1.00 17.11 ? 106 SER A C   1 
ATOM   812  O  O   . SER A 1 107 ? 10.279  -5.504  7.341   1.00 16.05 ? 106 SER A O   1 
ATOM   813  C  CB  . SER A 1 107 ? 13.136  -5.420  8.904   1.00 17.96 ? 106 SER A CB  1 
ATOM   814  O  OG  . SER A 1 107 ? 12.076  -5.432  9.851   1.00 18.35 ? 106 SER A OG  1 
ATOM   815  N  N   . PRO A 1 108 ? 11.604  -7.254  6.888   1.00 16.74 ? 107 PRO A N   1 
ATOM   816  C  CA  . PRO A 1 108 ? 10.476  -8.166  6.729   1.00 16.72 ? 107 PRO A CA  1 
ATOM   817  C  C   . PRO A 1 108 ? 9.573   -8.213  7.945   1.00 16.45 ? 107 PRO A C   1 
ATOM   818  O  O   . PRO A 1 108 ? 8.374   -8.242  7.810   1.00 15.50 ? 107 PRO A O   1 
ATOM   819  C  CB  . PRO A 1 108 ? 11.134  -9.524  6.477   1.00 17.52 ? 107 PRO A CB  1 
ATOM   820  C  CG  . PRO A 1 108 ? 12.411  -9.156  5.903   1.00 18.37 ? 107 PRO A CG  1 
ATOM   821  C  CD  . PRO A 1 108 ? 12.881  -7.885  6.515   1.00 18.32 ? 107 PRO A CD  1 
ATOM   822  N  N   . ARG A 1 109 ? 10.141  -8.246  9.141   1.00 15.68 ? 108 ARG A N   1 
ATOM   823  C  CA  . ARG A 1 109 ? 9.274   -8.328  10.296  1.00 15.81 ? 108 ARG A CA  1 
ATOM   824  C  C   . ARG A 1 109 ? 8.474   -7.044  10.522  1.00 14.39 ? 108 ARG A C   1 
ATOM   825  O  O   . ARG A 1 109 ? 7.350   -7.088  11.028  1.00 14.95 ? 108 ARG A O   1 
ATOM   826  C  CB  . ARG A 1 109 ? 10.062  -8.706  11.514  1.00 17.36 ? 108 ARG A CB  1 
ATOM   827  C  CG  . ARG A 1 109 ? 10.288  -10.204 11.558  1.00 19.41 ? 108 ARG A CG  1 
ATOM   828  C  CD  . ARG A 1 109 ? 10.886  -10.651 12.813  1.00 22.02 ? 108 ARG A CD  1 
ATOM   829  N  NE  . ARG A 1 109 ? 11.161  -12.081 12.776  1.00 20.75 ? 108 ARG A NE  1 
ATOM   830  C  CZ  . ARG A 1 109 ? 10.321  -13.008 13.201  1.00 21.69 ? 108 ARG A CZ  1 
ATOM   831  N  NH1 . ARG A 1 109 ? 9.128   -12.690 13.696  1.00 22.27 ? 108 ARG A NH1 1 
ATOM   832  N  NH2 . ARG A 1 109 ? 10.686  -14.288 13.117  1.00 24.67 ? 108 ARG A NH2 1 
ATOM   833  N  N   . GLU A 1 110 ? 9.045   -5.901  10.157  1.00 13.61 ? 109 GLU A N   1 
ATOM   834  C  CA  . GLU A 1 110 ? 8.305   -4.665  10.328  1.00 13.84 ? 109 GLU A CA  1 
ATOM   835  C  C   . GLU A 1 110 ? 7.086   -4.669  9.431   1.00 13.16 ? 109 GLU A C   1 
ATOM   836  O  O   . GLU A 1 110 ? 6.003   -4.368  9.856   1.00 14.05 ? 109 GLU A O   1 
ATOM   837  C  CB  . GLU A 1 110 ? 9.125   -3.400  10.061  1.00 13.38 ? 109 GLU A CB  1 
ATOM   838  C  CG  . GLU A 1 110 ? 8.275   -2.146  10.224  1.00 15.39 ? 109 GLU A CG  1 
ATOM   839  C  CD  . GLU A 1 110 ? 8.937   -0.822  9.926   1.00 16.45 ? 109 GLU A CD  1 
ATOM   840  O  OE1 . GLU A 1 110 ? 10.113  -0.821  9.523   1.00 17.98 ? 109 GLU A OE1 1 
ATOM   841  O  OE2 . GLU A 1 110 ? 8.247   0.227   10.085  1.00 16.96 ? 109 GLU A OE2 1 
ATOM   842  N  N   . VAL A 1 111 ? 7.262   -4.975  8.158   1.00 13.84 ? 110 VAL A N   1 
ATOM   843  C  CA  . VAL A 1 111 ? 6.100   -4.936  7.294   1.00 14.85 ? 110 VAL A CA  1 
ATOM   844  C  C   . VAL A 1 111 ? 5.064   -5.979  7.696   1.00 15.40 ? 110 VAL A C   1 
ATOM   845  O  O   . VAL A 1 111 ? 3.875   -5.689  7.693   1.00 15.22 ? 110 VAL A O   1 
ATOM   846  C  CB  . VAL A 1 111 ? 6.443   -5.009  5.782   1.00 15.62 ? 110 VAL A CB  1 
ATOM   847  C  CG1 . VAL A 1 111 ? 7.154   -6.260  5.454   1.00 16.87 ? 110 VAL A CG1 1 
ATOM   848  C  CG2 . VAL A 1 111 ? 5.174   -4.852  4.948   1.00 17.20 ? 110 VAL A CG2 1 
ATOM   849  N  N   . ASN A 1 112 ? 5.513   -7.173  8.064   1.00 15.96 ? 111 ASN A N   1 
ATOM   850  C  CA  . ASN A 1 112 ? 4.574   -8.209  8.484   1.00 17.82 ? 111 ASN A CA  1 
ATOM   851  C  C   . ASN A 1 112 ? 3.772   -7.712  9.698   1.00 17.16 ? 111 ASN A C   1 
ATOM   852  O  O   . ASN A 1 112 ? 2.564   -7.858  9.767   1.00 16.77 ? 111 ASN A O   1 
ATOM   853  C  CB  . ASN A 1 112 ? 5.292   -9.517  8.820   1.00 19.05 ? 111 ASN A CB  1 
ATOM   854  C  CG  . ASN A 1 112 ? 5.767   -10.290 7.586   1.00 24.35 ? 111 ASN A CG  1 
ATOM   855  O  OD1 . ASN A 1 112 ? 6.753   -11.057 7.658   1.00 30.13 ? 111 ASN A OD1 1 
ATOM   856  N  ND2 . ASN A 1 112 ? 5.119   -10.088 6.470   1.00 27.10 ? 111 ASN A ND2 1 
ATOM   857  N  N   . ALA A 1 113 ? 4.440   -7.056  10.629  1.00 16.40 ? 112 ALA A N   1 
ATOM   858  C  CA  . ALA A 1 113 ? 3.763   -6.541  11.803  1.00 16.40 ? 112 ALA A CA  1 
ATOM   859  C  C   . ALA A 1 113 ? 2.764   -5.460  11.477  1.00 15.75 ? 112 ALA A C   1 
ATOM   860  O  O   . ALA A 1 113 ? 1.683   -5.407  12.061  1.00 17.40 ? 112 ALA A O   1 
ATOM   861  C  CB  . ALA A 1 113 ? 4.764   -6.018  12.817  1.00 16.20 ? 112 ALA A CB  1 
ATOM   862  N  N   . ARG A 1 114 ? 3.136   -4.541  10.600  1.00 14.34 ? 113 ARG A N   1 
ATOM   863  C  CA  . ARG A 1 114 ? 2.221   -3.484  10.280  1.00 14.92 ? 113 ARG A CA  1 
ATOM   864  C  C   . ARG A 1 114 ? 0.999   -3.988  9.540   1.00 15.52 ? 113 ARG A C   1 
ATOM   865  O  O   . ARG A 1 114 ? -0.101  -3.534  9.800   1.00 16.86 ? 113 ARG A O   1 
ATOM   866  C  CB  . ARG A 1 114 ? 2.900   -2.360  9.525   1.00 14.65 ? 113 ARG A CB  1 
ATOM   867  C  CG  . ARG A 1 114 ? 3.915   -1.574  10.359  1.00 16.27 ? 113 ARG A CG  1 
ATOM   868  C  CD  . ARG A 1 114 ? 4.482   -0.408  9.608   1.00 17.31 ? 113 ARG A CD  1 
ATOM   869  N  NE  . ARG A 1 114 ? 5.408   0.348   10.450  1.00 15.65 ? 113 ARG A NE  1 
ATOM   870  C  CZ  . ARG A 1 114 ? 5.052   1.137   11.429  1.00 16.58 ? 113 ARG A CZ  1 
ATOM   871  N  NH1 . ARG A 1 114 ? 3.770   1.342   11.727  1.00 17.30 ? 113 ARG A NH1 1 
ATOM   872  N  NH2 . ARG A 1 114 ? 5.986   1.756   12.140  1.00 16.57 ? 113 ARG A NH2 1 
ATOM   873  N  N   . VAL A 1 115 ? 1.195   -4.904  8.611   1.00 15.27 ? 114 VAL A N   1 
ATOM   874  C  CA  . VAL A 1 115 ? 0.057   -5.413  7.839   1.00 15.58 ? 114 VAL A CA  1 
ATOM   875  C  C   . VAL A 1 115 ? -0.891  -6.182  8.777   1.00 17.27 ? 114 VAL A C   1 
ATOM   876  O  O   . VAL A 1 115 ? -2.108  -6.005  8.743   1.00 18.34 ? 114 VAL A O   1 
ATOM   877  C  CB  . VAL A 1 115 ? 0.567   -6.331  6.731   1.00 15.64 ? 114 VAL A CB  1 
ATOM   878  C  CG1 . VAL A 1 115 ? -0.586  -7.168  6.193   1.00 17.08 ? 114 VAL A CG1 1 
ATOM   879  C  CG2 . VAL A 1 115 ? 1.213   -5.535  5.638   1.00 15.91 ? 114 VAL A CG2 1 
ATOM   880  N  N   . LYS A 1 116 ? -0.304  -6.971  9.662   1.00 18.50 ? 115 LYS A N   1 
ATOM   881  C  CA  . LYS A 1 116 ? -1.095  -7.755  10.621  1.00 19.42 ? 115 LYS A CA  1 
ATOM   882  C  C   . LYS A 1 116 ? -1.932  -6.832  11.504  1.00 20.22 ? 115 LYS A C   1 
ATOM   883  O  O   . LYS A 1 116 ? -3.123  -7.072  11.728  1.00 20.34 ? 115 LYS A O   1 
ATOM   884  C  CB  . LYS A 1 116 ? -0.146  -8.594  11.492  1.00 20.22 ? 115 LYS A CB  1 
ATOM   885  C  CG  . LYS A 1 116 ? -0.869  -9.369  12.588  1.00 21.69 ? 115 LYS A CG  1 
ATOM   886  C  CD  . LYS A 1 116 ? 0.063   -10.272 13.396  1.00 25.25 ? 115 LYS A CD  1 
ATOM   887  C  CE  . LYS A 1 116 ? -0.647  -11.498 13.967  0.50 26.10 ? 115 LYS A CE  1 
ATOM   888  N  NZ  . LYS A 1 116 ? 0.237   -12.357 14.763  0.50 27.30 ? 115 LYS A NZ  1 
ATOM   889  N  N   . ALA A 1 117 ? -1.315  -5.774  12.026  1.00 19.84 ? 116 ALA A N   1 
ATOM   890  C  CA  . ALA A 1 117 ? -2.036  -4.840  12.881  1.00 20.61 ? 116 ALA A CA  1 
ATOM   891  C  C   . ALA A 1 117 ? -3.178  -4.153  12.153  1.00 20.94 ? 116 ALA A C   1 
ATOM   892  O  O   . ALA A 1 117 ? -4.258  -3.973  12.724  1.00 22.66 ? 116 ALA A O   1 
ATOM   893  C  CB  . ALA A 1 117 ? -1.077  -3.774  13.478  1.00 20.55 ? 116 ALA A CB  1 
ATOM   894  N  N   . ILE A 1 118 ? -2.942  -3.738  10.911  1.00 19.99 ? 117 ILE A N   1 
ATOM   895  C  CA  . ILE A 1 118 ? -3.974  -3.058  10.165  1.00 20.55 ? 117 ILE A CA  1 
ATOM   896  C  C   . ILE A 1 118 ? -5.133  -4.047  9.894   1.00 22.50 ? 117 ILE A C   1 
ATOM   897  O  O   . ILE A 1 118 ? -6.283  -3.655  10.027  1.00 23.65 ? 117 ILE A O   1 
ATOM   898  C  CB  . ILE A 1 118 ? -3.445  -2.451  8.837   1.00 20.39 ? 117 ILE A CB  1 
ATOM   899  C  CG1 . ILE A 1 118 ? -2.496  -1.295  9.112   1.00 20.72 ? 117 ILE A CG1 1 
ATOM   900  C  CG2 . ILE A 1 118 ? -4.611  -1.922  8.021   1.00 21.34 ? 117 ILE A CG2 1 
ATOM   901  C  CD1 . ILE A 1 118 ? -1.551  -1.013  7.935   1.00 22.55 ? 117 ILE A CD1 1 
ATOM   902  N  N   . LEU A 1 119 ? -4.823  -5.285  9.516   1.00 23.74 ? 118 LEU A N   1 
ATOM   903  C  CA  . LEU A 1 119 ? -5.853  -6.293  9.200   1.00 25.42 ? 118 LEU A CA  1 
ATOM   904  C  C   . LEU A 1 119 ? -6.670  -6.640  10.453  1.00 27.79 ? 118 LEU A C   1 
ATOM   905  O  O   . LEU A 1 119 ? -7.846  -6.990  10.344  1.00 28.46 ? 118 LEU A O   1 
ATOM   906  C  CB  . LEU A 1 119 ? -5.262  -7.553  8.564   1.00 25.88 ? 118 LEU A CB  1 
ATOM   907  C  CG  . LEU A 1 119 ? -4.822  -7.375  7.094   1.00 25.97 ? 118 LEU A CG  1 
ATOM   908  C  CD1 . LEU A 1 119 ? -3.994  -8.542  6.571   1.00 25.62 ? 118 LEU A CD1 1 
ATOM   909  C  CD2 . LEU A 1 119 ? -6.054  -7.123  6.214   1.00 27.68 ? 118 LEU A CD2 1 
ATOM   910  N  N   . ARG A 1 120 ? -6.047  -6.512  11.620  1.00 29.36 ? 119 ARG A N   1 
ATOM   911  C  CA  . ARG A 1 120 ? -6.712  -6.780  12.892  1.00 32.32 ? 119 ARG A CA  1 
ATOM   912  C  C   . ARG A 1 120 ? -7.674  -5.650  13.248  1.00 34.17 ? 119 ARG A C   1 
ATOM   913  O  O   . ARG A 1 120 ? -8.787  -5.902  13.726  1.00 35.25 ? 119 ARG A O   1 
ATOM   914  C  CB  . ARG A 1 120 ? -5.658  -6.974  13.985  1.00 32.78 ? 119 ARG A CB  1 
ATOM   915  C  CG  . ARG A 1 120 ? -6.173  -7.632  15.257  1.00 35.04 ? 119 ARG A CG  1 
ATOM   916  C  CD  . ARG A 1 120 ? -5.070  -8.275  16.104  1.00 36.96 ? 119 ARG A CD  1 
ATOM   917  N  NE  . ARG A 1 120 ? -5.610  -9.103  17.182  0.50 37.71 ? 119 ARG A NE  1 
ATOM   918  C  CZ  . ARG A 1 120 ? -4.896  -9.592  18.188  0.50 37.91 ? 119 ARG A CZ  1 
ATOM   919  N  NH1 . ARG A 1 120 ? -3.591  -9.344  18.281  0.50 37.56 ? 119 ARG A NH1 1 
ATOM   920  N  NH2 . ARG A 1 120 ? -5.494  -10.333 19.115  0.50 38.19 ? 119 ARG A NH2 1 
ATOM   921  N  N   . ARG A 1 121 ? -7.263  -4.415  12.998  1.00 36.44 ? 120 ARG A N   1 
ATOM   922  C  CA  . ARG A 1 121 ? -8.085  -3.234  13.245  1.00 38.60 ? 120 ARG A CA  1 
ATOM   923  C  C   . ARG A 1 121 ? -9.397  -3.323  12.445  1.00 40.58 ? 120 ARG A C   1 
ATOM   924  O  O   . ARG A 1 121 ? -10.302 -2.497  12.612  1.00 41.29 ? 120 ARG A O   1 
ATOM   925  C  CB  . ARG A 1 121 ? -7.315  -1.954  12.903  1.00 38.89 ? 120 ARG A CB  1 
ATOM   926  C  CG  . ARG A 1 121 ? -6.045  -1.748  13.734  0.50 38.81 ? 120 ARG A CG  1 
ATOM   927  C  CD  . ARG A 1 121 ? -5.564  -0.309  13.797  0.50 38.99 ? 120 ARG A CD  1 
ATOM   928  N  NE  . ARG A 1 121 ? -4.428  -0.018  12.927  0.50 38.37 ? 120 ARG A NE  1 
ATOM   929  C  CZ  . ARG A 1 121 ? -3.160  -0.268  13.246  0.50 38.28 ? 120 ARG A CZ  1 
ATOM   930  N  NH1 . ARG A 1 121 ? -2.190  0.049   12.401  0.50 38.10 ? 120 ARG A NH1 1 
ATOM   931  N  NH2 . ARG A 1 121 ? -2.857  -0.835  14.413  0.50 37.78 ? 120 ARG A NH2 1 
ATOM   932  N  N   . SER A 1 122 ? -9.468  -4.322  11.567  1.00 42.25 ? 121 SER A N   1 
ATOM   933  C  CA  . SER A 1 122 ? -10.675 -4.638  10.810  1.00 43.21 ? 121 SER A CA  1 
ATOM   934  C  C   . SER A 1 122 ? -10.924 -6.136  10.911  1.00 43.53 ? 121 SER A C   1 
ATOM   935  O  O   . SER A 1 122 ? -12.016 -6.603  10.608  1.00 44.55 ? 121 SER A O   1 
ATOM   936  C  CB  . SER A 1 122 ? -10.548 -4.242  9.346   1.00 43.48 ? 121 SER A CB  1 
ATOM   937  O  OG  . SER A 1 122 ? -9.338  -4.722  8.774   1.00 44.50 ? 121 SER A OG  1 
HETATM 938  MN MN  . MN  B 2 .   ? 8.539   5.335   -5.505  1.00 20.67 ? 200 MN  A MN  1 
HETATM 939  NA NA  . NA  C 3 .   ? 2.009   -5.177  -13.781 1.00 16.29 ? 201 NA  A NA  1 
HETATM 940  NA NA  . NA  D 3 .   ? -8.212  3.507   4.505   1.00 17.72 ? 202 NA  A NA  1 
HETATM 941  O  O   . HOH E 4 .   ? -4.738  15.927  -7.002  1.00 20.68 ? 203 HOH A O   1 
HETATM 942  O  O   . HOH E 4 .   ? -8.415  6.533   -0.204  1.00 19.70 ? 204 HOH A O   1 
HETATM 943  O  O   . HOH E 4 .   ? -9.711  4.154   0.172   1.00 17.49 ? 205 HOH A O   1 
HETATM 944  O  O   . HOH E 4 .   ? 5.964   4.867   10.515  1.00 18.78 ? 206 HOH A O   1 
HETATM 945  O  O   . HOH E 4 .   ? 0.271   19.670  4.107   1.00 20.62 ? 207 HOH A O   1 
HETATM 946  O  O   . HOH E 4 .   ? -6.572  20.452  4.309   1.00 21.71 ? 208 HOH A O   1 
HETATM 947  O  O   . HOH E 4 .   ? 12.431  -2.092  9.884   1.00 19.97 ? 209 HOH A O   1 
HETATM 948  O  O   . HOH E 4 .   ? 0.020   -14.556 -4.219  1.00 23.82 ? 210 HOH A O   1 
HETATM 949  O  O   . HOH E 4 .   ? 0.026   -8.993  -9.845  1.00 23.86 ? 211 HOH A O   1 
HETATM 950  O  O   . HOH E 4 .   ? 8.321   9.221   -0.088  1.00 22.93 ? 212 HOH A O   1 
HETATM 951  O  O   . HOH E 4 .   ? -6.458  3.516   -13.804 1.00 22.91 ? 213 HOH A O   1 
HETATM 952  O  O   . HOH E 4 .   ? 9.946   6.424   -6.828  1.00 30.17 ? 214 HOH A O   1 
HETATM 953  O  O   . HOH E 4 .   ? 4.235   -4.864  -10.432 1.00 30.28 ? 215 HOH A O   1 
HETATM 954  O  O   . HOH E 4 .   ? 5.903   8.152   7.038   1.00 26.24 ? 216 HOH A O   1 
HETATM 955  O  O   . HOH E 4 .   ? -7.183  15.213  8.627   1.00 22.81 ? 217 HOH A O   1 
HETATM 956  O  O   . HOH E 4 .   ? 7.554   7.175   -1.611  1.00 22.54 ? 218 HOH A O   1 
HETATM 957  O  O   . HOH E 4 .   ? 6.205   7.411   9.731   1.00 20.46 ? 219 HOH A O   1 
HETATM 958  O  O   . HOH E 4 .   ? -0.365  12.307  -9.458  1.00 24.05 ? 220 HOH A O   1 
HETATM 959  O  O   . HOH E 4 .   ? 7.231   -16.544 -0.693  1.00 28.15 ? 221 HOH A O   1 
HETATM 960  O  O   . HOH E 4 .   ? 2.807   15.154  2.773   1.00 23.76 ? 222 HOH A O   1 
HETATM 961  O  O   . HOH E 4 .   ? 14.629  -2.296  -8.462  1.00 27.92 ? 223 HOH A O   1 
HETATM 962  O  O   . HOH E 4 .   ? 8.005   -2.061  -9.545  1.00 22.32 ? 224 HOH A O   1 
HETATM 963  O  O   . HOH E 4 .   ? 1.264   -6.331  14.624  1.00 24.13 ? 225 HOH A O   1 
HETATM 964  O  O   . HOH E 4 .   ? 1.067   17.288  9.758   1.00 30.96 ? 226 HOH A O   1 
HETATM 965  O  O   . HOH E 4 .   ? -5.725  -7.495  -12.701 1.00 31.90 ? 227 HOH A O   1 
HETATM 966  O  O   . HOH E 4 .   ? 2.098   11.311  -3.368  1.00 26.69 ? 228 HOH A O   1 
HETATM 967  O  O   . HOH E 4 .   ? -4.187  -9.730  11.335  1.00 28.09 ? 229 HOH A O   1 
HETATM 968  O  O   . HOH E 4 .   ? 10.188  8.799   5.172   1.00 31.01 ? 230 HOH A O   1 
HETATM 969  O  O   . HOH E 4 .   ? 6.879   10.781  1.707   1.00 27.45 ? 231 HOH A O   1 
HETATM 970  O  O   . HOH E 4 .   ? -8.364  13.433  -8.599  1.00 28.68 ? 232 HOH A O   1 
HETATM 971  O  O   . HOH E 4 .   ? 0.146   -0.973  11.435  1.00 29.75 ? 233 HOH A O   1 
HETATM 972  O  O   . HOH E 4 .   ? 2.152   -0.549  -15.085 1.00 28.70 ? 234 HOH A O   1 
HETATM 973  O  O   . HOH E 4 .   ? -7.605  17.746  7.549   1.00 25.90 ? 235 HOH A O   1 
HETATM 974  O  O   . HOH E 4 .   ? -3.836  8.383   8.594   1.00 28.39 ? 236 HOH A O   1 
HETATM 975  O  O   . HOH E 4 .   ? 15.524  -3.877  4.078   1.00 33.45 ? 237 HOH A O   1 
HETATM 976  O  O   . HOH E 4 .   ? 13.389  -1.780  2.538   1.00 31.48 ? 238 HOH A O   1 
HETATM 977  O  O   . HOH E 4 .   ? -7.766  6.229   7.820   1.00 26.74 ? 239 HOH A O   1 
HETATM 978  O  O   . HOH E 4 .   ? -7.247  -13.790 -1.772  1.00 36.47 ? 240 HOH A O   1 
HETATM 979  O  O   . HOH E 4 .   ? 1.361   -10.281 8.723   1.00 28.63 ? 241 HOH A O   1 
HETATM 980  O  O   . HOH E 4 .   ? 2.682   14.409  9.866   1.00 27.52 ? 242 HOH A O   1 
HETATM 981  O  O   . HOH E 4 .   ? 6.759   2.174   -12.922 1.00 35.17 ? 243 HOH A O   1 
HETATM 982  O  O   . HOH E 4 .   ? -13.504 6.361   1.116   1.00 24.72 ? 244 HOH A O   1 
HETATM 983  O  O   . HOH E 4 .   ? 6.553   10.808  7.344   1.00 27.58 ? 245 HOH A O   1 
HETATM 984  O  O   . HOH E 4 .   ? -9.423  3.474   6.512   1.00 29.14 ? 246 HOH A O   1 
HETATM 985  O  O   . HOH E 4 .   ? -8.382  -2.353  8.689   1.00 34.60 ? 247 HOH A O   1 
HETATM 986  O  O   . HOH E 4 .   ? 13.534  -7.587  -8.130  1.00 45.71 ? 248 HOH A O   1 
HETATM 987  O  O   . HOH E 4 .   ? -1.680  9.805   -15.457 1.00 29.47 ? 249 HOH A O   1 
HETATM 988  O  O   . HOH E 4 .   ? 8.861   -12.275 -5.006  1.00 36.45 ? 250 HOH A O   1 
HETATM 989  O  O   . HOH E 4 .   ? -12.366 8.949   -8.741  1.00 33.61 ? 251 HOH A O   1 
HETATM 990  O  O   . HOH E 4 .   ? -10.498 -10.263 -3.280  1.00 37.48 ? 252 HOH A O   1 
HETATM 991  O  O   . HOH E 4 .   ? -9.812  4.440   2.990   1.00 21.39 ? 253 HOH A O   1 
HETATM 992  O  O   . HOH E 4 .   ? -10.565 12.682  -7.273  1.00 28.07 ? 254 HOH A O   1 
HETATM 993  O  O   . HOH E 4 .   ? 3.785   -9.933  12.913  1.00 28.11 ? 255 HOH A O   1 
HETATM 994  O  O   . HOH E 4 .   ? 7.115   -11.826 10.730  1.00 28.06 ? 256 HOH A O   1 
HETATM 995  O  O   . HOH E 4 .   ? -10.016 17.230  -2.048  1.00 27.02 ? 257 HOH A O   1 
HETATM 996  O  O   . HOH E 4 .   ? 3.031   -8.456  14.852  1.00 26.88 ? 258 HOH A O   1 
HETATM 997  O  O   . HOH E 4 .   ? -9.829  -5.325  4.452   1.00 26.79 ? 259 HOH A O   1 
HETATM 998  O  O   . HOH E 4 .   ? -17.157 -1.393  -5.459  1.00 32.97 ? 260 HOH A O   1 
HETATM 999  O  O   . HOH E 4 .   ? 7.091   -4.727  -10.157 1.00 25.50 ? 261 HOH A O   1 
HETATM 1000 O  O   . HOH E 4 .   ? 13.722  -11.185 9.141   1.00 33.14 ? 262 HOH A O   1 
HETATM 1001 O  O   . HOH E 4 .   ? -9.127  3.256   -13.255 1.00 29.14 ? 263 HOH A O   1 
HETATM 1002 O  O   . HOH E 4 .   ? -2.885  -11.397 9.338   1.00 28.38 ? 264 HOH A O   1 
HETATM 1003 O  O   . HOH E 4 .   ? -0.028  1.907   -16.442 1.00 34.88 ? 265 HOH A O   1 
HETATM 1004 O  O   . HOH E 4 .   ? 14.027  -12.353 12.048  1.00 32.87 ? 266 HOH A O   1 
HETATM 1005 O  O   . HOH E 4 .   ? -3.270  11.851  11.252  1.00 32.44 ? 267 HOH A O   1 
HETATM 1006 O  O   . HOH E 4 .   ? 9.793   5.934   -11.336 1.00 41.96 ? 268 HOH A O   1 
HETATM 1007 O  O   . HOH E 4 .   ? -7.240  -4.332  -16.090 1.00 31.21 ? 269 HOH A O   1 
HETATM 1008 O  O   . HOH E 4 .   ? 3.741   11.060  -10.151 1.00 30.86 ? 270 HOH A O   1 
HETATM 1009 O  O   . HOH E 4 .   ? 9.001   3.706   -13.210 1.00 37.95 ? 271 HOH A O   1 
HETATM 1010 O  O   . HOH E 4 .   ? 5.642   10.977  -7.329  1.00 32.04 ? 272 HOH A O   1 
HETATM 1011 O  O   . HOH E 4 .   ? -7.464  15.505  0.732   1.00 31.14 ? 273 HOH A O   1 
HETATM 1012 O  O   . HOH E 4 .   ? -1.277  -7.024  15.521  1.00 31.68 ? 274 HOH A O   1 
HETATM 1013 O  O   . HOH E 4 .   ? -6.691  -4.918  -13.596 1.00 33.42 ? 275 HOH A O   1 
HETATM 1014 O  O   . HOH E 4 .   ? 4.618   0.804   -14.624 1.00 37.19 ? 276 HOH A O   1 
HETATM 1015 O  O   . HOH E 4 .   ? -9.521  13.783  8.062   1.00 34.39 ? 277 HOH A O   1 
HETATM 1016 O  O   . HOH E 4 .   ? 1.292   13.880  12.449  1.00 33.04 ? 278 HOH A O   1 
HETATM 1017 O  O   . HOH E 4 .   ? 0.082   -11.894 -7.906  1.00 42.10 ? 279 HOH A O   1 
HETATM 1018 O  O   . HOH E 4 .   ? -5.613  12.592  -12.173 1.00 26.46 ? 280 HOH A O   1 
HETATM 1019 O  O   . HOH E 4 .   ? -11.624 6.162   4.010   1.00 36.11 ? 281 HOH A O   1 
HETATM 1020 O  O   . HOH E 4 .   ? 12.933  -0.962  -10.600 1.00 34.51 ? 282 HOH A O   1 
HETATM 1021 O  O   . HOH E 4 .   ? 4.523   10.439  -13.971 1.00 36.26 ? 283 HOH A O   1 
HETATM 1022 O  O   . HOH E 4 .   ? 4.323   14.625  0.407   1.00 28.98 ? 284 HOH A O   1 
HETATM 1023 O  O   . HOH E 4 .   ? -11.401 -8.063  -0.227  1.00 30.48 ? 285 HOH A O   1 
HETATM 1024 O  O   . HOH E 4 .   ? -7.248  15.563  11.361  1.00 35.57 ? 286 HOH A O   1 
HETATM 1025 O  O   . HOH E 4 .   ? -11.300 12.704  -2.944  1.00 30.79 ? 287 HOH A O   1 
HETATM 1026 O  O   . HOH E 4 .   ? 7.682   -13.248 5.815   1.00 41.58 ? 288 HOH A O   1 
HETATM 1027 O  O   . HOH E 4 .   ? -0.450  -16.754 -2.724  1.00 40.83 ? 289 HOH A O   1 
HETATM 1028 O  O   . HOH E 4 .   ? -11.485 -6.933  3.129   1.00 31.72 ? 290 HOH A O   1 
HETATM 1029 O  O   . HOH E 4 .   ? 5.874   16.772  5.136   1.00 29.70 ? 291 HOH A O   1 
HETATM 1030 O  O   . HOH E 4 .   ? -6.198  6.448   -14.256 1.00 35.33 ? 292 HOH A O   1 
HETATM 1031 O  O   . HOH E 4 .   ? 2.163   -19.284 2.482   1.00 36.99 ? 293 HOH A O   1 
HETATM 1032 O  O   . HOH E 4 .   ? -6.373  -19.060 -0.020  1.00 32.38 ? 294 HOH A O   1 
HETATM 1033 O  O   . HOH E 4 .   ? 4.071   13.628  -2.178  1.00 37.05 ? 295 HOH A O   1 
HETATM 1034 O  O   . HOH E 4 .   ? 11.021  -13.046 8.625   1.00 32.32 ? 296 HOH A O   1 
HETATM 1035 O  O   . HOH E 4 .   ? -11.195 9.384   3.519   1.00 39.07 ? 297 HOH A O   1 
HETATM 1036 O  O   . HOH E 4 .   ? -10.067 0.989   6.433   1.00 42.34 ? 298 HOH A O   1 
HETATM 1037 O  O   . HOH E 4 .   ? -4.213  -3.661  -14.269 1.00 40.64 ? 299 HOH A O   1 
HETATM 1038 O  O   . HOH E 4 .   ? -5.013  13.876  12.594  1.00 41.13 ? 300 HOH A O   1 
HETATM 1039 O  O   . HOH E 4 .   ? -2.301  -5.076  16.856  1.00 40.48 ? 301 HOH A O   1 
HETATM 1040 O  O   . HOH E 4 .   ? -1.123  12.429  12.977  1.00 33.26 ? 302 HOH A O   1 
HETATM 1041 O  O   . HOH E 4 .   ? -11.579 15.147  -3.521  1.00 30.22 ? 303 HOH A O   1 
HETATM 1042 O  O   . HOH E 4 .   ? -17.325 11.579  -3.589  1.00 44.43 ? 304 HOH A O   1 
HETATM 1043 O  O   . HOH E 4 .   ? 13.629  3.600   6.995   1.00 28.68 ? 305 HOH A O   1 
HETATM 1044 O  O   . HOH E 4 .   ? -12.668 -1.897  3.363   1.00 37.33 ? 306 HOH A O   1 
HETATM 1045 O  O   . HOH E 4 .   ? -14.818 -2.359  4.161   1.00 49.55 ? 307 HOH A O   1 
HETATM 1046 O  O   . HOH E 4 .   ? 4.339   13.388  -6.592  1.00 34.62 ? 308 HOH A O   1 
HETATM 1047 O  O   . HOH E 4 .   ? -14.255 -6.627  -10.609 1.00 39.41 ? 309 HOH A O   1 
HETATM 1048 O  O   . HOH E 4 .   ? 8.803   -6.562  -9.293  1.00 41.65 ? 310 HOH A O   1 
HETATM 1049 O  O   . HOH E 4 .   ? -18.621 9.311   -6.083  1.00 34.52 ? 311 HOH A O   1 
HETATM 1050 O  O   . HOH E 4 .   ? -11.436 -10.854 2.402   1.00 41.61 ? 312 HOH A O   1 
HETATM 1051 O  O   . HOH E 4 .   ? 9.554   9.941   7.625   1.00 37.40 ? 313 HOH A O   1 
HETATM 1052 O  O   . HOH E 4 .   ? 14.503  5.396   0.915   1.00 29.89 ? 314 HOH A O   1 
HETATM 1053 O  O   . HOH E 4 .   ? -4.228  -14.421 4.914   1.00 33.30 ? 315 HOH A O   1 
HETATM 1054 O  O   . HOH E 4 .   ? -1.771  -16.318 7.388   1.00 41.35 ? 316 HOH A O   1 
HETATM 1055 O  O   . HOH E 4 .   ? -11.841 11.424  -9.251  1.00 36.54 ? 317 HOH A O   1 
HETATM 1056 O  O   . HOH E 4 .   ? 5.557   12.196  9.290   1.00 36.85 ? 318 HOH A O   1 
HETATM 1057 O  O   . HOH E 4 .   ? -4.131  -11.077 13.662  1.00 36.34 ? 319 HOH A O   1 
HETATM 1058 O  O   . HOH E 4 .   ? 16.186  -2.532  7.056   1.00 37.33 ? 320 HOH A O   1 
HETATM 1059 O  O   . HOH E 4 .   ? 0.734   -17.195 0.047   1.00 37.19 ? 321 HOH A O   1 
HETATM 1060 O  O   . HOH E 4 .   ? -6.884  -15.755 6.188   1.00 40.53 ? 322 HOH A O   1 
HETATM 1061 O  O   . HOH E 4 .   ? 4.018   -17.978 -3.186  1.00 43.99 ? 323 HOH A O   1 
HETATM 1062 O  O   . HOH E 4 .   ? 12.165  -6.059  3.897   1.00 32.37 ? 324 HOH A O   1 
HETATM 1063 O  O   . HOH E 4 .   ? -9.578  14.327  12.351  1.00 39.01 ? 325 HOH A O   1 
HETATM 1064 O  O   . HOH E 4 .   ? -1.872  6.087   11.603  1.00 41.82 ? 326 HOH A O   1 
HETATM 1065 O  O   . HOH E 4 .   ? -3.817  -1.499  -15.781 1.00 38.78 ? 327 HOH A O   1 
HETATM 1066 O  O   . HOH E 4 .   ? 8.917   -0.593  -11.997 1.00 34.91 ? 328 HOH A O   1 
HETATM 1067 O  O   . HOH E 4 .   ? -11.740 -1.066  5.601   1.00 40.84 ? 329 HOH A O   1 
HETATM 1068 O  O   . HOH E 4 .   ? -2.197  -20.634 -0.310  1.00 34.15 ? 330 HOH A O   1 
HETATM 1069 O  O   . HOH E 4 .   ? 7.205   -15.213 7.579   1.00 49.35 ? 331 HOH A O   1 
HETATM 1070 O  O   . HOH E 4 .   ? 14.724  0.695   0.599   1.00 40.55 ? 332 HOH A O   1 
HETATM 1071 O  O   . HOH E 4 .   ? 1.723   -14.954 9.006   1.00 41.95 ? 333 HOH A O   1 
HETATM 1072 O  O   . HOH E 4 .   ? -1.619  -7.767  -13.918 1.00 35.83 ? 334 HOH A O   1 
HETATM 1073 O  O   . HOH E 4 .   ? -8.930  -8.629  8.226   1.00 36.06 ? 335 HOH A O   1 
HETATM 1074 O  O   . HOH E 4 .   ? -10.898 7.722   1.508   1.00 44.04 ? 336 HOH A O   1 
HETATM 1075 O  O   . HOH E 4 .   ? -9.493  8.400   7.222   1.00 36.93 ? 337 HOH A O   1 
HETATM 1076 O  O   . HOH E 4 .   ? 7.318   13.024  -1.998  1.00 34.40 ? 338 HOH A O   1 
HETATM 1077 O  O   . HOH E 4 .   ? -9.690  12.831  -10.490 1.00 34.36 ? 339 HOH A O   1 
HETATM 1078 O  O   . HOH E 4 .   ? 2.013   -1.644  13.538  1.00 38.65 ? 340 HOH A O   1 
HETATM 1079 O  O   . HOH E 4 .   ? -7.532  -11.118 8.848   1.00 40.09 ? 341 HOH A O   1 
HETATM 1080 O  O   . HOH E 4 .   ? 2.935   -18.477 6.993   1.00 42.42 ? 342 HOH A O   1 
HETATM 1081 O  O   . HOH E 4 .   ? -6.521  10.562  -13.499 1.00 37.54 ? 343 HOH A O   1 
HETATM 1082 O  O   . HOH E 4 .   ? -1.521  3.505   12.646  1.00 54.97 ? 344 HOH A O   1 
HETATM 1083 O  O   . HOH E 4 .   ? -5.557  -18.048 5.455   1.00 50.65 ? 345 HOH A O   1 
HETATM 1084 O  O   . HOH E 4 .   ? -4.192  -8.632  -10.535 1.00 40.94 ? 346 HOH A O   1 
HETATM 1085 O  O   . HOH E 4 .   ? 7.447   -9.545  5.447   1.00 41.42 ? 347 HOH A O   1 
HETATM 1086 O  O   . HOH E 4 .   ? -11.636 14.516  -6.275  1.00 38.04 ? 348 HOH A O   1 
HETATM 1087 O  O   . HOH E 4 .   ? 6.593   13.620  1.456   1.00 38.43 ? 349 HOH A O   1 
HETATM 1088 O  O   . HOH E 4 .   ? -5.702  -21.296 1.303   1.00 36.32 ? 350 HOH A O   1 
HETATM 1089 O  O   . HOH E 4 .   ? 4.703   -1.235  -2.026  1.00 46.71 ? 351 HOH A O   1 
HETATM 1090 O  O   . HOH E 4 .   ? -2.890  -17.709 5.421   1.00 42.83 ? 352 HOH A O   1 
HETATM 1091 O  O   . HOH E 4 .   ? -1.697  -13.171 10.678  1.00 45.50 ? 353 HOH A O   1 
HETATM 1092 O  O   . HOH E 4 .   ? 9.428   6.287   -3.749  1.00 25.99 ? 354 HOH A O   1 
HETATM 1093 O  O   . HOH E 4 .   ? 1.720   -6.377  -11.935 1.00 24.10 ? 355 HOH A O   1 
HETATM 1094 O  O   . HOH E 4 .   ? 3.582   -3.912  -12.907 1.00 25.36 ? 356 HOH A O   1 
HETATM 1095 O  O   . HOH E 4 .   ? -11.750 -3.336  5.210   1.00 35.56 ? 357 HOH A O   1 
HETATM 1096 O  O   . HOH E 4 .   ? 9.206   8.737   -13.203 1.00 42.75 ? 358 HOH A O   1 
HETATM 1097 O  O   . HOH E 4 .   ? 13.521  -10.778 2.789   1.00 35.68 ? 359 HOH A O   1 
HETATM 1098 O  O   . HOH E 4 .   ? 11.768  14.122  0.287   1.00 47.88 ? 360 HOH A O   1 
HETATM 1099 O  O   . HOH E 4 .   ? 14.008  -12.843 4.455   1.00 41.95 ? 361 HOH A O   1 
HETATM 1100 O  O   . HOH E 4 .   ? 14.588  -7.511  3.547   1.00 45.82 ? 362 HOH A O   1 
HETATM 1101 O  O   . HOH E 4 .   ? -1.966  -9.661  15.418  1.00 57.64 ? 363 HOH A O   1 
HETATM 1102 O  O   . HOH E 4 .   ? 3.354   -6.677  -14.331 1.00 37.65 ? 364 HOH A O   1 
HETATM 1103 O  O   . HOH E 4 .   ? 12.802  8.185   6.661   1.00 43.54 ? 365 HOH A O   1 
HETATM 1104 O  O   . HOH E 4 .   ? 12.422  -18.934 -0.093  1.00 56.88 ? 366 HOH A O   1 
HETATM 1105 O  O   . HOH E 4 .   ? -13.643 15.236  -8.657  1.00 40.43 ? 367 HOH A O   1 
HETATM 1106 O  O   . HOH E 4 .   ? 7.908   8.844   -8.813  1.00 45.44 ? 368 HOH A O   1 
HETATM 1107 O  O   . HOH E 4 .   ? -9.493  -7.672  5.699   1.00 46.44 ? 369 HOH A O   1 
HETATM 1108 O  O   . HOH E 4 .   ? -13.870 12.921  -10.064 1.00 46.96 ? 370 HOH A O   1 
HETATM 1109 O  O   . HOH E 4 .   ? 16.124  10.773  7.289   1.00 42.52 ? 371 HOH A O   1 
HETATM 1110 O  O   . HOH E 4 .   ? 2.340   -4.368  -15.616 1.00 33.99 ? 372 HOH A O   1 
HETATM 1111 O  O   . HOH E 4 .   ? 9.890   3.829   -5.094  1.00 26.13 ? 373 HOH A O   1 
HETATM 1112 O  O   . HOH E 4 .   ? -11.143 7.961   -10.702 1.00 40.69 ? 374 HOH A O   1 
HETATM 1113 O  O   . HOH E 4 .   ? 0.649   -6.331  -14.777 1.00 40.64 ? 375 HOH A O   1 
HETATM 1114 O  O   . HOH E 4 .   ? -4.698  1.986   11.485  1.00 40.38 ? 376 HOH A O   1 
# 
